data_5CQ2
# 
_entry.id   5CQ2 
# 
_audit_conform.dict_name       mmcif_pdbx.dic 
_audit_conform.dict_version    5.399 
_audit_conform.dict_location   http://mmcif.pdb.org/dictionaries/ascii/mmcif_pdbx.dic 
# 
loop_
_database_2.database_id 
_database_2.database_code 
_database_2.pdbx_database_accession 
_database_2.pdbx_DOI 
PDB   5CQ2         pdb_00005cq2 10.2210/pdb5cq2/pdb 
WWPDB D_1000211852 ?            ?                   
# 
loop_
_pdbx_audit_revision_history.ordinal 
_pdbx_audit_revision_history.data_content_type 
_pdbx_audit_revision_history.major_revision 
_pdbx_audit_revision_history.minor_revision 
_pdbx_audit_revision_history.revision_date 
1 'Structure model' 1 0 2015-09-16 
2 'Structure model' 1 1 2015-10-14 
3 'Structure model' 1 2 2016-01-20 
4 'Structure model' 1 3 2023-09-27 
5 'Structure model' 1 4 2024-11-20 
# 
_pdbx_audit_revision_details.ordinal             1 
_pdbx_audit_revision_details.revision_ordinal    1 
_pdbx_audit_revision_details.data_content_type   'Structure model' 
_pdbx_audit_revision_details.provider            repository 
_pdbx_audit_revision_details.type                'Initial release' 
_pdbx_audit_revision_details.description         ? 
_pdbx_audit_revision_details.details             ? 
# 
loop_
_pdbx_audit_revision_group.ordinal 
_pdbx_audit_revision_group.revision_ordinal 
_pdbx_audit_revision_group.data_content_type 
_pdbx_audit_revision_group.group 
1 2 'Structure model' Other                    
2 3 'Structure model' 'Database references'    
3 4 'Structure model' 'Data collection'        
4 4 'Structure model' 'Database references'    
5 4 'Structure model' 'Derived calculations'   
6 4 'Structure model' 'Refinement description' 
7 5 'Structure model' 'Structure summary'      
# 
loop_
_pdbx_audit_revision_category.ordinal 
_pdbx_audit_revision_category.revision_ordinal 
_pdbx_audit_revision_category.data_content_type 
_pdbx_audit_revision_category.category 
1 4 'Structure model' chem_comp_atom                
2 4 'Structure model' chem_comp_bond                
3 4 'Structure model' citation                      
4 4 'Structure model' database_2                    
5 4 'Structure model' diffrn_radiation_wavelength   
6 4 'Structure model' pdbx_initial_refinement_model 
7 4 'Structure model' pdbx_struct_oper_list         
8 5 'Structure model' pdbx_entry_details            
9 5 'Structure model' pdbx_modification_feature     
# 
loop_
_pdbx_audit_revision_item.ordinal 
_pdbx_audit_revision_item.revision_ordinal 
_pdbx_audit_revision_item.data_content_type 
_pdbx_audit_revision_item.item 
1 4 'Structure model' '_citation.journal_id_CSD'                  
2 4 'Structure model' '_database_2.pdbx_DOI'                      
3 4 'Structure model' '_database_2.pdbx_database_accession'       
4 4 'Structure model' '_pdbx_struct_oper_list.symmetry_operation' 
# 
_pdbx_database_PDB_obs_spr.id               SPRSDE 
_pdbx_database_PDB_obs_spr.date             2015-10-14 
_pdbx_database_PDB_obs_spr.pdb_id           5CQ2 
_pdbx_database_PDB_obs_spr.replace_pdb_id   4ROH 
_pdbx_database_PDB_obs_spr.details          ? 
# 
_pdbx_database_status.status_code                     REL 
_pdbx_database_status.status_code_sf                  REL 
_pdbx_database_status.status_code_mr                  ? 
_pdbx_database_status.entry_id                        5CQ2 
_pdbx_database_status.recvd_initial_deposition_date   2015-07-21 
_pdbx_database_status.SG_entry                        Y 
_pdbx_database_status.deposit_site                    RCSB 
_pdbx_database_status.process_site                    RCSB 
_pdbx_database_status.status_code_cs                  ? 
_pdbx_database_status.methods_development_category    ? 
_pdbx_database_status.pdb_format_compatible           Y 
_pdbx_database_status.status_code_nmr_data            ? 
# 
loop_
_audit_author.name 
_audit_author.pdbx_ordinal 
'Liu, Y.'                              1 
'Tempel, W.'                           2 
'Bountra, C.'                          3 
'Arrowsmith, C.H.'                     4 
'Edwards, A.M.'                        5 
'Min, J.'                              6 
'Structural Genomics Consortium (SGC)' 7 
# 
_citation.abstract                  ? 
_citation.abstract_id_CAS           ? 
_citation.book_id_ISBN              ? 
_citation.book_publisher            ? 
_citation.book_publisher_city       ? 
_citation.book_title                ? 
_citation.coordinate_linkage        ? 
_citation.country                   UK 
_citation.database_id_Medline       ? 
_citation.details                   ? 
_citation.id                        primary 
_citation.journal_abbrev            Biochem.J. 
_citation.journal_id_ASTM           BIJOAK 
_citation.journal_id_CSD            0043 
_citation.journal_id_ISSN           1470-8728 
_citation.journal_full              ? 
_citation.journal_issue             ? 
_citation.journal_volume            473 
_citation.language                  ? 
_citation.page_first                179 
_citation.page_last                 187 
_citation.title                     
'Structural basis for the regulatory role of the PPxY motifs in the thioredoxin-interacting protein TXNIP.' 
_citation.year                      2016 
_citation.database_id_CSD           ? 
_citation.pdbx_database_id_DOI      10.1042/BJ20150830 
_citation.pdbx_database_id_PubMed   26527736 
_citation.unpublished_flag          ? 
# 
loop_
_citation_author.citation_id 
_citation_author.name 
_citation_author.ordinal 
_citation_author.identifier_ORCID 
primary 'Liu, Y.'    1 ? 
primary 'Lau, J.'    2 ? 
primary 'Li, W.'     3 ? 
primary 'Tempel, W.' 4 ? 
primary 'Li, L.'     5 ? 
primary 'Dong, A.'   6 ? 
primary 'Narula, A.' 7 ? 
primary 'Qin, S.'    8 ? 
primary 'Min, J.'    9 ? 
# 
loop_
_entity.id 
_entity.type 
_entity.src_method 
_entity.pdbx_description 
_entity.formula_weight 
_entity.pdbx_number_of_molecules 
_entity.pdbx_ec 
_entity.pdbx_mutation 
_entity.pdbx_fragment 
_entity.details 
1 polymer     man 'E3 ubiquitin-protein ligase Itchy homolog' 10412.411 1  6.3.2.- ? 'UNP residues 282-370' ? 
2 polymer     syn 'Thioredoxin-interacting protein'           1359.589  2  ?       ? 'UNP Residues 327-338' ? 
3 non-polymer syn 'UNKNOWN ATOM OR ION'                       ?         18 ?       ? ?                      ? 
4 water       nat water                                       18.015    55 ?       ? ?                      ? 
# 
loop_
_entity_name_com.entity_id 
_entity_name_com.name 
1 'Itch,Atrophin-1-interacting protein 4,AIP4,NFE2-associated polypeptide 1,NAPP1' 
2 'Thioredoxin-binding protein 2,Vitamin D3 up-regulated protein 1'                
# 
loop_
_entity_poly.entity_id 
_entity_poly.type 
_entity_poly.nstd_linkage 
_entity_poly.nstd_monomer 
_entity_poly.pdbx_seq_one_letter_code 
_entity_poly.pdbx_seq_one_letter_code_can 
_entity_poly.pdbx_strand_id 
_entity_poly.pdbx_target_identifier 
1 'polypeptide(L)' no no  
;GEFDPLGPLPPGWEKRTDSNGRVYFVNHNTRITQWEDPRSQGQLNEKPLPEGWEMRFTVDGIPYFVDHNRRTTTYIDPRT
GKSALDNGPQ
;
;GEFDPLGPLPPGWEKRTDSNGRVYFVNHNTRITQWEDPRSQGQLNEKPLPEGWEMRFTVDGIPYFVDHNRRTTTYIDPRT
GKSALDNGPQ
;
A   ? 
2 'polypeptide(L)' no yes '(ACE)TPEAPPCYMDVI(NH2)'                                                                      
XTPEAPPCYMDVIX                                                                                B,C ? 
# 
loop_
_pdbx_entity_nonpoly.entity_id 
_pdbx_entity_nonpoly.name 
_pdbx_entity_nonpoly.comp_id 
3 'UNKNOWN ATOM OR ION' UNX 
4 water                 HOH 
# 
loop_
_entity_poly_seq.entity_id 
_entity_poly_seq.num 
_entity_poly_seq.mon_id 
_entity_poly_seq.hetero 
1 1  GLY n 
1 2  GLU n 
1 3  PHE n 
1 4  ASP n 
1 5  PRO n 
1 6  LEU n 
1 7  GLY n 
1 8  PRO n 
1 9  LEU n 
1 10 PRO n 
1 11 PRO n 
1 12 GLY n 
1 13 TRP n 
1 14 GLU n 
1 15 LYS n 
1 16 ARG n 
1 17 THR n 
1 18 ASP n 
1 19 SER n 
1 20 ASN n 
1 21 GLY n 
1 22 ARG n 
1 23 VAL n 
1 24 TYR n 
1 25 PHE n 
1 26 VAL n 
1 27 ASN n 
1 28 HIS n 
1 29 ASN n 
1 30 THR n 
1 31 ARG n 
1 32 ILE n 
1 33 THR n 
1 34 GLN n 
1 35 TRP n 
1 36 GLU n 
1 37 ASP n 
1 38 PRO n 
1 39 ARG n 
1 40 SER n 
1 41 GLN n 
1 42 GLY n 
1 43 GLN n 
1 44 LEU n 
1 45 ASN n 
1 46 GLU n 
1 47 LYS n 
1 48 PRO n 
1 49 LEU n 
1 50 PRO n 
1 51 GLU n 
1 52 GLY n 
1 53 TRP n 
1 54 GLU n 
1 55 MET n 
1 56 ARG n 
1 57 PHE n 
1 58 THR n 
1 59 VAL n 
1 60 ASP n 
1 61 GLY n 
1 62 ILE n 
1 63 PRO n 
1 64 TYR n 
1 65 PHE n 
1 66 VAL n 
1 67 ASP n 
1 68 HIS n 
1 69 ASN n 
1 70 ARG n 
1 71 ARG n 
1 72 THR n 
1 73 THR n 
1 74 THR n 
1 75 TYR n 
1 76 ILE n 
1 77 ASP n 
1 78 PRO n 
1 79 ARG n 
1 80 THR n 
1 81 GLY n 
1 82 LYS n 
1 83 SER n 
1 84 ALA n 
1 85 LEU n 
1 86 ASP n 
1 87 ASN n 
1 88 GLY n 
1 89 PRO n 
1 90 GLN n 
2 1  ACE n 
2 2  THR n 
2 3  PRO n 
2 4  GLU n 
2 5  ALA n 
2 6  PRO n 
2 7  PRO n 
2 8  CYS n 
2 9  TYR n 
2 10 MET n 
2 11 ASP n 
2 12 VAL n 
2 13 ILE n 
2 14 NH2 n 
# 
_entity_src_gen.entity_id                          1 
_entity_src_gen.pdbx_src_id                        1 
_entity_src_gen.pdbx_alt_source_flag               sample 
_entity_src_gen.pdbx_seq_type                      'Biological sequence' 
_entity_src_gen.pdbx_beg_seq_num                   1 
_entity_src_gen.pdbx_end_seq_num                   90 
_entity_src_gen.gene_src_common_name               Human 
_entity_src_gen.gene_src_genus                     ? 
_entity_src_gen.pdbx_gene_src_gene                 ITCH 
_entity_src_gen.gene_src_species                   ? 
_entity_src_gen.gene_src_strain                    ? 
_entity_src_gen.gene_src_tissue                    ? 
_entity_src_gen.gene_src_tissue_fraction           ? 
_entity_src_gen.gene_src_details                   ? 
_entity_src_gen.pdbx_gene_src_fragment             ? 
_entity_src_gen.pdbx_gene_src_scientific_name      'Homo sapiens' 
_entity_src_gen.pdbx_gene_src_ncbi_taxonomy_id     9606 
_entity_src_gen.pdbx_gene_src_variant              ? 
_entity_src_gen.pdbx_gene_src_cell_line            ? 
_entity_src_gen.pdbx_gene_src_atcc                 ? 
_entity_src_gen.pdbx_gene_src_organ                ? 
_entity_src_gen.pdbx_gene_src_organelle            ? 
_entity_src_gen.pdbx_gene_src_cell                 ? 
_entity_src_gen.pdbx_gene_src_cellular_location    ? 
_entity_src_gen.host_org_common_name               ? 
_entity_src_gen.pdbx_host_org_scientific_name      'Escherichia coli' 
_entity_src_gen.pdbx_host_org_ncbi_taxonomy_id     469008 
_entity_src_gen.host_org_genus                     ? 
_entity_src_gen.pdbx_host_org_gene                 ? 
_entity_src_gen.pdbx_host_org_organ                ? 
_entity_src_gen.host_org_species                   ? 
_entity_src_gen.pdbx_host_org_tissue               ? 
_entity_src_gen.pdbx_host_org_tissue_fraction      ? 
_entity_src_gen.pdbx_host_org_strain               'BL21(DE3)-V2R-pRARE2' 
_entity_src_gen.pdbx_host_org_variant              ? 
_entity_src_gen.pdbx_host_org_cell_line            ? 
_entity_src_gen.pdbx_host_org_atcc                 ? 
_entity_src_gen.pdbx_host_org_culture_collection   ? 
_entity_src_gen.pdbx_host_org_cell                 ? 
_entity_src_gen.pdbx_host_org_organelle            ? 
_entity_src_gen.pdbx_host_org_cellular_location    ? 
_entity_src_gen.pdbx_host_org_vector_type          ? 
_entity_src_gen.pdbx_host_org_vector               ? 
_entity_src_gen.host_org_details                   ? 
_entity_src_gen.expression_system_id               ? 
_entity_src_gen.plasmid_name                       pET28-MHL 
_entity_src_gen.plasmid_details                    ? 
_entity_src_gen.pdbx_description                   ? 
# 
_pdbx_entity_src_syn.entity_id              2 
_pdbx_entity_src_syn.pdbx_src_id            1 
_pdbx_entity_src_syn.pdbx_alt_source_flag   sample 
_pdbx_entity_src_syn.pdbx_beg_seq_num       1 
_pdbx_entity_src_syn.pdbx_end_seq_num       14 
_pdbx_entity_src_syn.organism_scientific    'Homo sapiens' 
_pdbx_entity_src_syn.organism_common_name   Human 
_pdbx_entity_src_syn.ncbi_taxonomy_id       9606 
_pdbx_entity_src_syn.details                synthetic 
# 
loop_
_chem_comp.id 
_chem_comp.type 
_chem_comp.mon_nstd_flag 
_chem_comp.name 
_chem_comp.pdbx_synonyms 
_chem_comp.formula 
_chem_comp.formula_weight 
ACE non-polymer         . 'ACETYL GROUP'        ? 'C2 H4 O'        44.053  
ALA 'L-peptide linking' y ALANINE               ? 'C3 H7 N O2'     89.093  
ARG 'L-peptide linking' y ARGININE              ? 'C6 H15 N4 O2 1' 175.209 
ASN 'L-peptide linking' y ASPARAGINE            ? 'C4 H8 N2 O3'    132.118 
ASP 'L-peptide linking' y 'ASPARTIC ACID'       ? 'C4 H7 N O4'     133.103 
CYS 'L-peptide linking' y CYSTEINE              ? 'C3 H7 N O2 S'   121.158 
GLN 'L-peptide linking' y GLUTAMINE             ? 'C5 H10 N2 O3'   146.144 
GLU 'L-peptide linking' y 'GLUTAMIC ACID'       ? 'C5 H9 N O4'     147.129 
GLY 'peptide linking'   y GLYCINE               ? 'C2 H5 N O2'     75.067  
HIS 'L-peptide linking' y HISTIDINE             ? 'C6 H10 N3 O2 1' 156.162 
HOH non-polymer         . WATER                 ? 'H2 O'           18.015  
ILE 'L-peptide linking' y ISOLEUCINE            ? 'C6 H13 N O2'    131.173 
LEU 'L-peptide linking' y LEUCINE               ? 'C6 H13 N O2'    131.173 
LYS 'L-peptide linking' y LYSINE                ? 'C6 H15 N2 O2 1' 147.195 
MET 'L-peptide linking' y METHIONINE            ? 'C5 H11 N O2 S'  149.211 
NH2 non-polymer         . 'AMINO GROUP'         ? 'H2 N'           16.023  
PHE 'L-peptide linking' y PHENYLALANINE         ? 'C9 H11 N O2'    165.189 
PRO 'L-peptide linking' y PROLINE               ? 'C5 H9 N O2'     115.130 
SER 'L-peptide linking' y SERINE                ? 'C3 H7 N O3'     105.093 
THR 'L-peptide linking' y THREONINE             ? 'C4 H9 N O3'     119.119 
TRP 'L-peptide linking' y TRYPTOPHAN            ? 'C11 H12 N2 O2'  204.225 
TYR 'L-peptide linking' y TYROSINE              ? 'C9 H11 N O3'    181.189 
UNX non-polymer         . 'UNKNOWN ATOM OR ION' ? ?                ?       
VAL 'L-peptide linking' y VALINE                ? 'C5 H11 N O2'    117.146 
# 
loop_
_pdbx_poly_seq_scheme.asym_id 
_pdbx_poly_seq_scheme.entity_id 
_pdbx_poly_seq_scheme.seq_id 
_pdbx_poly_seq_scheme.mon_id 
_pdbx_poly_seq_scheme.ndb_seq_num 
_pdbx_poly_seq_scheme.pdb_seq_num 
_pdbx_poly_seq_scheme.auth_seq_num 
_pdbx_poly_seq_scheme.pdb_mon_id 
_pdbx_poly_seq_scheme.auth_mon_id 
_pdbx_poly_seq_scheme.pdb_strand_id 
_pdbx_poly_seq_scheme.pdb_ins_code 
_pdbx_poly_seq_scheme.hetero 
A 1 1  GLY 1  432 ?   ?   ?   A . n 
A 1 2  GLU 2  433 ?   ?   ?   A . n 
A 1 3  PHE 3  434 ?   ?   ?   A . n 
A 1 4  ASP 4  435 ?   ?   ?   A . n 
A 1 5  PRO 5  436 ?   ?   ?   A . n 
A 1 6  LEU 6  437 ?   ?   ?   A . n 
A 1 7  GLY 7  438 438 GLY GLY A . n 
A 1 8  PRO 8  439 439 PRO PRO A . n 
A 1 9  LEU 9  440 440 LEU LEU A . n 
A 1 10 PRO 10 441 441 PRO PRO A . n 
A 1 11 PRO 11 442 442 PRO PRO A . n 
A 1 12 GLY 12 443 443 GLY GLY A . n 
A 1 13 TRP 13 444 444 TRP TRP A . n 
A 1 14 GLU 14 445 445 GLU GLU A . n 
A 1 15 LYS 15 446 446 LYS LYS A . n 
A 1 16 ARG 16 447 447 ARG ARG A . n 
A 1 17 THR 17 448 448 THR THR A . n 
A 1 18 ASP 18 449 449 ASP ASP A . n 
A 1 19 SER 19 450 450 SER SER A . n 
A 1 20 ASN 20 451 451 ASN ASN A . n 
A 1 21 GLY 21 452 452 GLY GLY A . n 
A 1 22 ARG 22 453 453 ARG ARG A . n 
A 1 23 VAL 23 454 454 VAL VAL A . n 
A 1 24 TYR 24 455 455 TYR TYR A . n 
A 1 25 PHE 25 456 456 PHE PHE A . n 
A 1 26 VAL 26 457 457 VAL VAL A . n 
A 1 27 ASN 27 458 458 ASN ASN A . n 
A 1 28 HIS 28 459 459 HIS HIS A . n 
A 1 29 ASN 29 460 460 ASN ASN A . n 
A 1 30 THR 30 461 461 THR THR A . n 
A 1 31 ARG 31 462 462 ARG ARG A . n 
A 1 32 ILE 32 463 463 ILE ILE A . n 
A 1 33 THR 33 464 464 THR THR A . n 
A 1 34 GLN 34 465 465 GLN GLN A . n 
A 1 35 TRP 35 466 466 TRP TRP A . n 
A 1 36 GLU 36 467 467 GLU GLU A . n 
A 1 37 ASP 37 468 468 ASP ASP A . n 
A 1 38 PRO 38 469 469 PRO PRO A . n 
A 1 39 ARG 39 470 470 ARG ARG A . n 
A 1 40 SER 40 471 471 SER SER A . n 
A 1 41 GLN 41 472 472 GLN GLN A . n 
A 1 42 GLY 42 473 ?   ?   ?   A . n 
A 1 43 GLN 43 474 ?   ?   ?   A . n 
A 1 44 LEU 44 475 ?   ?   ?   A . n 
A 1 45 ASN 45 476 ?   ?   ?   A . n 
A 1 46 GLU 46 477 477 GLU GLU A . n 
A 1 47 LYS 47 478 478 LYS LYS A . n 
A 1 48 PRO 48 479 479 PRO PRO A . n 
A 1 49 LEU 49 480 480 LEU LEU A . n 
A 1 50 PRO 50 481 481 PRO PRO A . n 
A 1 51 GLU 51 482 482 GLU GLU A . n 
A 1 52 GLY 52 483 483 GLY GLY A . n 
A 1 53 TRP 53 484 484 TRP TRP A . n 
A 1 54 GLU 54 485 485 GLU GLU A . n 
A 1 55 MET 55 486 486 MET MET A . n 
A 1 56 ARG 56 487 487 ARG ARG A . n 
A 1 57 PHE 57 488 488 PHE PHE A . n 
A 1 58 THR 58 489 489 THR THR A . n 
A 1 59 VAL 59 490 490 VAL VAL A . n 
A 1 60 ASP 60 491 491 ASP ASP A . n 
A 1 61 GLY 61 492 492 GLY GLY A . n 
A 1 62 ILE 62 493 493 ILE ILE A . n 
A 1 63 PRO 63 494 494 PRO PRO A . n 
A 1 64 TYR 64 495 495 TYR TYR A . n 
A 1 65 PHE 65 496 496 PHE PHE A . n 
A 1 66 VAL 66 497 497 VAL VAL A . n 
A 1 67 ASP 67 498 498 ASP ASP A . n 
A 1 68 HIS 68 499 499 HIS HIS A . n 
A 1 69 ASN 69 500 500 ASN ASN A . n 
A 1 70 ARG 70 501 501 ARG ARG A . n 
A 1 71 ARG 71 502 502 ARG ARG A . n 
A 1 72 THR 72 503 503 THR THR A . n 
A 1 73 THR 73 504 504 THR THR A . n 
A 1 74 THR 74 505 505 THR THR A . n 
A 1 75 TYR 75 506 506 TYR TYR A . n 
A 1 76 ILE 76 507 507 ILE ILE A . n 
A 1 77 ASP 77 508 508 ASP ASP A . n 
A 1 78 PRO 78 509 509 PRO PRO A . n 
A 1 79 ARG 79 510 510 ARG ARG A . n 
A 1 80 THR 80 511 511 THR THR A . n 
A 1 81 GLY 81 512 512 GLY GLY A . n 
A 1 82 LYS 82 513 513 LYS LYS A . n 
A 1 83 SER 83 514 514 SER SER A . n 
A 1 84 ALA 84 515 515 ALA ALA A . n 
A 1 85 LEU 85 516 516 LEU LEU A . n 
A 1 86 ASP 86 517 517 ASP ASP A . n 
A 1 87 ASN 87 518 ?   ?   ?   A . n 
A 1 88 GLY 88 519 ?   ?   ?   A . n 
A 1 89 PRO 89 520 ?   ?   ?   A . n 
A 1 90 GLN 90 521 ?   ?   ?   A . n 
B 2 1  ACE 1  326 326 ACE ACE B . n 
B 2 2  THR 2  327 327 THR THR B . n 
B 2 3  PRO 3  328 328 PRO PRO B . n 
B 2 4  GLU 4  329 329 GLU GLU B . n 
B 2 5  ALA 5  330 330 ALA ALA B . n 
B 2 6  PRO 6  331 331 PRO PRO B . n 
B 2 7  PRO 7  332 332 PRO PRO B . n 
B 2 8  CYS 8  333 333 CYS CYS B . n 
B 2 9  TYR 9  334 334 TYR TYR B . n 
B 2 10 MET 10 335 335 MET MET B . n 
B 2 11 ASP 11 336 336 ASP ASP B . n 
B 2 12 VAL 12 337 337 VAL VAL B . n 
B 2 13 ILE 13 338 338 ILE ILE B . n 
B 2 14 NH2 14 339 339 NH2 NH2 B . n 
C 2 1  ACE 1  326 ?   ?   ?   C . n 
C 2 2  THR 2  327 327 THR THR C . n 
C 2 3  PRO 3  328 328 PRO PRO C . n 
C 2 4  GLU 4  329 329 GLU GLU C . n 
C 2 5  ALA 5  330 330 ALA ALA C . n 
C 2 6  PRO 6  331 331 PRO PRO C . n 
C 2 7  PRO 7  332 332 PRO PRO C . n 
C 2 8  CYS 8  333 333 CYS CYS C . n 
C 2 9  TYR 9  334 334 TYR TYR C . n 
C 2 10 MET 10 335 335 MET MET C . n 
C 2 11 ASP 11 336 336 ASP ASP C . n 
C 2 12 VAL 12 337 337 VAL VAL C . n 
C 2 13 ILE 13 338 338 ILE ILE C . n 
C 2 14 NH2 14 339 339 NH2 NH2 C . n 
# 
loop_
_pdbx_nonpoly_scheme.asym_id 
_pdbx_nonpoly_scheme.entity_id 
_pdbx_nonpoly_scheme.mon_id 
_pdbx_nonpoly_scheme.ndb_seq_num 
_pdbx_nonpoly_scheme.pdb_seq_num 
_pdbx_nonpoly_scheme.auth_seq_num 
_pdbx_nonpoly_scheme.pdb_mon_id 
_pdbx_nonpoly_scheme.auth_mon_id 
_pdbx_nonpoly_scheme.pdb_strand_id 
_pdbx_nonpoly_scheme.pdb_ins_code 
D 3 UNX 1  601 1  UNX UNX A . 
E 3 UNX 1  602 2  UNX UNX A . 
F 3 UNX 1  603 4  UNX UNX A . 
G 3 UNX 1  604 5  UNX UNX A . 
H 3 UNX 1  605 7  UNX UNX A . 
I 3 UNX 1  606 8  UNX UNX A . 
J 3 UNX 1  607 10 UNX UNX A . 
K 3 UNX 1  608 11 UNX UNX A . 
L 3 UNX 1  609 12 UNX UNX A . 
M 3 UNX 1  610 13 UNX UNX A . 
N 3 UNX 1  611 14 UNX UNX A . 
O 3 UNX 1  612 15 UNX UNX A . 
P 3 UNX 1  613 16 UNX UNX A . 
Q 3 UNX 1  614 17 UNX UNX A . 
R 3 UNX 1  615 18 UNX UNX A . 
S 3 UNX 1  401 9  UNX UNX B . 
T 3 UNX 1  401 3  UNX UNX C . 
U 3 UNX 1  402 6  UNX UNX C . 
V 4 HOH 1  701 66 HOH HOH A . 
V 4 HOH 2  702 43 HOH HOH A . 
V 4 HOH 3  703 27 HOH HOH A . 
V 4 HOH 4  704 35 HOH HOH A . 
V 4 HOH 5  705 59 HOH HOH A . 
V 4 HOH 6  706 67 HOH HOH A . 
V 4 HOH 7  707 44 HOH HOH A . 
V 4 HOH 8  708 49 HOH HOH A . 
V 4 HOH 9  709 9  HOH HOH A . 
V 4 HOH 10 710 6  HOH HOH A . 
V 4 HOH 11 711 22 HOH HOH A . 
V 4 HOH 12 712 7  HOH HOH A . 
V 4 HOH 13 713 24 HOH HOH A . 
V 4 HOH 14 714 36 HOH HOH A . 
V 4 HOH 15 715 74 HOH HOH A . 
V 4 HOH 16 716 20 HOH HOH A . 
V 4 HOH 17 717 47 HOH HOH A . 
V 4 HOH 18 718 8  HOH HOH A . 
V 4 HOH 19 719 21 HOH HOH A . 
V 4 HOH 20 720 69 HOH HOH A . 
V 4 HOH 21 721 2  HOH HOH A . 
V 4 HOH 22 722 13 HOH HOH A . 
V 4 HOH 23 723 17 HOH HOH A . 
V 4 HOH 24 724 48 HOH HOH A . 
V 4 HOH 25 725 15 HOH HOH A . 
V 4 HOH 26 726 60 HOH HOH A . 
V 4 HOH 27 727 3  HOH HOH A . 
V 4 HOH 28 728 14 HOH HOH A . 
V 4 HOH 29 729 12 HOH HOH A . 
V 4 HOH 30 730 64 HOH HOH A . 
V 4 HOH 31 731 11 HOH HOH A . 
V 4 HOH 32 732 68 HOH HOH A . 
V 4 HOH 33 733 52 HOH HOH A . 
V 4 HOH 34 734 30 HOH HOH A . 
V 4 HOH 35 735 46 HOH HOH A . 
V 4 HOH 36 736 58 HOH HOH A . 
V 4 HOH 37 737 4  HOH HOH A . 
V 4 HOH 38 738 81 HOH HOH A . 
V 4 HOH 39 739 63 HOH HOH A . 
V 4 HOH 40 740 40 HOH HOH A . 
V 4 HOH 41 741 76 HOH HOH A . 
V 4 HOH 42 742 33 HOH HOH A . 
V 4 HOH 43 743 80 HOH HOH A . 
V 4 HOH 44 744 75 HOH HOH A . 
W 4 HOH 1  501 10 HOH HOH B . 
W 4 HOH 2  502 53 HOH HOH B . 
W 4 HOH 3  503 72 HOH HOH B . 
W 4 HOH 4  504 39 HOH HOH B . 
W 4 HOH 5  505 19 HOH HOH B . 
W 4 HOH 6  506 23 HOH HOH B . 
W 4 HOH 7  507 54 HOH HOH B . 
W 4 HOH 8  508 71 HOH HOH B . 
X 4 HOH 1  501 26 HOH HOH C . 
X 4 HOH 2  502 77 HOH HOH C . 
X 4 HOH 3  503 28 HOH HOH C . 
# 
loop_
_pdbx_unobs_or_zero_occ_atoms.id 
_pdbx_unobs_or_zero_occ_atoms.PDB_model_num 
_pdbx_unobs_or_zero_occ_atoms.polymer_flag 
_pdbx_unobs_or_zero_occ_atoms.occupancy_flag 
_pdbx_unobs_or_zero_occ_atoms.auth_asym_id 
_pdbx_unobs_or_zero_occ_atoms.auth_comp_id 
_pdbx_unobs_or_zero_occ_atoms.auth_seq_id 
_pdbx_unobs_or_zero_occ_atoms.PDB_ins_code 
_pdbx_unobs_or_zero_occ_atoms.auth_atom_id 
_pdbx_unobs_or_zero_occ_atoms.label_alt_id 
_pdbx_unobs_or_zero_occ_atoms.label_asym_id 
_pdbx_unobs_or_zero_occ_atoms.label_comp_id 
_pdbx_unobs_or_zero_occ_atoms.label_seq_id 
_pdbx_unobs_or_zero_occ_atoms.label_atom_id 
1  1 Y 1 A LYS 446 ? NZ  ? A LYS 15 NZ  
2  1 Y 1 A SER 450 ? OG  ? A SER 19 OG  
3  1 Y 1 A ASN 451 ? CG  ? A ASN 20 CG  
4  1 Y 1 A ASN 451 ? OD1 ? A ASN 20 OD1 
5  1 Y 1 A ASN 451 ? ND2 ? A ASN 20 ND2 
6  1 Y 1 A ARG 453 ? NH1 ? A ARG 22 NH1 
7  1 Y 1 A ARG 453 ? NH2 ? A ARG 22 NH2 
8  1 Y 1 A GLU 467 ? OE1 ? A GLU 36 OE1 
9  1 Y 1 A GLU 467 ? OE2 ? A GLU 36 OE2 
10 1 Y 1 A GLN 472 ? C   ? A GLN 41 C   
11 1 Y 1 A GLN 472 ? O   ? A GLN 41 O   
12 1 Y 1 A GLN 472 ? CB  ? A GLN 41 CB  
13 1 Y 1 A GLN 472 ? CG  ? A GLN 41 CG  
14 1 Y 1 A GLN 472 ? CD  ? A GLN 41 CD  
15 1 Y 1 A GLN 472 ? OE1 ? A GLN 41 OE1 
16 1 Y 1 A GLN 472 ? NE2 ? A GLN 41 NE2 
17 1 Y 1 A GLU 477 ? N   ? A GLU 46 N   
18 1 Y 1 A GLU 477 ? CB  ? A GLU 46 CB  
19 1 Y 1 A GLU 477 ? CG  ? A GLU 46 CG  
20 1 Y 1 A GLU 477 ? CD  ? A GLU 46 CD  
21 1 Y 1 A GLU 477 ? OE1 ? A GLU 46 OE1 
22 1 Y 1 A GLU 477 ? OE2 ? A GLU 46 OE2 
23 1 Y 1 A LYS 513 ? CG  ? A LYS 82 CG  
24 1 Y 1 A LYS 513 ? CD  ? A LYS 82 CD  
25 1 Y 1 A LYS 513 ? CE  ? A LYS 82 CE  
26 1 Y 1 A LYS 513 ? NZ  ? A LYS 82 NZ  
27 1 Y 1 A ASP 517 ? OD1 ? A ASP 86 OD1 
28 1 Y 1 A ASP 517 ? OD2 ? A ASP 86 OD2 
29 1 Y 1 B VAL 337 ? CG1 ? B VAL 12 CG1 
30 1 Y 1 B VAL 337 ? CG2 ? B VAL 12 CG2 
31 1 Y 1 C THR 327 ? N   ? C THR 2  N   
32 1 Y 1 C THR 327 ? CB  ? C THR 2  CB  
33 1 Y 1 C THR 327 ? OG1 ? C THR 2  OG1 
34 1 Y 1 C THR 327 ? CG2 ? C THR 2  CG2 
# 
loop_
_software.citation_id 
_software.classification 
_software.compiler_name 
_software.compiler_version 
_software.contact_author 
_software.contact_author_email 
_software.date 
_software.description 
_software.dependencies 
_software.hardware 
_software.language 
_software.location 
_software.mods 
_software.name 
_software.os 
_software.os_version 
_software.type 
_software.version 
_software.pdbx_ordinal 
? refinement        ? ? ? ? ? ? ? ? ? ? ? REFMAC      ? ? ? 5.8.0124 1 
? 'data scaling'    ? ? ? ? ? ? ? ? ? ? ? Aimless     ? ? ? 0.5.12   2 
? 'data extraction' ? ? ? ? ? ? ? ? ? ? ? PDB_EXTRACT ? ? ? 3.20     3 
? 'data reduction'  ? ? ? ? ? ? ? ? ? ? ? XDS         ? ? ? .        4 
? phasing           ? ? ? ? ? ? ? ? ? ? ? PHASER      ? ? ? .        5 
# 
_cell.entry_id           5CQ2 
_cell.length_a           57.277 
_cell.length_b           62.260 
_cell.length_c           67.815 
_cell.angle_alpha        90.00 
_cell.angle_beta         90.00 
_cell.angle_gamma        90.00 
_cell.Z_PDB              16 
_cell.pdbx_unique_axis   ? 
# 
_symmetry.entry_id                         5CQ2 
_symmetry.space_group_name_H-M             'I 2 2 2' 
_symmetry.pdbx_full_space_group_name_H-M   ? 
_symmetry.cell_setting                     ? 
_symmetry.Int_Tables_number                23 
# 
_exptl.absorpt_coefficient_mu     ? 
_exptl.absorpt_correction_T_max   ? 
_exptl.absorpt_correction_T_min   ? 
_exptl.absorpt_correction_type    ? 
_exptl.absorpt_process_details    ? 
_exptl.entry_id                   5CQ2 
_exptl.crystals_number            1 
_exptl.details                    ? 
_exptl.method                     'X-RAY DIFFRACTION' 
_exptl.method_details             ? 
# 
_exptl_crystal.colour                      ? 
_exptl_crystal.density_diffrn              ? 
_exptl_crystal.density_Matthews            2.30 
_exptl_crystal.density_method              ? 
_exptl_crystal.density_percent_sol         46.57 
_exptl_crystal.description                 ? 
_exptl_crystal.F_000                       ? 
_exptl_crystal.id                          1 
_exptl_crystal.preparation                 ? 
_exptl_crystal.size_max                    ? 
_exptl_crystal.size_mid                    ? 
_exptl_crystal.size_min                    ? 
_exptl_crystal.size_rad                    ? 
_exptl_crystal.colour_lustre               ? 
_exptl_crystal.colour_modifier             ? 
_exptl_crystal.colour_primary              ? 
_exptl_crystal.density_meas                ? 
_exptl_crystal.density_meas_esd            ? 
_exptl_crystal.density_meas_gt             ? 
_exptl_crystal.density_meas_lt             ? 
_exptl_crystal.density_meas_temp           ? 
_exptl_crystal.density_meas_temp_esd       ? 
_exptl_crystal.density_meas_temp_gt        ? 
_exptl_crystal.density_meas_temp_lt        ? 
_exptl_crystal.pdbx_crystal_image_url      ? 
_exptl_crystal.pdbx_crystal_image_format   ? 
_exptl_crystal.pdbx_mosaicity              ? 
_exptl_crystal.pdbx_mosaicity_esd          ? 
# 
_exptl_crystal_grow.apparatus       ? 
_exptl_crystal_grow.atmosphere      ? 
_exptl_crystal_grow.crystal_id      1 
_exptl_crystal_grow.details         ? 
_exptl_crystal_grow.method          'VAPOR DIFFUSION' 
_exptl_crystal_grow.method_ref      ? 
_exptl_crystal_grow.pH              8.5 
_exptl_crystal_grow.pressure        ? 
_exptl_crystal_grow.pressure_esd    ? 
_exptl_crystal_grow.seeding         ? 
_exptl_crystal_grow.seeding_ref     ? 
_exptl_crystal_grow.temp            293 
_exptl_crystal_grow.temp_details    ? 
_exptl_crystal_grow.temp_esd        ? 
_exptl_crystal_grow.time            ? 
_exptl_crystal_grow.pdbx_details    '30% PEG4000, 0.2 M magnesium chloride, 0.1 M TRIS' 
_exptl_crystal_grow.pdbx_pH_range   ? 
# 
_diffrn.ambient_environment    ? 
_diffrn.ambient_temp           100 
_diffrn.ambient_temp_details   ? 
_diffrn.ambient_temp_esd       ? 
_diffrn.crystal_id             1 
_diffrn.crystal_support        ? 
_diffrn.crystal_treatment      ? 
_diffrn.details                ? 
_diffrn.id                     1 
_diffrn.ambient_pressure       ? 
_diffrn.ambient_pressure_esd   ? 
_diffrn.ambient_pressure_gt    ? 
_diffrn.ambient_pressure_lt    ? 
_diffrn.ambient_temp_gt        ? 
_diffrn.ambient_temp_lt        ? 
# 
_diffrn_detector.details                      ? 
_diffrn_detector.detector                     CCD 
_diffrn_detector.diffrn_id                    1 
_diffrn_detector.type                         'ADSC QUANTUM 315r' 
_diffrn_detector.area_resol_mean              ? 
_diffrn_detector.dtime                        ? 
_diffrn_detector.pdbx_frames_total            ? 
_diffrn_detector.pdbx_collection_time_total   ? 
_diffrn_detector.pdbx_collection_date         2013-06-19 
# 
_diffrn_radiation.collimation                      ? 
_diffrn_radiation.diffrn_id                        1 
_diffrn_radiation.filter_edge                      ? 
_diffrn_radiation.inhomogeneity                    ? 
_diffrn_radiation.monochromator                    ? 
_diffrn_radiation.polarisn_norm                    ? 
_diffrn_radiation.polarisn_ratio                   ? 
_diffrn_radiation.probe                            ? 
_diffrn_radiation.type                             ? 
_diffrn_radiation.xray_symbol                      ? 
_diffrn_radiation.wavelength_id                    1 
_diffrn_radiation.pdbx_monochromatic_or_laue_m_l   M 
_diffrn_radiation.pdbx_wavelength_list             ? 
_diffrn_radiation.pdbx_wavelength                  ? 
_diffrn_radiation.pdbx_diffrn_protocol             'SINGLE WAVELENGTH' 
_diffrn_radiation.pdbx_analyzer                    ? 
_diffrn_radiation.pdbx_scattering_type             x-ray 
# 
_diffrn_radiation_wavelength.id           1 
_diffrn_radiation_wavelength.wavelength   0.9791829 
_diffrn_radiation_wavelength.wt           1.0 
# 
_diffrn_source.current                     ? 
_diffrn_source.details                     ? 
_diffrn_source.diffrn_id                   1 
_diffrn_source.power                       ? 
_diffrn_source.size                        ? 
_diffrn_source.source                      SYNCHROTRON 
_diffrn_source.target                      ? 
_diffrn_source.type                        'APS BEAMLINE 19-ID' 
_diffrn_source.voltage                     ? 
_diffrn_source.take-off_angle              ? 
_diffrn_source.pdbx_wavelength_list        0.9791829 
_diffrn_source.pdbx_wavelength             ? 
_diffrn_source.pdbx_synchrotron_beamline   19-ID 
_diffrn_source.pdbx_synchrotron_site       APS 
# 
_reflns.B_iso_Wilson_estimate            ? 
_reflns.entry_id                         5CQ2 
_reflns.data_reduction_details           ? 
_reflns.data_reduction_method            ? 
_reflns.d_resolution_high                1.400 
_reflns.d_resolution_low                 45.860 
_reflns.details                          ? 
_reflns.limit_h_max                      ? 
_reflns.limit_h_min                      ? 
_reflns.limit_k_max                      ? 
_reflns.limit_k_min                      ? 
_reflns.limit_l_max                      ? 
_reflns.limit_l_min                      ? 
_reflns.number_all                       ? 
_reflns.number_obs                       24240 
_reflns.observed_criterion               ? 
_reflns.observed_criterion_F_max         ? 
_reflns.observed_criterion_F_min         ? 
_reflns.observed_criterion_I_max         ? 
_reflns.observed_criterion_I_min         ? 
_reflns.observed_criterion_sigma_F       ? 
_reflns.observed_criterion_sigma_I       ? 
_reflns.percent_possible_obs             99.900 
_reflns.R_free_details                   ? 
_reflns.Rmerge_F_all                     ? 
_reflns.Rmerge_F_obs                     ? 
_reflns.Friedel_coverage                 ? 
_reflns.number_gt                        ? 
_reflns.threshold_expression             ? 
_reflns.pdbx_redundancy                  7.100 
_reflns.pdbx_Rmerge_I_obs                0.043 
_reflns.pdbx_Rmerge_I_all                ? 
_reflns.pdbx_Rsym_value                  ? 
_reflns.pdbx_netI_over_av_sigmaI         ? 
_reflns.pdbx_netI_over_sigmaI            25.100 
_reflns.pdbx_res_netI_over_av_sigmaI_2   ? 
_reflns.pdbx_res_netI_over_sigmaI_2      ? 
_reflns.pdbx_chi_squared                 ? 
_reflns.pdbx_scaling_rejects             ? 
_reflns.pdbx_d_res_high_opt              ? 
_reflns.pdbx_d_res_low_opt               ? 
_reflns.pdbx_d_res_opt_method            ? 
_reflns.phase_calculation_details        ? 
_reflns.pdbx_Rrim_I_all                  0.046 
_reflns.pdbx_Rpim_I_all                  0.017 
_reflns.pdbx_d_opt                       ? 
_reflns.pdbx_number_measured_all         172053 
_reflns.pdbx_diffrn_id                   1 
_reflns.pdbx_ordinal                     1 
_reflns.pdbx_CC_half                     1.000 
_reflns.pdbx_R_split                     ? 
# 
loop_
_reflns_shell.d_res_high 
_reflns_shell.d_res_low 
_reflns_shell.meanI_over_sigI_all 
_reflns_shell.meanI_over_sigI_obs 
_reflns_shell.number_measured_all 
_reflns_shell.number_measured_obs 
_reflns_shell.number_possible 
_reflns_shell.number_unique_all 
_reflns_shell.number_unique_obs 
_reflns_shell.percent_possible_all 
_reflns_shell.percent_possible_obs 
_reflns_shell.Rmerge_F_all 
_reflns_shell.Rmerge_F_obs 
_reflns_shell.Rmerge_I_all 
_reflns_shell.Rmerge_I_obs 
_reflns_shell.meanI_over_sigI_gt 
_reflns_shell.meanI_over_uI_all 
_reflns_shell.meanI_over_uI_gt 
_reflns_shell.number_measured_gt 
_reflns_shell.number_unique_gt 
_reflns_shell.percent_possible_gt 
_reflns_shell.Rmerge_F_gt 
_reflns_shell.Rmerge_I_gt 
_reflns_shell.pdbx_redundancy 
_reflns_shell.pdbx_Rsym_value 
_reflns_shell.pdbx_chi_squared 
_reflns_shell.pdbx_netI_over_sigmaI_all 
_reflns_shell.pdbx_netI_over_sigmaI_obs 
_reflns_shell.pdbx_Rrim_I_all 
_reflns_shell.pdbx_Rpim_I_all 
_reflns_shell.pdbx_rejects 
_reflns_shell.pdbx_ordinal 
_reflns_shell.pdbx_diffrn_id 
_reflns_shell.pdbx_CC_half 
_reflns_shell.pdbx_R_split 
1.400 1.420  ? 2.000  7719 ? ? 1191 ? 100.000 ? ? ? ? 0.927 ? ? ? ? ? ? ? ? 6.500 ? ? ? ? 1.008 0.395 0 1 1 0.807 ? 
7.670 45.860 ? 67.300 818  ? ? 159  ? 90.200  ? ? ? ? 0.019 ? ? ? ? ? ? ? ? 5.100 ? ? ? ? 0.021 0.009 0 2 1 1.000 ? 
# 
_refine.pdbx_refine_id                           'X-RAY DIFFRACTION' 
_refine.entry_id                                 5CQ2 
_refine.pdbx_diffrn_id                           1 
_refine.pdbx_TLS_residual_ADP_flag               ? 
_refine.ls_number_reflns_obs                     23096 
_refine.ls_number_reflns_all                     ? 
_refine.pdbx_ls_sigma_I                          ? 
_refine.pdbx_ls_sigma_F                          ? 
_refine.pdbx_data_cutoff_high_absF               ? 
_refine.pdbx_data_cutoff_low_absF                ? 
_refine.pdbx_data_cutoff_high_rms_absF           ? 
_refine.ls_d_res_low                             45.86 
_refine.ls_d_res_high                            1.40 
_refine.ls_percent_reflns_obs                    99.87 
_refine.ls_R_factor_obs                          0.15479 
_refine.ls_R_factor_all                          ? 
_refine.ls_R_factor_R_work                       0.15336 
_refine.ls_R_factor_R_free                       0.18374 
_refine.ls_R_factor_R_free_error                 ? 
_refine.ls_R_factor_R_free_error_details         ? 
_refine.ls_percent_reflns_R_free                 4.7 
_refine.ls_number_reflns_R_free                  1144 
_refine.ls_number_parameters                     ? 
_refine.ls_number_restraints                     ? 
_refine.occupancy_min                            ? 
_refine.occupancy_max                            ? 
_refine.correlation_coeff_Fo_to_Fc               0.970 
_refine.correlation_coeff_Fo_to_Fc_free          0.960 
_refine.B_iso_mean                               24.151 
_refine.aniso_B[1][1]                            -0.91 
_refine.aniso_B[2][2]                            1.59 
_refine.aniso_B[3][3]                            -0.68 
_refine.aniso_B[1][2]                            -0.00 
_refine.aniso_B[1][3]                            -0.00 
_refine.aniso_B[2][3]                            -0.00 
_refine.solvent_model_details                    MASK 
_refine.solvent_model_param_ksol                 ? 
_refine.solvent_model_param_bsol                 ? 
_refine.pdbx_solvent_vdw_probe_radii             1.20 
_refine.pdbx_solvent_ion_probe_radii             0.80 
_refine.pdbx_solvent_shrinkage_radii             0.80 
_refine.pdbx_ls_cross_valid_method               THROUGHOUT 
_refine.details                                  'HYDROGENS HAVE BEEN ADDED IN THE RIDING POSITIONS' 
_refine.pdbx_starting_model                      4RRE 
_refine.pdbx_method_to_determine_struct          'MOLECULAR REPLACEMENT' 
_refine.pdbx_isotropic_thermal_model             ? 
_refine.pdbx_stereochemistry_target_values       'MAXIMUM LIKELIHOOD' 
_refine.pdbx_stereochem_target_val_spec_case     ? 
_refine.pdbx_R_Free_selection_details            RANDOM 
_refine.pdbx_overall_ESU_R                       0.053 
_refine.pdbx_overall_ESU_R_Free                  0.051 
_refine.overall_SU_ML                            0.038 
_refine.pdbx_overall_phase_error                 ? 
_refine.overall_SU_B                             2.233 
_refine.overall_SU_R_Cruickshank_DPI             ? 
_refine.pdbx_overall_SU_R_free_Cruickshank_DPI   ? 
_refine.pdbx_overall_SU_R_Blow_DPI               ? 
_refine.pdbx_overall_SU_R_free_Blow_DPI          ? 
# 
_refine_hist.pdbx_refine_id                   'X-RAY DIFFRACTION' 
_refine_hist.cycle_id                         LAST 
_refine_hist.pdbx_number_atoms_protein        785 
_refine_hist.pdbx_number_atoms_nucleic_acid   0 
_refine_hist.pdbx_number_atoms_ligand         18 
_refine_hist.number_atoms_solvent             55 
_refine_hist.number_atoms_total               858 
_refine_hist.d_res_high                       1.40 
_refine_hist.d_res_low                        45.86 
# 
loop_
_refine_ls_restr.type 
_refine_ls_restr.dev_ideal 
_refine_ls_restr.dev_ideal_target 
_refine_ls_restr.weight 
_refine_ls_restr.number 
_refine_ls_restr.pdbx_refine_id 
_refine_ls_restr.pdbx_restraint_function 
r_bond_refined_d             0.020  0.020  ? 842  'X-RAY DIFFRACTION' ? 
r_bond_other_d               0.003  0.020  ? 744  'X-RAY DIFFRACTION' ? 
r_angle_refined_deg          1.767  1.970  ? 1155 'X-RAY DIFFRACTION' ? 
r_angle_other_deg            1.079  3.000  ? 1735 'X-RAY DIFFRACTION' ? 
r_dihedral_angle_1_deg       5.573  5.000  ? 106  'X-RAY DIFFRACTION' ? 
r_dihedral_angle_2_deg       24.810 22.500 ? 36   'X-RAY DIFFRACTION' ? 
r_dihedral_angle_3_deg       8.962  15.000 ? 125  'X-RAY DIFFRACTION' ? 
r_dihedral_angle_4_deg       11.017 15.000 ? 8    'X-RAY DIFFRACTION' ? 
r_chiral_restr               0.124  0.200  ? 119  'X-RAY DIFFRACTION' ? 
r_gen_planes_refined         0.009  0.022  ? 944  'X-RAY DIFFRACTION' ? 
r_gen_planes_other           0.002  0.020  ? 188  'X-RAY DIFFRACTION' ? 
r_nbd_refined                ?      ?      ? ?    'X-RAY DIFFRACTION' ? 
r_nbd_other                  ?      ?      ? ?    'X-RAY DIFFRACTION' ? 
r_nbtor_refined              ?      ?      ? ?    'X-RAY DIFFRACTION' ? 
r_nbtor_other                ?      ?      ? ?    'X-RAY DIFFRACTION' ? 
r_xyhbond_nbd_refined        ?      ?      ? ?    'X-RAY DIFFRACTION' ? 
r_xyhbond_nbd_other          ?      ?      ? ?    'X-RAY DIFFRACTION' ? 
r_metal_ion_refined          ?      ?      ? ?    'X-RAY DIFFRACTION' ? 
r_metal_ion_other            ?      ?      ? ?    'X-RAY DIFFRACTION' ? 
r_symmetry_vdw_refined       ?      ?      ? ?    'X-RAY DIFFRACTION' ? 
r_symmetry_vdw_other         ?      ?      ? ?    'X-RAY DIFFRACTION' ? 
r_symmetry_hbond_refined     ?      ?      ? ?    'X-RAY DIFFRACTION' ? 
r_symmetry_hbond_other       ?      ?      ? ?    'X-RAY DIFFRACTION' ? 
r_symmetry_metal_ion_refined ?      ?      ? ?    'X-RAY DIFFRACTION' ? 
r_symmetry_metal_ion_other   ?      ?      ? ?    'X-RAY DIFFRACTION' ? 
r_mcbond_it                  3.532  2.383  ? 406  'X-RAY DIFFRACTION' ? 
r_mcbond_other               3.522  2.374  ? 404  'X-RAY DIFFRACTION' ? 
r_mcangle_it                 4.756  3.557  ? 505  'X-RAY DIFFRACTION' ? 
r_mcangle_other              4.750  3.553  ? 505  'X-RAY DIFFRACTION' ? 
r_scbond_it                  3.095  2.406  ? 434  'X-RAY DIFFRACTION' ? 
r_scbond_other               3.092  2.408  ? 435  'X-RAY DIFFRACTION' ? 
r_scangle_it                 ?      ?      ? ?    'X-RAY DIFFRACTION' ? 
r_scangle_other              4.009  3.520  ? 646  'X-RAY DIFFRACTION' ? 
r_long_range_B_refined       4.928  18.351 ? 953  'X-RAY DIFFRACTION' ? 
r_long_range_B_other         4.909  18.135 ? 933  'X-RAY DIFFRACTION' ? 
r_rigid_bond_restr           2.340  3.000  ? 1582 'X-RAY DIFFRACTION' ? 
r_sphericity_free            33.173 5.000  ? 24   'X-RAY DIFFRACTION' ? 
r_sphericity_bonded          13.914 5.000  ? 1600 'X-RAY DIFFRACTION' ? 
# 
_refine_ls_shell.pdbx_refine_id                   'X-RAY DIFFRACTION' 
_refine_ls_shell.pdbx_total_number_of_bins_used   20 
_refine_ls_shell.d_res_high                       1.400 
_refine_ls_shell.d_res_low                        1.436 
_refine_ls_shell.number_reflns_R_work             1684 
_refine_ls_shell.R_factor_R_work                  0.234 
_refine_ls_shell.percent_reflns_obs               100.00 
_refine_ls_shell.R_factor_R_free                  0.218 
_refine_ls_shell.R_factor_R_free_error            ? 
_refine_ls_shell.percent_reflns_R_free            ? 
_refine_ls_shell.number_reflns_R_free             96 
_refine_ls_shell.number_reflns_all                ? 
_refine_ls_shell.R_factor_all                     ? 
_refine_ls_shell.R_factor_obs                     ? 
_refine_ls_shell.number_reflns_obs                ? 
# 
_struct.entry_id                     5CQ2 
_struct.title                        'Crystal Structure of tandem WW domains of ITCH in complex with TXNIP peptide' 
_struct.pdbx_model_details           ? 
_struct.pdbx_formula_weight          ? 
_struct.pdbx_formula_weight_method   ? 
_struct.pdbx_model_type_details      ? 
_struct.pdbx_CASP_flag               ? 
# 
_struct_keywords.entry_id        5CQ2 
_struct_keywords.text            'structural genomics, Structural Genomics Consortium, SGC, LIGASE' 
_struct_keywords.pdbx_keywords   LIGASE 
# 
loop_
_struct_asym.id 
_struct_asym.pdbx_blank_PDB_chainid_flag 
_struct_asym.pdbx_modified 
_struct_asym.entity_id 
_struct_asym.details 
A N N 1 ? 
B N N 2 ? 
C N N 2 ? 
D N N 3 ? 
E N N 3 ? 
F N N 3 ? 
G N N 3 ? 
H N N 3 ? 
I N N 3 ? 
J N N 3 ? 
K N N 3 ? 
L N N 3 ? 
M N N 3 ? 
N N N 3 ? 
O N N 3 ? 
P N N 3 ? 
Q N N 3 ? 
R N N 3 ? 
S N N 3 ? 
T N N 3 ? 
U N N 3 ? 
V N N 4 ? 
W N N 4 ? 
X N N 4 ? 
# 
loop_
_struct_ref.db_code 
_struct_ref.db_name 
_struct_ref.details 
_struct_ref.entity_id 
_struct_ref.id 
_struct_ref.seq_align 
_struct_ref.seq_dif 
_struct_ref.pdbx_db_accession 
_struct_ref.pdbx_db_isoform 
_struct_ref.pdbx_seq_one_letter_code 
_struct_ref.pdbx_align_begin 
_struct_ref.pdbx_align_end 
ITCH_HUMAN  UNP ? 1 1 ? ? Q96J02 Q96J02-3 
;EFDPLGPLPPGWEKRTDSNGRVYFVNHNTRITQWEDPRSQGQLNEKPLPEGWEMRFTVDGIPYFVDHNRRTTTYIDPRTG
KSALDNGPQ
;
282 ? 
TXNIP_HUMAN UNP ? 2 2 ? ? Q9H3M7 ?        TPEAPPCYMDVI 327 ? 
# 
loop_
_struct_ref_seq.align_id 
_struct_ref_seq.ref_id 
_struct_ref_seq.pdbx_PDB_id_code 
_struct_ref_seq.pdbx_strand_id 
_struct_ref_seq.seq_align_beg 
_struct_ref_seq.pdbx_seq_align_beg_ins_code 
_struct_ref_seq.seq_align_end 
_struct_ref_seq.pdbx_seq_align_end_ins_code 
_struct_ref_seq.pdbx_db_accession 
_struct_ref_seq.db_align_beg 
_struct_ref_seq.pdbx_db_align_beg_ins_code 
_struct_ref_seq.db_align_end 
_struct_ref_seq.pdbx_db_align_end_ins_code 
_struct_ref_seq.pdbx_auth_seq_align_beg 
_struct_ref_seq.pdbx_auth_seq_align_end 
1 1 5CQ2 A 2 ? 90 ? Q96J02 282 ? 370 ? 433 521 
2 2 5CQ2 B 2 ? 13 ? Q9H3M7 327 ? 338 ? 327 338 
3 2 5CQ2 C 2 ? 13 ? Q9H3M7 327 ? 338 ? 327 338 
# 
loop_
_struct_ref_seq_dif.align_id 
_struct_ref_seq_dif.pdbx_pdb_id_code 
_struct_ref_seq_dif.mon_id 
_struct_ref_seq_dif.pdbx_pdb_strand_id 
_struct_ref_seq_dif.seq_num 
_struct_ref_seq_dif.pdbx_pdb_ins_code 
_struct_ref_seq_dif.pdbx_seq_db_name 
_struct_ref_seq_dif.pdbx_seq_db_accession_code 
_struct_ref_seq_dif.db_mon_id 
_struct_ref_seq_dif.pdbx_seq_db_seq_num 
_struct_ref_seq_dif.details 
_struct_ref_seq_dif.pdbx_auth_seq_num 
_struct_ref_seq_dif.pdbx_ordinal 
1 5CQ2 GLY A 1  ? UNP Q96J02 ? ? 'expression tag' 432 1 
2 5CQ2 ACE B 1  ? UNP Q9H3M7 ? ? acetylation      326 2 
2 5CQ2 NH2 B 14 ? UNP Q9H3M7 ? ? amidation        339 3 
3 5CQ2 ACE C 1  ? UNP Q9H3M7 ? ? acetylation      326 4 
3 5CQ2 NH2 C 14 ? UNP Q9H3M7 ? ? amidation        339 5 
# 
_pdbx_struct_assembly.id                   1 
_pdbx_struct_assembly.details              software_defined_assembly 
_pdbx_struct_assembly.method_details       PISA 
_pdbx_struct_assembly.oligomeric_details   dodecameric 
_pdbx_struct_assembly.oligomeric_count     12 
# 
loop_
_pdbx_struct_assembly_prop.biol_id 
_pdbx_struct_assembly_prop.type 
_pdbx_struct_assembly_prop.value 
_pdbx_struct_assembly_prop.details 
1 'ABSA (A^2)' 17330 ? 
1 MORE         -99   ? 
1 'SSA (A^2)'  20650 ? 
# 
_pdbx_struct_assembly_gen.assembly_id       1 
_pdbx_struct_assembly_gen.oper_expression   1,2,3,4 
_pdbx_struct_assembly_gen.asym_id_list      A,B,C,D,E,F,G,H,I,J,K,L,M,N,O,P,Q,R,S,T,U,V,W,X 
# 
loop_
_pdbx_struct_oper_list.id 
_pdbx_struct_oper_list.type 
_pdbx_struct_oper_list.name 
_pdbx_struct_oper_list.symmetry_operation 
_pdbx_struct_oper_list.matrix[1][1] 
_pdbx_struct_oper_list.matrix[1][2] 
_pdbx_struct_oper_list.matrix[1][3] 
_pdbx_struct_oper_list.vector[1] 
_pdbx_struct_oper_list.matrix[2][1] 
_pdbx_struct_oper_list.matrix[2][2] 
_pdbx_struct_oper_list.matrix[2][3] 
_pdbx_struct_oper_list.vector[2] 
_pdbx_struct_oper_list.matrix[3][1] 
_pdbx_struct_oper_list.matrix[3][2] 
_pdbx_struct_oper_list.matrix[3][3] 
_pdbx_struct_oper_list.vector[3] 
1 'identity operation'         1_555 x,y,z     1.0000000000  0.0000000000  0.0000000000  0.0000000000   0.0000000000  1.0000000000  0.0000000000  0.0000000000   0.0000000000  0.0000000000  1.0000000000  0.0000000000  
2 'crystal symmetry operation' 2_565 -x,-y+1,z 0.3646397678  0.5226454817  -0.7706358026 8.2846473547   0.5226454817  -0.7998312038 -0.2951469903 -4.4540963518  -0.7706358026 -0.2951469903 -0.5648085640 11.6496610704 
3 'crystal symmetry operation' 3_555 -x,y,-z   -0.7796601950 -0.6252850174 -0.0338914035 -14.3453182366 -0.6252850174 0.7744472140  0.0961777506  -6.3322008350  -0.0338914035 0.0961777506  -0.9947870189 23.5630751722 
4 'crystal symmetry operation' 4_565 x,-y+1,-z -0.5849795727 0.1026395357  0.8045272060  -18.4142716576 0.1026395357  -0.9746160102 0.1989692397  -13.8414910146 0.8045272060  0.1989692397  0.5595955829  11.2649802704 
# 
_struct_biol.details                      
'As per the authors the biologically relevant macromolecular assembly is not applicable to this protein fragment' 
_struct_biol.id                           1 
_struct_biol.pdbx_aggregation_state       ? 
_struct_biol.pdbx_assembly_method         ? 
_struct_biol.pdbx_formula_weight          ? 
_struct_biol.pdbx_formula_weight_method   ? 
_struct_biol.pdbx_parent_biol_id          ? 
# 
loop_
_struct_conf.conf_type_id 
_struct_conf.id 
_struct_conf.pdbx_PDB_helix_id 
_struct_conf.beg_label_comp_id 
_struct_conf.beg_label_asym_id 
_struct_conf.beg_label_seq_id 
_struct_conf.pdbx_beg_PDB_ins_code 
_struct_conf.end_label_comp_id 
_struct_conf.end_label_asym_id 
_struct_conf.end_label_seq_id 
_struct_conf.pdbx_end_PDB_ins_code 
_struct_conf.beg_auth_comp_id 
_struct_conf.beg_auth_asym_id 
_struct_conf.beg_auth_seq_id 
_struct_conf.end_auth_comp_id 
_struct_conf.end_auth_asym_id 
_struct_conf.end_auth_seq_id 
_struct_conf.pdbx_PDB_helix_class 
_struct_conf.details 
_struct_conf.pdbx_PDB_helix_length 
HELX_P HELX_P1 AA1 CYS B 8 ? ILE B 13 ? CYS B 333 ILE B 338 1 ? 6 
HELX_P HELX_P2 AA2 CYS C 8 ? ILE C 13 ? CYS C 333 ILE C 338 1 ? 6 
# 
_struct_conf_type.id          HELX_P 
_struct_conf_type.criteria    ? 
_struct_conf_type.reference   ? 
# 
loop_
_struct_conn.id 
_struct_conn.conn_type_id 
_struct_conn.pdbx_leaving_atom_flag 
_struct_conn.pdbx_PDB_id 
_struct_conn.ptnr1_label_asym_id 
_struct_conn.ptnr1_label_comp_id 
_struct_conn.ptnr1_label_seq_id 
_struct_conn.ptnr1_label_atom_id 
_struct_conn.pdbx_ptnr1_label_alt_id 
_struct_conn.pdbx_ptnr1_PDB_ins_code 
_struct_conn.pdbx_ptnr1_standard_comp_id 
_struct_conn.ptnr1_symmetry 
_struct_conn.ptnr2_label_asym_id 
_struct_conn.ptnr2_label_comp_id 
_struct_conn.ptnr2_label_seq_id 
_struct_conn.ptnr2_label_atom_id 
_struct_conn.pdbx_ptnr2_label_alt_id 
_struct_conn.pdbx_ptnr2_PDB_ins_code 
_struct_conn.ptnr1_auth_asym_id 
_struct_conn.ptnr1_auth_comp_id 
_struct_conn.ptnr1_auth_seq_id 
_struct_conn.ptnr2_auth_asym_id 
_struct_conn.ptnr2_auth_comp_id 
_struct_conn.ptnr2_auth_seq_id 
_struct_conn.ptnr2_symmetry 
_struct_conn.pdbx_ptnr3_label_atom_id 
_struct_conn.pdbx_ptnr3_label_seq_id 
_struct_conn.pdbx_ptnr3_label_comp_id 
_struct_conn.pdbx_ptnr3_label_asym_id 
_struct_conn.pdbx_ptnr3_label_alt_id 
_struct_conn.pdbx_ptnr3_PDB_ins_code 
_struct_conn.details 
_struct_conn.pdbx_dist_value 
_struct_conn.pdbx_value_order 
_struct_conn.pdbx_role 
disulf1 disulf ?    ? B CYS 8  SG A ? ? 1_555 C CYS 8  SG A ? B CYS 333 C CYS 333 2_565 ? ? ? ? ? ? ? 2.030 ? ? 
disulf2 disulf ?    ? B CYS 8  SG B ? ? 1_555 C CYS 8  SG B ? B CYS 333 C CYS 333 2_565 ? ? ? ? ? ? ? 1.995 ? ? 
covale1 covale both ? B ACE 1  C  ? ? ? 1_555 B THR 2  N  ? ? B ACE 326 B THR 327 1_555 ? ? ? ? ? ? ? 1.377 ? ? 
covale2 covale both ? B ILE 13 C  ? ? ? 1_555 B NH2 14 N  ? ? B ILE 338 B NH2 339 1_555 ? ? ? ? ? ? ? 1.330 ? ? 
covale3 covale both ? C ILE 13 C  ? ? ? 1_555 C NH2 14 N  ? ? C ILE 338 C NH2 339 1_555 ? ? ? ? ? ? ? 1.354 ? ? 
# 
loop_
_struct_conn_type.id 
_struct_conn_type.criteria 
_struct_conn_type.reference 
disulf ? ? 
covale ? ? 
# 
loop_
_pdbx_modification_feature.ordinal 
_pdbx_modification_feature.label_comp_id 
_pdbx_modification_feature.label_asym_id 
_pdbx_modification_feature.label_seq_id 
_pdbx_modification_feature.label_alt_id 
_pdbx_modification_feature.modified_residue_label_comp_id 
_pdbx_modification_feature.modified_residue_label_asym_id 
_pdbx_modification_feature.modified_residue_label_seq_id 
_pdbx_modification_feature.modified_residue_label_alt_id 
_pdbx_modification_feature.auth_comp_id 
_pdbx_modification_feature.auth_asym_id 
_pdbx_modification_feature.auth_seq_id 
_pdbx_modification_feature.PDB_ins_code 
_pdbx_modification_feature.symmetry 
_pdbx_modification_feature.modified_residue_auth_comp_id 
_pdbx_modification_feature.modified_residue_auth_asym_id 
_pdbx_modification_feature.modified_residue_auth_seq_id 
_pdbx_modification_feature.modified_residue_PDB_ins_code 
_pdbx_modification_feature.modified_residue_symmetry 
_pdbx_modification_feature.comp_id_linking_atom 
_pdbx_modification_feature.modified_residue_id_linking_atom 
_pdbx_modification_feature.modified_residue_id 
_pdbx_modification_feature.ref_pcm_id 
_pdbx_modification_feature.ref_comp_id 
_pdbx_modification_feature.type 
_pdbx_modification_feature.category 
1 ACE B 1  ? THR B 2  ? ACE B 326 ? 1_555 THR B 327 ? 1_555 .  .  THR 7 ACE None 'Terminal acetylation' 
2 NH2 B 14 ? ILE B 13 ? NH2 B 339 ? 1_555 ILE B 338 ? 1_555 .  .  ILE 3 NH2 None 'Terminal amidation'   
3 NH2 C 14 ? ILE C 13 ? NH2 C 339 ? 1_555 ILE C 338 ? 1_555 .  .  ILE 3 NH2 None 'Terminal amidation'   
4 CYS B 8  A CYS C 8  A CYS B 333 ? 1_555 CYS C 333 ? 2_565 SG SG .   . .   None 'Disulfide bridge'     
5 CYS B 8  B CYS C 8  B CYS B 333 ? 1_555 CYS C 333 ? 2_565 SG SG .   . .   None 'Disulfide bridge'     
# 
loop_
_struct_sheet.id 
_struct_sheet.type 
_struct_sheet.number_strands 
_struct_sheet.details 
AA1 ? 3 ? 
AA2 ? 3 ? 
# 
loop_
_struct_sheet_order.sheet_id 
_struct_sheet_order.range_id_1 
_struct_sheet_order.range_id_2 
_struct_sheet_order.offset 
_struct_sheet_order.sense 
AA1 1 2 ? anti-parallel 
AA1 2 3 ? anti-parallel 
AA2 1 2 ? anti-parallel 
AA2 2 3 ? anti-parallel 
# 
loop_
_struct_sheet_range.sheet_id 
_struct_sheet_range.id 
_struct_sheet_range.beg_label_comp_id 
_struct_sheet_range.beg_label_asym_id 
_struct_sheet_range.beg_label_seq_id 
_struct_sheet_range.pdbx_beg_PDB_ins_code 
_struct_sheet_range.end_label_comp_id 
_struct_sheet_range.end_label_asym_id 
_struct_sheet_range.end_label_seq_id 
_struct_sheet_range.pdbx_end_PDB_ins_code 
_struct_sheet_range.beg_auth_comp_id 
_struct_sheet_range.beg_auth_asym_id 
_struct_sheet_range.beg_auth_seq_id 
_struct_sheet_range.end_auth_comp_id 
_struct_sheet_range.end_auth_asym_id 
_struct_sheet_range.end_auth_seq_id 
AA1 1 TRP A 13 ? THR A 17 ? TRP A 444 THR A 448 
AA1 2 VAL A 23 ? ASN A 27 ? VAL A 454 ASN A 458 
AA1 3 ILE A 32 ? GLN A 34 ? ILE A 463 GLN A 465 
AA2 1 TRP A 53 ? PHE A 57 ? TRP A 484 PHE A 488 
AA2 2 PRO A 63 ? ASP A 67 ? PRO A 494 ASP A 498 
AA2 3 THR A 72 ? THR A 74 ? THR A 503 THR A 505 
# 
loop_
_pdbx_struct_sheet_hbond.sheet_id 
_pdbx_struct_sheet_hbond.range_id_1 
_pdbx_struct_sheet_hbond.range_id_2 
_pdbx_struct_sheet_hbond.range_1_label_atom_id 
_pdbx_struct_sheet_hbond.range_1_label_comp_id 
_pdbx_struct_sheet_hbond.range_1_label_asym_id 
_pdbx_struct_sheet_hbond.range_1_label_seq_id 
_pdbx_struct_sheet_hbond.range_1_PDB_ins_code 
_pdbx_struct_sheet_hbond.range_1_auth_atom_id 
_pdbx_struct_sheet_hbond.range_1_auth_comp_id 
_pdbx_struct_sheet_hbond.range_1_auth_asym_id 
_pdbx_struct_sheet_hbond.range_1_auth_seq_id 
_pdbx_struct_sheet_hbond.range_2_label_atom_id 
_pdbx_struct_sheet_hbond.range_2_label_comp_id 
_pdbx_struct_sheet_hbond.range_2_label_asym_id 
_pdbx_struct_sheet_hbond.range_2_label_seq_id 
_pdbx_struct_sheet_hbond.range_2_PDB_ins_code 
_pdbx_struct_sheet_hbond.range_2_auth_atom_id 
_pdbx_struct_sheet_hbond.range_2_auth_comp_id 
_pdbx_struct_sheet_hbond.range_2_auth_asym_id 
_pdbx_struct_sheet_hbond.range_2_auth_seq_id 
AA1 1 2 N GLU A 14 ? N GLU A 445 O VAL A 26 ? O VAL A 457 
AA1 2 3 N PHE A 25 ? N PHE A 456 O GLN A 34 ? O GLN A 465 
AA2 1 2 N GLU A 54 ? N GLU A 485 O VAL A 66 ? O VAL A 497 
AA2 2 3 N PHE A 65 ? N PHE A 496 O THR A 74 ? O THR A 505 
# 
_struct_site.id                   AC1 
_struct_site.pdbx_evidence_code   Software 
_struct_site.pdbx_auth_asym_id    C 
_struct_site.pdbx_auth_comp_id    ILE 
_struct_site.pdbx_auth_seq_id     338 
_struct_site.pdbx_auth_ins_code   ? 
_struct_site.pdbx_num_residues    4 
_struct_site.details              'binding site for Di-peptide ILE C 338 and NH2 C 339' 
# 
loop_
_struct_site_gen.id 
_struct_site_gen.site_id 
_struct_site_gen.pdbx_num_res 
_struct_site_gen.label_comp_id 
_struct_site_gen.label_asym_id 
_struct_site_gen.label_seq_id 
_struct_site_gen.pdbx_auth_ins_code 
_struct_site_gen.auth_comp_id 
_struct_site_gen.auth_asym_id 
_struct_site_gen.auth_seq_id 
_struct_site_gen.label_atom_id 
_struct_site_gen.label_alt_id 
_struct_site_gen.symmetry 
_struct_site_gen.details 
1 AC1 4 ARG A 56 ? ARG A 487 . ? 1_555 ? 
2 AC1 4 TYR C 9  ? TYR C 334 . ? 1_555 ? 
3 AC1 4 MET C 10 ? MET C 335 . ? 1_555 ? 
4 AC1 4 VAL C 12 ? VAL C 337 . ? 1_555 ? 
# 
_pdbx_entry_details.entry_id                   5CQ2 
_pdbx_entry_details.compound_details           ? 
_pdbx_entry_details.source_details             ? 
_pdbx_entry_details.nonpolymer_details         ? 
_pdbx_entry_details.sequence_details           ? 
_pdbx_entry_details.has_ligand_of_interest     ? 
_pdbx_entry_details.has_protein_modification   Y 
# 
loop_
_pdbx_validate_rmsd_angle.id 
_pdbx_validate_rmsd_angle.PDB_model_num 
_pdbx_validate_rmsd_angle.auth_atom_id_1 
_pdbx_validate_rmsd_angle.auth_asym_id_1 
_pdbx_validate_rmsd_angle.auth_comp_id_1 
_pdbx_validate_rmsd_angle.auth_seq_id_1 
_pdbx_validate_rmsd_angle.PDB_ins_code_1 
_pdbx_validate_rmsd_angle.label_alt_id_1 
_pdbx_validate_rmsd_angle.auth_atom_id_2 
_pdbx_validate_rmsd_angle.auth_asym_id_2 
_pdbx_validate_rmsd_angle.auth_comp_id_2 
_pdbx_validate_rmsd_angle.auth_seq_id_2 
_pdbx_validate_rmsd_angle.PDB_ins_code_2 
_pdbx_validate_rmsd_angle.label_alt_id_2 
_pdbx_validate_rmsd_angle.auth_atom_id_3 
_pdbx_validate_rmsd_angle.auth_asym_id_3 
_pdbx_validate_rmsd_angle.auth_comp_id_3 
_pdbx_validate_rmsd_angle.auth_seq_id_3 
_pdbx_validate_rmsd_angle.PDB_ins_code_3 
_pdbx_validate_rmsd_angle.label_alt_id_3 
_pdbx_validate_rmsd_angle.angle_value 
_pdbx_validate_rmsd_angle.angle_target_value 
_pdbx_validate_rmsd_angle.angle_deviation 
_pdbx_validate_rmsd_angle.angle_standard_deviation 
_pdbx_validate_rmsd_angle.linker_flag 
1 1 NE A ARG 487 ? ? CZ A ARG 487 ? ? NH1 A ARG 487 ? ? 124.17 120.30 3.87  0.50 N 
2 1 NE A ARG 487 ? ? CZ A ARG 487 ? ? NH2 A ARG 487 ? ? 116.91 120.30 -3.39 0.50 N 
# 
_pdbx_SG_project.id                    1 
_pdbx_SG_project.project_name          ? 
_pdbx_SG_project.full_name_of_center   'Structural Genomics Consortium' 
_pdbx_SG_project.initial_of_center     SGC 
# 
_pdbx_struct_special_symmetry.id              1 
_pdbx_struct_special_symmetry.PDB_model_num   1 
_pdbx_struct_special_symmetry.auth_asym_id    A 
_pdbx_struct_special_symmetry.auth_comp_id    HOH 
_pdbx_struct_special_symmetry.auth_seq_id     704 
_pdbx_struct_special_symmetry.PDB_ins_code    ? 
_pdbx_struct_special_symmetry.label_asym_id   V 
_pdbx_struct_special_symmetry.label_comp_id   HOH 
_pdbx_struct_special_symmetry.label_seq_id    . 
# 
loop_
_pdbx_unobs_or_zero_occ_residues.id 
_pdbx_unobs_or_zero_occ_residues.PDB_model_num 
_pdbx_unobs_or_zero_occ_residues.polymer_flag 
_pdbx_unobs_or_zero_occ_residues.occupancy_flag 
_pdbx_unobs_or_zero_occ_residues.auth_asym_id 
_pdbx_unobs_or_zero_occ_residues.auth_comp_id 
_pdbx_unobs_or_zero_occ_residues.auth_seq_id 
_pdbx_unobs_or_zero_occ_residues.PDB_ins_code 
_pdbx_unobs_or_zero_occ_residues.label_asym_id 
_pdbx_unobs_or_zero_occ_residues.label_comp_id 
_pdbx_unobs_or_zero_occ_residues.label_seq_id 
1  1 Y 1 A GLY 432 ? A GLY 1  
2  1 Y 1 A GLU 433 ? A GLU 2  
3  1 Y 1 A PHE 434 ? A PHE 3  
4  1 Y 1 A ASP 435 ? A ASP 4  
5  1 Y 1 A PRO 436 ? A PRO 5  
6  1 Y 1 A LEU 437 ? A LEU 6  
7  1 Y 1 A GLY 473 ? A GLY 42 
8  1 Y 1 A GLN 474 ? A GLN 43 
9  1 Y 1 A LEU 475 ? A LEU 44 
10 1 Y 1 A ASN 476 ? A ASN 45 
11 1 Y 1 A ASN 518 ? A ASN 87 
12 1 Y 1 A GLY 519 ? A GLY 88 
13 1 Y 1 A PRO 520 ? A PRO 89 
14 1 Y 1 A GLN 521 ? A GLN 90 
15 1 Y 1 C ACE 326 ? C ACE 1  
# 
loop_
_chem_comp_atom.comp_id 
_chem_comp_atom.atom_id 
_chem_comp_atom.type_symbol 
_chem_comp_atom.pdbx_aromatic_flag 
_chem_comp_atom.pdbx_stereo_config 
_chem_comp_atom.pdbx_ordinal 
ACE C    C N N 1   
ACE O    O N N 2   
ACE CH3  C N N 3   
ACE H    H N N 4   
ACE H1   H N N 5   
ACE H2   H N N 6   
ACE H3   H N N 7   
ALA N    N N N 8   
ALA CA   C N S 9   
ALA C    C N N 10  
ALA O    O N N 11  
ALA CB   C N N 12  
ALA OXT  O N N 13  
ALA H    H N N 14  
ALA H2   H N N 15  
ALA HA   H N N 16  
ALA HB1  H N N 17  
ALA HB2  H N N 18  
ALA HB3  H N N 19  
ALA HXT  H N N 20  
ARG N    N N N 21  
ARG CA   C N S 22  
ARG C    C N N 23  
ARG O    O N N 24  
ARG CB   C N N 25  
ARG CG   C N N 26  
ARG CD   C N N 27  
ARG NE   N N N 28  
ARG CZ   C N N 29  
ARG NH1  N N N 30  
ARG NH2  N N N 31  
ARG OXT  O N N 32  
ARG H    H N N 33  
ARG H2   H N N 34  
ARG HA   H N N 35  
ARG HB2  H N N 36  
ARG HB3  H N N 37  
ARG HG2  H N N 38  
ARG HG3  H N N 39  
ARG HD2  H N N 40  
ARG HD3  H N N 41  
ARG HE   H N N 42  
ARG HH11 H N N 43  
ARG HH12 H N N 44  
ARG HH21 H N N 45  
ARG HH22 H N N 46  
ARG HXT  H N N 47  
ASN N    N N N 48  
ASN CA   C N S 49  
ASN C    C N N 50  
ASN O    O N N 51  
ASN CB   C N N 52  
ASN CG   C N N 53  
ASN OD1  O N N 54  
ASN ND2  N N N 55  
ASN OXT  O N N 56  
ASN H    H N N 57  
ASN H2   H N N 58  
ASN HA   H N N 59  
ASN HB2  H N N 60  
ASN HB3  H N N 61  
ASN HD21 H N N 62  
ASN HD22 H N N 63  
ASN HXT  H N N 64  
ASP N    N N N 65  
ASP CA   C N S 66  
ASP C    C N N 67  
ASP O    O N N 68  
ASP CB   C N N 69  
ASP CG   C N N 70  
ASP OD1  O N N 71  
ASP OD2  O N N 72  
ASP OXT  O N N 73  
ASP H    H N N 74  
ASP H2   H N N 75  
ASP HA   H N N 76  
ASP HB2  H N N 77  
ASP HB3  H N N 78  
ASP HD2  H N N 79  
ASP HXT  H N N 80  
CYS N    N N N 81  
CYS CA   C N R 82  
CYS C    C N N 83  
CYS O    O N N 84  
CYS CB   C N N 85  
CYS SG   S N N 86  
CYS OXT  O N N 87  
CYS H    H N N 88  
CYS H2   H N N 89  
CYS HA   H N N 90  
CYS HB2  H N N 91  
CYS HB3  H N N 92  
CYS HG   H N N 93  
CYS HXT  H N N 94  
GLN N    N N N 95  
GLN CA   C N S 96  
GLN C    C N N 97  
GLN O    O N N 98  
GLN CB   C N N 99  
GLN CG   C N N 100 
GLN CD   C N N 101 
GLN OE1  O N N 102 
GLN NE2  N N N 103 
GLN OXT  O N N 104 
GLN H    H N N 105 
GLN H2   H N N 106 
GLN HA   H N N 107 
GLN HB2  H N N 108 
GLN HB3  H N N 109 
GLN HG2  H N N 110 
GLN HG3  H N N 111 
GLN HE21 H N N 112 
GLN HE22 H N N 113 
GLN HXT  H N N 114 
GLU N    N N N 115 
GLU CA   C N S 116 
GLU C    C N N 117 
GLU O    O N N 118 
GLU CB   C N N 119 
GLU CG   C N N 120 
GLU CD   C N N 121 
GLU OE1  O N N 122 
GLU OE2  O N N 123 
GLU OXT  O N N 124 
GLU H    H N N 125 
GLU H2   H N N 126 
GLU HA   H N N 127 
GLU HB2  H N N 128 
GLU HB3  H N N 129 
GLU HG2  H N N 130 
GLU HG3  H N N 131 
GLU HE2  H N N 132 
GLU HXT  H N N 133 
GLY N    N N N 134 
GLY CA   C N N 135 
GLY C    C N N 136 
GLY O    O N N 137 
GLY OXT  O N N 138 
GLY H    H N N 139 
GLY H2   H N N 140 
GLY HA2  H N N 141 
GLY HA3  H N N 142 
GLY HXT  H N N 143 
HIS N    N N N 144 
HIS CA   C N S 145 
HIS C    C N N 146 
HIS O    O N N 147 
HIS CB   C N N 148 
HIS CG   C Y N 149 
HIS ND1  N Y N 150 
HIS CD2  C Y N 151 
HIS CE1  C Y N 152 
HIS NE2  N Y N 153 
HIS OXT  O N N 154 
HIS H    H N N 155 
HIS H2   H N N 156 
HIS HA   H N N 157 
HIS HB2  H N N 158 
HIS HB3  H N N 159 
HIS HD1  H N N 160 
HIS HD2  H N N 161 
HIS HE1  H N N 162 
HIS HE2  H N N 163 
HIS HXT  H N N 164 
HOH O    O N N 165 
HOH H1   H N N 166 
HOH H2   H N N 167 
ILE N    N N N 168 
ILE CA   C N S 169 
ILE C    C N N 170 
ILE O    O N N 171 
ILE CB   C N S 172 
ILE CG1  C N N 173 
ILE CG2  C N N 174 
ILE CD1  C N N 175 
ILE OXT  O N N 176 
ILE H    H N N 177 
ILE H2   H N N 178 
ILE HA   H N N 179 
ILE HB   H N N 180 
ILE HG12 H N N 181 
ILE HG13 H N N 182 
ILE HG21 H N N 183 
ILE HG22 H N N 184 
ILE HG23 H N N 185 
ILE HD11 H N N 186 
ILE HD12 H N N 187 
ILE HD13 H N N 188 
ILE HXT  H N N 189 
LEU N    N N N 190 
LEU CA   C N S 191 
LEU C    C N N 192 
LEU O    O N N 193 
LEU CB   C N N 194 
LEU CG   C N N 195 
LEU CD1  C N N 196 
LEU CD2  C N N 197 
LEU OXT  O N N 198 
LEU H    H N N 199 
LEU H2   H N N 200 
LEU HA   H N N 201 
LEU HB2  H N N 202 
LEU HB3  H N N 203 
LEU HG   H N N 204 
LEU HD11 H N N 205 
LEU HD12 H N N 206 
LEU HD13 H N N 207 
LEU HD21 H N N 208 
LEU HD22 H N N 209 
LEU HD23 H N N 210 
LEU HXT  H N N 211 
LYS N    N N N 212 
LYS CA   C N S 213 
LYS C    C N N 214 
LYS O    O N N 215 
LYS CB   C N N 216 
LYS CG   C N N 217 
LYS CD   C N N 218 
LYS CE   C N N 219 
LYS NZ   N N N 220 
LYS OXT  O N N 221 
LYS H    H N N 222 
LYS H2   H N N 223 
LYS HA   H N N 224 
LYS HB2  H N N 225 
LYS HB3  H N N 226 
LYS HG2  H N N 227 
LYS HG3  H N N 228 
LYS HD2  H N N 229 
LYS HD3  H N N 230 
LYS HE2  H N N 231 
LYS HE3  H N N 232 
LYS HZ1  H N N 233 
LYS HZ2  H N N 234 
LYS HZ3  H N N 235 
LYS HXT  H N N 236 
MET N    N N N 237 
MET CA   C N S 238 
MET C    C N N 239 
MET O    O N N 240 
MET CB   C N N 241 
MET CG   C N N 242 
MET SD   S N N 243 
MET CE   C N N 244 
MET OXT  O N N 245 
MET H    H N N 246 
MET H2   H N N 247 
MET HA   H N N 248 
MET HB2  H N N 249 
MET HB3  H N N 250 
MET HG2  H N N 251 
MET HG3  H N N 252 
MET HE1  H N N 253 
MET HE2  H N N 254 
MET HE3  H N N 255 
MET HXT  H N N 256 
NH2 N    N N N 257 
NH2 HN1  H N N 258 
NH2 HN2  H N N 259 
PHE N    N N N 260 
PHE CA   C N S 261 
PHE C    C N N 262 
PHE O    O N N 263 
PHE CB   C N N 264 
PHE CG   C Y N 265 
PHE CD1  C Y N 266 
PHE CD2  C Y N 267 
PHE CE1  C Y N 268 
PHE CE2  C Y N 269 
PHE CZ   C Y N 270 
PHE OXT  O N N 271 
PHE H    H N N 272 
PHE H2   H N N 273 
PHE HA   H N N 274 
PHE HB2  H N N 275 
PHE HB3  H N N 276 
PHE HD1  H N N 277 
PHE HD2  H N N 278 
PHE HE1  H N N 279 
PHE HE2  H N N 280 
PHE HZ   H N N 281 
PHE HXT  H N N 282 
PRO N    N N N 283 
PRO CA   C N S 284 
PRO C    C N N 285 
PRO O    O N N 286 
PRO CB   C N N 287 
PRO CG   C N N 288 
PRO CD   C N N 289 
PRO OXT  O N N 290 
PRO H    H N N 291 
PRO HA   H N N 292 
PRO HB2  H N N 293 
PRO HB3  H N N 294 
PRO HG2  H N N 295 
PRO HG3  H N N 296 
PRO HD2  H N N 297 
PRO HD3  H N N 298 
PRO HXT  H N N 299 
SER N    N N N 300 
SER CA   C N S 301 
SER C    C N N 302 
SER O    O N N 303 
SER CB   C N N 304 
SER OG   O N N 305 
SER OXT  O N N 306 
SER H    H N N 307 
SER H2   H N N 308 
SER HA   H N N 309 
SER HB2  H N N 310 
SER HB3  H N N 311 
SER HG   H N N 312 
SER HXT  H N N 313 
THR N    N N N 314 
THR CA   C N S 315 
THR C    C N N 316 
THR O    O N N 317 
THR CB   C N R 318 
THR OG1  O N N 319 
THR CG2  C N N 320 
THR OXT  O N N 321 
THR H    H N N 322 
THR H2   H N N 323 
THR HA   H N N 324 
THR HB   H N N 325 
THR HG1  H N N 326 
THR HG21 H N N 327 
THR HG22 H N N 328 
THR HG23 H N N 329 
THR HXT  H N N 330 
TRP N    N N N 331 
TRP CA   C N S 332 
TRP C    C N N 333 
TRP O    O N N 334 
TRP CB   C N N 335 
TRP CG   C Y N 336 
TRP CD1  C Y N 337 
TRP CD2  C Y N 338 
TRP NE1  N Y N 339 
TRP CE2  C Y N 340 
TRP CE3  C Y N 341 
TRP CZ2  C Y N 342 
TRP CZ3  C Y N 343 
TRP CH2  C Y N 344 
TRP OXT  O N N 345 
TRP H    H N N 346 
TRP H2   H N N 347 
TRP HA   H N N 348 
TRP HB2  H N N 349 
TRP HB3  H N N 350 
TRP HD1  H N N 351 
TRP HE1  H N N 352 
TRP HE3  H N N 353 
TRP HZ2  H N N 354 
TRP HZ3  H N N 355 
TRP HH2  H N N 356 
TRP HXT  H N N 357 
TYR N    N N N 358 
TYR CA   C N S 359 
TYR C    C N N 360 
TYR O    O N N 361 
TYR CB   C N N 362 
TYR CG   C Y N 363 
TYR CD1  C Y N 364 
TYR CD2  C Y N 365 
TYR CE1  C Y N 366 
TYR CE2  C Y N 367 
TYR CZ   C Y N 368 
TYR OH   O N N 369 
TYR OXT  O N N 370 
TYR H    H N N 371 
TYR H2   H N N 372 
TYR HA   H N N 373 
TYR HB2  H N N 374 
TYR HB3  H N N 375 
TYR HD1  H N N 376 
TYR HD2  H N N 377 
TYR HE1  H N N 378 
TYR HE2  H N N 379 
TYR HH   H N N 380 
TYR HXT  H N N 381 
VAL N    N N N 382 
VAL CA   C N S 383 
VAL C    C N N 384 
VAL O    O N N 385 
VAL CB   C N N 386 
VAL CG1  C N N 387 
VAL CG2  C N N 388 
VAL OXT  O N N 389 
VAL H    H N N 390 
VAL H2   H N N 391 
VAL HA   H N N 392 
VAL HB   H N N 393 
VAL HG11 H N N 394 
VAL HG12 H N N 395 
VAL HG13 H N N 396 
VAL HG21 H N N 397 
VAL HG22 H N N 398 
VAL HG23 H N N 399 
VAL HXT  H N N 400 
# 
loop_
_chem_comp_bond.comp_id 
_chem_comp_bond.atom_id_1 
_chem_comp_bond.atom_id_2 
_chem_comp_bond.value_order 
_chem_comp_bond.pdbx_aromatic_flag 
_chem_comp_bond.pdbx_stereo_config 
_chem_comp_bond.pdbx_ordinal 
ACE C   O    doub N N 1   
ACE C   CH3  sing N N 2   
ACE C   H    sing N N 3   
ACE CH3 H1   sing N N 4   
ACE CH3 H2   sing N N 5   
ACE CH3 H3   sing N N 6   
ALA N   CA   sing N N 7   
ALA N   H    sing N N 8   
ALA N   H2   sing N N 9   
ALA CA  C    sing N N 10  
ALA CA  CB   sing N N 11  
ALA CA  HA   sing N N 12  
ALA C   O    doub N N 13  
ALA C   OXT  sing N N 14  
ALA CB  HB1  sing N N 15  
ALA CB  HB2  sing N N 16  
ALA CB  HB3  sing N N 17  
ALA OXT HXT  sing N N 18  
ARG N   CA   sing N N 19  
ARG N   H    sing N N 20  
ARG N   H2   sing N N 21  
ARG CA  C    sing N N 22  
ARG CA  CB   sing N N 23  
ARG CA  HA   sing N N 24  
ARG C   O    doub N N 25  
ARG C   OXT  sing N N 26  
ARG CB  CG   sing N N 27  
ARG CB  HB2  sing N N 28  
ARG CB  HB3  sing N N 29  
ARG CG  CD   sing N N 30  
ARG CG  HG2  sing N N 31  
ARG CG  HG3  sing N N 32  
ARG CD  NE   sing N N 33  
ARG CD  HD2  sing N N 34  
ARG CD  HD3  sing N N 35  
ARG NE  CZ   sing N N 36  
ARG NE  HE   sing N N 37  
ARG CZ  NH1  sing N N 38  
ARG CZ  NH2  doub N N 39  
ARG NH1 HH11 sing N N 40  
ARG NH1 HH12 sing N N 41  
ARG NH2 HH21 sing N N 42  
ARG NH2 HH22 sing N N 43  
ARG OXT HXT  sing N N 44  
ASN N   CA   sing N N 45  
ASN N   H    sing N N 46  
ASN N   H2   sing N N 47  
ASN CA  C    sing N N 48  
ASN CA  CB   sing N N 49  
ASN CA  HA   sing N N 50  
ASN C   O    doub N N 51  
ASN C   OXT  sing N N 52  
ASN CB  CG   sing N N 53  
ASN CB  HB2  sing N N 54  
ASN CB  HB3  sing N N 55  
ASN CG  OD1  doub N N 56  
ASN CG  ND2  sing N N 57  
ASN ND2 HD21 sing N N 58  
ASN ND2 HD22 sing N N 59  
ASN OXT HXT  sing N N 60  
ASP N   CA   sing N N 61  
ASP N   H    sing N N 62  
ASP N   H2   sing N N 63  
ASP CA  C    sing N N 64  
ASP CA  CB   sing N N 65  
ASP CA  HA   sing N N 66  
ASP C   O    doub N N 67  
ASP C   OXT  sing N N 68  
ASP CB  CG   sing N N 69  
ASP CB  HB2  sing N N 70  
ASP CB  HB3  sing N N 71  
ASP CG  OD1  doub N N 72  
ASP CG  OD2  sing N N 73  
ASP OD2 HD2  sing N N 74  
ASP OXT HXT  sing N N 75  
CYS N   CA   sing N N 76  
CYS N   H    sing N N 77  
CYS N   H2   sing N N 78  
CYS CA  C    sing N N 79  
CYS CA  CB   sing N N 80  
CYS CA  HA   sing N N 81  
CYS C   O    doub N N 82  
CYS C   OXT  sing N N 83  
CYS CB  SG   sing N N 84  
CYS CB  HB2  sing N N 85  
CYS CB  HB3  sing N N 86  
CYS SG  HG   sing N N 87  
CYS OXT HXT  sing N N 88  
GLN N   CA   sing N N 89  
GLN N   H    sing N N 90  
GLN N   H2   sing N N 91  
GLN CA  C    sing N N 92  
GLN CA  CB   sing N N 93  
GLN CA  HA   sing N N 94  
GLN C   O    doub N N 95  
GLN C   OXT  sing N N 96  
GLN CB  CG   sing N N 97  
GLN CB  HB2  sing N N 98  
GLN CB  HB3  sing N N 99  
GLN CG  CD   sing N N 100 
GLN CG  HG2  sing N N 101 
GLN CG  HG3  sing N N 102 
GLN CD  OE1  doub N N 103 
GLN CD  NE2  sing N N 104 
GLN NE2 HE21 sing N N 105 
GLN NE2 HE22 sing N N 106 
GLN OXT HXT  sing N N 107 
GLU N   CA   sing N N 108 
GLU N   H    sing N N 109 
GLU N   H2   sing N N 110 
GLU CA  C    sing N N 111 
GLU CA  CB   sing N N 112 
GLU CA  HA   sing N N 113 
GLU C   O    doub N N 114 
GLU C   OXT  sing N N 115 
GLU CB  CG   sing N N 116 
GLU CB  HB2  sing N N 117 
GLU CB  HB3  sing N N 118 
GLU CG  CD   sing N N 119 
GLU CG  HG2  sing N N 120 
GLU CG  HG3  sing N N 121 
GLU CD  OE1  doub N N 122 
GLU CD  OE2  sing N N 123 
GLU OE2 HE2  sing N N 124 
GLU OXT HXT  sing N N 125 
GLY N   CA   sing N N 126 
GLY N   H    sing N N 127 
GLY N   H2   sing N N 128 
GLY CA  C    sing N N 129 
GLY CA  HA2  sing N N 130 
GLY CA  HA3  sing N N 131 
GLY C   O    doub N N 132 
GLY C   OXT  sing N N 133 
GLY OXT HXT  sing N N 134 
HIS N   CA   sing N N 135 
HIS N   H    sing N N 136 
HIS N   H2   sing N N 137 
HIS CA  C    sing N N 138 
HIS CA  CB   sing N N 139 
HIS CA  HA   sing N N 140 
HIS C   O    doub N N 141 
HIS C   OXT  sing N N 142 
HIS CB  CG   sing N N 143 
HIS CB  HB2  sing N N 144 
HIS CB  HB3  sing N N 145 
HIS CG  ND1  sing Y N 146 
HIS CG  CD2  doub Y N 147 
HIS ND1 CE1  doub Y N 148 
HIS ND1 HD1  sing N N 149 
HIS CD2 NE2  sing Y N 150 
HIS CD2 HD2  sing N N 151 
HIS CE1 NE2  sing Y N 152 
HIS CE1 HE1  sing N N 153 
HIS NE2 HE2  sing N N 154 
HIS OXT HXT  sing N N 155 
HOH O   H1   sing N N 156 
HOH O   H2   sing N N 157 
ILE N   CA   sing N N 158 
ILE N   H    sing N N 159 
ILE N   H2   sing N N 160 
ILE CA  C    sing N N 161 
ILE CA  CB   sing N N 162 
ILE CA  HA   sing N N 163 
ILE C   O    doub N N 164 
ILE C   OXT  sing N N 165 
ILE CB  CG1  sing N N 166 
ILE CB  CG2  sing N N 167 
ILE CB  HB   sing N N 168 
ILE CG1 CD1  sing N N 169 
ILE CG1 HG12 sing N N 170 
ILE CG1 HG13 sing N N 171 
ILE CG2 HG21 sing N N 172 
ILE CG2 HG22 sing N N 173 
ILE CG2 HG23 sing N N 174 
ILE CD1 HD11 sing N N 175 
ILE CD1 HD12 sing N N 176 
ILE CD1 HD13 sing N N 177 
ILE OXT HXT  sing N N 178 
LEU N   CA   sing N N 179 
LEU N   H    sing N N 180 
LEU N   H2   sing N N 181 
LEU CA  C    sing N N 182 
LEU CA  CB   sing N N 183 
LEU CA  HA   sing N N 184 
LEU C   O    doub N N 185 
LEU C   OXT  sing N N 186 
LEU CB  CG   sing N N 187 
LEU CB  HB2  sing N N 188 
LEU CB  HB3  sing N N 189 
LEU CG  CD1  sing N N 190 
LEU CG  CD2  sing N N 191 
LEU CG  HG   sing N N 192 
LEU CD1 HD11 sing N N 193 
LEU CD1 HD12 sing N N 194 
LEU CD1 HD13 sing N N 195 
LEU CD2 HD21 sing N N 196 
LEU CD2 HD22 sing N N 197 
LEU CD2 HD23 sing N N 198 
LEU OXT HXT  sing N N 199 
LYS N   CA   sing N N 200 
LYS N   H    sing N N 201 
LYS N   H2   sing N N 202 
LYS CA  C    sing N N 203 
LYS CA  CB   sing N N 204 
LYS CA  HA   sing N N 205 
LYS C   O    doub N N 206 
LYS C   OXT  sing N N 207 
LYS CB  CG   sing N N 208 
LYS CB  HB2  sing N N 209 
LYS CB  HB3  sing N N 210 
LYS CG  CD   sing N N 211 
LYS CG  HG2  sing N N 212 
LYS CG  HG3  sing N N 213 
LYS CD  CE   sing N N 214 
LYS CD  HD2  sing N N 215 
LYS CD  HD3  sing N N 216 
LYS CE  NZ   sing N N 217 
LYS CE  HE2  sing N N 218 
LYS CE  HE3  sing N N 219 
LYS NZ  HZ1  sing N N 220 
LYS NZ  HZ2  sing N N 221 
LYS NZ  HZ3  sing N N 222 
LYS OXT HXT  sing N N 223 
MET N   CA   sing N N 224 
MET N   H    sing N N 225 
MET N   H2   sing N N 226 
MET CA  C    sing N N 227 
MET CA  CB   sing N N 228 
MET CA  HA   sing N N 229 
MET C   O    doub N N 230 
MET C   OXT  sing N N 231 
MET CB  CG   sing N N 232 
MET CB  HB2  sing N N 233 
MET CB  HB3  sing N N 234 
MET CG  SD   sing N N 235 
MET CG  HG2  sing N N 236 
MET CG  HG3  sing N N 237 
MET SD  CE   sing N N 238 
MET CE  HE1  sing N N 239 
MET CE  HE2  sing N N 240 
MET CE  HE3  sing N N 241 
MET OXT HXT  sing N N 242 
NH2 N   HN1  sing N N 243 
NH2 N   HN2  sing N N 244 
PHE N   CA   sing N N 245 
PHE N   H    sing N N 246 
PHE N   H2   sing N N 247 
PHE CA  C    sing N N 248 
PHE CA  CB   sing N N 249 
PHE CA  HA   sing N N 250 
PHE C   O    doub N N 251 
PHE C   OXT  sing N N 252 
PHE CB  CG   sing N N 253 
PHE CB  HB2  sing N N 254 
PHE CB  HB3  sing N N 255 
PHE CG  CD1  doub Y N 256 
PHE CG  CD2  sing Y N 257 
PHE CD1 CE1  sing Y N 258 
PHE CD1 HD1  sing N N 259 
PHE CD2 CE2  doub Y N 260 
PHE CD2 HD2  sing N N 261 
PHE CE1 CZ   doub Y N 262 
PHE CE1 HE1  sing N N 263 
PHE CE2 CZ   sing Y N 264 
PHE CE2 HE2  sing N N 265 
PHE CZ  HZ   sing N N 266 
PHE OXT HXT  sing N N 267 
PRO N   CA   sing N N 268 
PRO N   CD   sing N N 269 
PRO N   H    sing N N 270 
PRO CA  C    sing N N 271 
PRO CA  CB   sing N N 272 
PRO CA  HA   sing N N 273 
PRO C   O    doub N N 274 
PRO C   OXT  sing N N 275 
PRO CB  CG   sing N N 276 
PRO CB  HB2  sing N N 277 
PRO CB  HB3  sing N N 278 
PRO CG  CD   sing N N 279 
PRO CG  HG2  sing N N 280 
PRO CG  HG3  sing N N 281 
PRO CD  HD2  sing N N 282 
PRO CD  HD3  sing N N 283 
PRO OXT HXT  sing N N 284 
SER N   CA   sing N N 285 
SER N   H    sing N N 286 
SER N   H2   sing N N 287 
SER CA  C    sing N N 288 
SER CA  CB   sing N N 289 
SER CA  HA   sing N N 290 
SER C   O    doub N N 291 
SER C   OXT  sing N N 292 
SER CB  OG   sing N N 293 
SER CB  HB2  sing N N 294 
SER CB  HB3  sing N N 295 
SER OG  HG   sing N N 296 
SER OXT HXT  sing N N 297 
THR N   CA   sing N N 298 
THR N   H    sing N N 299 
THR N   H2   sing N N 300 
THR CA  C    sing N N 301 
THR CA  CB   sing N N 302 
THR CA  HA   sing N N 303 
THR C   O    doub N N 304 
THR C   OXT  sing N N 305 
THR CB  OG1  sing N N 306 
THR CB  CG2  sing N N 307 
THR CB  HB   sing N N 308 
THR OG1 HG1  sing N N 309 
THR CG2 HG21 sing N N 310 
THR CG2 HG22 sing N N 311 
THR CG2 HG23 sing N N 312 
THR OXT HXT  sing N N 313 
TRP N   CA   sing N N 314 
TRP N   H    sing N N 315 
TRP N   H2   sing N N 316 
TRP CA  C    sing N N 317 
TRP CA  CB   sing N N 318 
TRP CA  HA   sing N N 319 
TRP C   O    doub N N 320 
TRP C   OXT  sing N N 321 
TRP CB  CG   sing N N 322 
TRP CB  HB2  sing N N 323 
TRP CB  HB3  sing N N 324 
TRP CG  CD1  doub Y N 325 
TRP CG  CD2  sing Y N 326 
TRP CD1 NE1  sing Y N 327 
TRP CD1 HD1  sing N N 328 
TRP CD2 CE2  doub Y N 329 
TRP CD2 CE3  sing Y N 330 
TRP NE1 CE2  sing Y N 331 
TRP NE1 HE1  sing N N 332 
TRP CE2 CZ2  sing Y N 333 
TRP CE3 CZ3  doub Y N 334 
TRP CE3 HE3  sing N N 335 
TRP CZ2 CH2  doub Y N 336 
TRP CZ2 HZ2  sing N N 337 
TRP CZ3 CH2  sing Y N 338 
TRP CZ3 HZ3  sing N N 339 
TRP CH2 HH2  sing N N 340 
TRP OXT HXT  sing N N 341 
TYR N   CA   sing N N 342 
TYR N   H    sing N N 343 
TYR N   H2   sing N N 344 
TYR CA  C    sing N N 345 
TYR CA  CB   sing N N 346 
TYR CA  HA   sing N N 347 
TYR C   O    doub N N 348 
TYR C   OXT  sing N N 349 
TYR CB  CG   sing N N 350 
TYR CB  HB2  sing N N 351 
TYR CB  HB3  sing N N 352 
TYR CG  CD1  doub Y N 353 
TYR CG  CD2  sing Y N 354 
TYR CD1 CE1  sing Y N 355 
TYR CD1 HD1  sing N N 356 
TYR CD2 CE2  doub Y N 357 
TYR CD2 HD2  sing N N 358 
TYR CE1 CZ   doub Y N 359 
TYR CE1 HE1  sing N N 360 
TYR CE2 CZ   sing Y N 361 
TYR CE2 HE2  sing N N 362 
TYR CZ  OH   sing N N 363 
TYR OH  HH   sing N N 364 
TYR OXT HXT  sing N N 365 
VAL N   CA   sing N N 366 
VAL N   H    sing N N 367 
VAL N   H2   sing N N 368 
VAL CA  C    sing N N 369 
VAL CA  CB   sing N N 370 
VAL CA  HA   sing N N 371 
VAL C   O    doub N N 372 
VAL C   OXT  sing N N 373 
VAL CB  CG1  sing N N 374 
VAL CB  CG2  sing N N 375 
VAL CB  HB   sing N N 376 
VAL CG1 HG11 sing N N 377 
VAL CG1 HG12 sing N N 378 
VAL CG1 HG13 sing N N 379 
VAL CG2 HG21 sing N N 380 
VAL CG2 HG22 sing N N 381 
VAL CG2 HG23 sing N N 382 
VAL OXT HXT  sing N N 383 
# 
_pdbx_initial_refinement_model.id               1 
_pdbx_initial_refinement_model.entity_id_list   ? 
_pdbx_initial_refinement_model.type             'experimental model' 
_pdbx_initial_refinement_model.source_name      PDB 
_pdbx_initial_refinement_model.accession_code   4RRE 
_pdbx_initial_refinement_model.details          ? 
# 
_atom_sites.entry_id                    5CQ2 
_atom_sites.fract_transf_matrix[1][1]   0.00795315 
_atom_sites.fract_transf_matrix[1][2]   0.00196691 
_atom_sites.fract_transf_matrix[1][3]   0.01541737 
_atom_sites.fract_transf_matrix[2][1]   0.00533128 
_atom_sites.fract_transf_matrix[2][2]   -0.01512921 
_atom_sites.fract_transf_matrix[2][3]   -0.00082003 
_atom_sites.fract_transf_matrix[3][1]   0.01218059 
_atom_sites.fract_transf_matrix[3][2]   0.00466506 
_atom_sites.fract_transf_matrix[3][3]   -0.00687859 
_atom_sites.fract_transf_vector[1]      -0.118368 
_atom_sites.fract_transf_vector[2]      0.449009 
_atom_sites.fract_transf_vector[3]      0.183178 
# 
loop_
_atom_type.symbol 
C 
N 
O 
S 
X 
# 
loop_
_atom_site.group_PDB 
_atom_site.id 
_atom_site.type_symbol 
_atom_site.label_atom_id 
_atom_site.label_alt_id 
_atom_site.label_comp_id 
_atom_site.label_asym_id 
_atom_site.label_entity_id 
_atom_site.label_seq_id 
_atom_site.pdbx_PDB_ins_code 
_atom_site.Cartn_x 
_atom_site.Cartn_y 
_atom_site.Cartn_z 
_atom_site.occupancy 
_atom_site.B_iso_or_equiv 
_atom_site.pdbx_formal_charge 
_atom_site.auth_seq_id 
_atom_site.auth_comp_id 
_atom_site.auth_asym_id 
_atom_site.auth_atom_id 
_atom_site.pdbx_PDB_model_num 
ATOM   1   N N   . GLY A 1 7  ? -15.776 2.943   -4.440  1.00 49.83 ? 438 GLY A N   1 
ATOM   2   C CA  . GLY A 1 7  ? -16.507 2.275   -3.290  1.00 39.88 ? 438 GLY A CA  1 
ATOM   3   C C   . GLY A 1 7  ? -16.369 3.045   -1.955  1.00 36.81 ? 438 GLY A C   1 
ATOM   4   O O   . GLY A 1 7  ? -16.073 4.238   -1.970  1.00 39.33 ? 438 GLY A O   1 
ATOM   5   N N   . PRO A 1 8  ? -16.669 2.396   -0.803  1.00 30.00 ? 439 PRO A N   1 
ATOM   6   C CA  . PRO A 1 8  ? -16.509 3.158   0.454   1.00 24.87 ? 439 PRO A CA  1 
ATOM   7   C C   . PRO A 1 8  ? -15.037 3.339   0.793   1.00 22.51 ? 439 PRO A C   1 
ATOM   8   O O   . PRO A 1 8  ? -14.183 2.562   0.366   1.00 23.93 ? 439 PRO A O   1 
ATOM   9   C CB  . PRO A 1 8  ? -17.220 2.289   1.511   1.00 27.10 ? 439 PRO A CB  1 
ATOM   10  C CG  . PRO A 1 8  ? -17.133 0.911   0.965   1.00 34.06 ? 439 PRO A CG  1 
ATOM   11  C CD  . PRO A 1 8  ? -17.227 1.055   -0.557  1.00 32.28 ? 439 PRO A CD  1 
ATOM   12  N N   . LEU A 1 9  ? -14.759 4.356   1.572   1.00 18.94 ? 440 LEU A N   1 
ATOM   13  C CA  . LEU A 1 9  ? -13.399 4.490   2.136   1.00 18.77 ? 440 LEU A CA  1 
ATOM   14  C C   . LEU A 1 9  ? -13.067 3.250   2.975   1.00 20.30 ? 440 LEU A C   1 
ATOM   15  O O   . LEU A 1 9  ? -13.980 2.641   3.584   1.00 22.21 ? 440 LEU A O   1 
ATOM   16  C CB  . LEU A 1 9  ? -13.289 5.738   2.996   1.00 19.73 ? 440 LEU A CB  1 
ATOM   17  C CG  . LEU A 1 9  ? -13.237 7.066   2.304   1.00 20.77 ? 440 LEU A CG  1 
ATOM   18  C CD1 . LEU A 1 9  ? -13.447 8.194   3.254   1.00 25.52 ? 440 LEU A CD1 1 
ATOM   19  C CD2 . LEU A 1 9  ? -11.983 7.212   1.502   1.00 21.51 ? 440 LEU A CD2 1 
ATOM   20  N N   . PRO A 1 10 ? -11.792 2.903   3.077   1.00 18.47 ? 441 PRO A N   1 
ATOM   21  C CA  . PRO A 1 10 ? -11.459 1.778   3.923   1.00 18.38 ? 441 PRO A CA  1 
ATOM   22  C C   . PRO A 1 10 ? -11.649 2.157   5.417   1.00 16.12 ? 441 PRO A C   1 
ATOM   23  O O   . PRO A 1 10 ? -11.725 3.342   5.777   1.00 15.30 ? 441 PRO A O   1 
ATOM   24  C CB  . PRO A 1 10 ? -9.974  1.520   3.617   1.00 21.68 ? 441 PRO A CB  1 
ATOM   25  C CG  . PRO A 1 10 ? -9.596  2.461   2.526   1.00 25.14 ? 441 PRO A CG  1 
ATOM   26  C CD  . PRO A 1 10 ? -10.608 3.486   2.374   1.00 20.70 ? 441 PRO A CD  1 
ATOM   27  N N   . PRO A 1 11 ? -11.797 1.131   6.268   1.00 17.32 ? 442 PRO A N   1 
ATOM   28  C CA  . PRO A 1 11 ? -12.024 1.423   7.686   1.00 15.18 ? 442 PRO A CA  1 
ATOM   29  C C   . PRO A 1 11 ? -10.971 2.355   8.278   1.00 15.27 ? 442 PRO A C   1 
ATOM   30  O O   . PRO A 1 11 ? -9.769  2.201   8.049   1.00 16.19 ? 442 PRO A O   1 
ATOM   31  C CB  . PRO A 1 11 ? -11.982 0.074   8.338   1.00 18.08 ? 442 PRO A CB  1 
ATOM   32  C CG  . PRO A 1 11 ? -12.326 -0.890  7.276   1.00 23.64 ? 442 PRO A CG  1 
ATOM   33  C CD  . PRO A 1 11 ? -11.714 -0.310  6.021   1.00 21.47 ? 442 PRO A CD  1 
ATOM   34  N N   . GLY A 1 12 ? -11.439 3.320   9.049   1.00 13.53 ? 443 GLY A N   1 
ATOM   35  C CA  . GLY A 1 12 ? -10.561 4.245   9.729   1.00 14.98 ? 443 GLY A CA  1 
ATOM   36  C C   . GLY A 1 12 ? -10.280 5.532   8.992   1.00 14.16 ? 443 GLY A C   1 
ATOM   37  O O   . GLY A 1 12 ? -9.788  6.518   9.567   1.00 14.10 ? 443 GLY A O   1 
ATOM   38  N N   . TRP A 1 13 ? -10.626 5.573   7.670   1.00 13.65 ? 444 TRP A N   1 
ATOM   39  C CA  . TRP A 1 13 ? -10.386 6.752   6.866   1.00 13.66 ? 444 TRP A CA  1 
ATOM   40  C C   . TRP A 1 13 ? -11.586 7.680   6.778   1.00 13.88 ? 444 TRP A C   1 
ATOM   41  O O   . TRP A 1 13 ? -12.733 7.223   6.720   1.00 15.91 ? 444 TRP A O   1 
ATOM   42  C CB  . TRP A 1 13 ? -9.988  6.361   5.461   1.00 14.51 ? 444 TRP A CB  1 
ATOM   43  C CG  . TRP A 1 13 ? -8.658  5.680   5.352   1.00 14.39 ? 444 TRP A CG  1 
ATOM   44  C CD1 . TRP A 1 13 ? -8.344  4.347   5.634   1.00 16.55 ? 444 TRP A CD1 1 
ATOM   45  C CD2 . TRP A 1 13 ? -7.423  6.281   4.886   1.00 13.37 ? 444 TRP A CD2 1 
ATOM   46  N NE1 . TRP A 1 13 ? -7.002  4.085   5.338   1.00 17.01 ? 444 TRP A NE1 1 
ATOM   47  C CE2 . TRP A 1 13 ? -6.435  5.260   4.867   1.00 13.93 ? 444 TRP A CE2 1 
ATOM   48  C CE3 . TRP A 1 13 ? -7.078  7.547   4.479   1.00 14.45 ? 444 TRP A CE3 1 
ATOM   49  C CZ2 . TRP A 1 13 ? -5.132  5.519   4.440   1.00 14.54 ? 444 TRP A CZ2 1 
ATOM   50  C CZ3 . TRP A 1 13 ? -5.759  7.773   4.054   1.00 14.68 ? 444 TRP A CZ3 1 
ATOM   51  C CH2 . TRP A 1 13 ? -4.855  6.762   4.031   1.00 14.10 ? 444 TRP A CH2 1 
ATOM   52  N N   . GLU A 1 14 ? -11.304 8.964   6.696   1.00 13.98 ? 445 GLU A N   1 
ATOM   53  C CA  . GLU A 1 14 ? -12.292 10.051  6.562   1.00 17.50 ? 445 GLU A CA  1 
ATOM   54  C C   . GLU A 1 14 ? -11.832 10.993  5.433   1.00 19.29 ? 445 GLU A C   1 
ATOM   55  O O   . GLU A 1 14 ? -10.622 11.270  5.301   1.00 21.73 ? 445 GLU A O   1 
ATOM   56  C CB  . GLU A 1 14 ? -12.378 10.779  7.943   1.00 24.54 ? 445 GLU A CB  1 
ATOM   57  C CG  . GLU A 1 14 ? -13.375 11.882  8.081   1.00 30.80 ? 445 GLU A CG  1 
ATOM   58  C CD  . GLU A 1 14 ? -13.250 12.691  9.367   1.00 31.10 ? 445 GLU A CD  1 
ATOM   59  O OE1 . GLU A 1 14 ? -12.665 12.205  10.347  1.00 23.57 ? 445 GLU A OE1 1 
ATOM   60  O OE2 . GLU A 1 14 ? -13.785 13.859  9.371   1.00 38.80 ? 445 GLU A OE2 1 
ATOM   61  N N   . LYS A 1 15 ? -12.777 11.506  4.667   1.00 19.07 ? 446 LYS A N   1 
ATOM   62  C CA  . LYS A 1 15 ? -12.531 12.589  3.704   1.00 23.12 ? 446 LYS A CA  1 
ATOM   63  C C   . LYS A 1 15 ? -12.886 13.881  4.465   1.00 26.65 ? 446 LYS A C   1 
ATOM   64  O O   . LYS A 1 15 ? -13.935 13.952  5.129   1.00 31.53 ? 446 LYS A O   1 
ATOM   65  C CB  . LYS A 1 15 ? -13.423 12.354  2.460   1.00 28.30 ? 446 LYS A CB  1 
ATOM   66  C CG  . LYS A 1 15 ? -13.213 13.236  1.235   1.00 30.41 ? 446 LYS A CG  1 
ATOM   67  C CD  . LYS A 1 15 ? -14.190 12.834  0.110   1.00 34.44 ? 446 LYS A CD  1 
ATOM   68  C CE  . LYS A 1 15 ? -13.904 13.515  -1.240  1.00 45.08 ? 446 LYS A CE  1 
ATOM   69  N N   . ARG A 1 16 ? -11.996 14.870  4.413   1.00 27.70 ? 447 ARG A N   1 
ATOM   70  C CA  . ARG A 1 16 ? -12.230 16.197  5.009   1.00 33.54 ? 447 ARG A CA  1 
ATOM   71  C C   . ARG A 1 16 ? -12.022 17.272  3.987   1.00 34.91 ? 447 ARG A C   1 
ATOM   72  O O   . ARG A 1 16 ? -11.455 17.000  2.934   1.00 28.96 ? 447 ARG A O   1 
ATOM   73  C CB  . ARG A 1 16 ? -11.304 16.424  6.207   1.00 35.15 ? 447 ARG A CB  1 
ATOM   74  C CG  . ARG A 1 16 ? -11.575 15.449  7.335   1.00 40.58 ? 447 ARG A CG  1 
ATOM   75  C CD  A ARG A 1 16 ? -10.947 15.873  8.654   0.50 42.95 ? 447 ARG A CD  1 
ATOM   76  C CD  B ARG A 1 16 ? -10.910 15.878  8.631   0.50 44.51 ? 447 ARG A CD  1 
ATOM   77  N NE  A ARG A 1 16 ? -11.464 17.158  9.129   0.50 45.24 ? 447 ARG A NE  1 
ATOM   78  C CZ  A ARG A 1 16 ? -12.372 17.304  10.083  0.50 44.11 ? 447 ARG A CZ  1 
ATOM   79  N NH1 A ARG A 1 16 ? -12.899 16.246  10.694  0.50 46.84 ? 447 ARG A NH1 1 
ATOM   80  N NH2 A ARG A 1 16 ? -12.754 18.521  10.426  0.50 44.61 ? 447 ARG A NH2 1 
ATOM   81  N N   . THR A 1 17 ? -12.505 18.491  4.319   1.00 35.50 ? 448 THR A N   1 
ATOM   82  C CA  . THR A 1 17 ? -12.199 19.734  3.580   1.00 33.67 ? 448 THR A CA  1 
ATOM   83  C C   . THR A 1 17 ? -11.483 20.771  4.452   1.00 33.89 ? 448 THR A C   1 
ATOM   84  O O   . THR A 1 17 ? -11.888 21.015  5.609   1.00 44.30 ? 448 THR A O   1 
ATOM   85  C CB  . THR A 1 17 ? -13.478 20.349  3.022   1.00 34.42 ? 448 THR A CB  1 
ATOM   86  O OG1 . THR A 1 17 ? -14.236 19.305  2.440   1.00 37.13 ? 448 THR A OG1 1 
ATOM   87  C CG2 . THR A 1 17 ? -13.156 21.320  1.953   1.00 38.02 ? 448 THR A CG2 1 
ATOM   88  N N   . ASP A 1 18 ? -10.420 21.373  3.899   1.00 35.31 ? 449 ASP A N   1 
ATOM   89  C CA  . ASP A 1 18 ? -9.629  22.374  4.611   1.00 40.61 ? 449 ASP A CA  1 
ATOM   90  C C   . ASP A 1 18 ? -10.239 23.777  4.442   1.00 46.15 ? 449 ASP A C   1 
ATOM   91  O O   . ASP A 1 18 ? -11.304 23.910  3.828   1.00 45.28 ? 449 ASP A O   1 
ATOM   92  C CB  . ASP A 1 18 ? -8.134  22.274  4.217   1.00 36.66 ? 449 ASP A CB  1 
ATOM   93  C CG  . ASP A 1 18 ? -7.767  22.933  2.864   1.00 39.39 ? 449 ASP A CG  1 
ATOM   94  O OD1 . ASP A 1 18 ? -8.630  23.459  2.107   1.00 45.23 ? 449 ASP A OD1 1 
ATOM   95  O OD2 . ASP A 1 18 ? -6.538  22.914  2.575   1.00 43.06 ? 449 ASP A OD2 1 
ATOM   96  N N   . SER A 1 19 ? -9.557  24.798  4.994   1.00 57.78 ? 450 SER A N   1 
ATOM   97  C CA  . SER A 1 19 ? -10.034 26.213  4.994   1.00 58.26 ? 450 SER A CA  1 
ATOM   98  C C   . SER A 1 19 ? -10.229 26.813  3.595   1.00 60.75 ? 450 SER A C   1 
ATOM   99  O O   . SER A 1 19 ? -11.171 27.576  3.375   1.00 68.70 ? 450 SER A O   1 
ATOM   100 C CB  . SER A 1 19 ? -9.062  27.106  5.790   1.00 65.25 ? 450 SER A CB  1 
ATOM   101 N N   . ASN A 1 20 ? -9.319  26.465  2.677   1.00 52.75 ? 451 ASN A N   1 
ATOM   102 C CA  . ASN A 1 20 ? -9.397  26.820  1.259   1.00 57.96 ? 451 ASN A CA  1 
ATOM   103 C C   . ASN A 1 20 ? -10.350 25.937  0.397   1.00 52.41 ? 451 ASN A C   1 
ATOM   104 O O   . ASN A 1 20 ? -10.424 26.104  -0.832  1.00 56.19 ? 451 ASN A O   1 
ATOM   105 C CB  . ASN A 1 20 ? -7.980  26.789  0.658   1.00 61.03 ? 451 ASN A CB  1 
ATOM   106 N N   . GLY A 1 21 ? -11.074 25.009  1.029   1.00 46.77 ? 452 GLY A N   1 
ATOM   107 C CA  . GLY A 1 21 ? -12.025 24.141  0.316   1.00 43.83 ? 452 GLY A CA  1 
ATOM   108 C C   . GLY A 1 21 ? -11.403 22.924  -0.359  1.00 40.81 ? 452 GLY A C   1 
ATOM   109 O O   . GLY A 1 21 ? -12.110 22.212  -1.116  1.00 48.96 ? 452 GLY A O   1 
ATOM   110 N N   . ARG A 1 22 ? -10.105 22.648  -0.088  1.00 39.44 ? 453 ARG A N   1 
ATOM   111 C CA  . ARG A 1 22 ? -9.419  21.459  -0.680  1.00 37.20 ? 453 ARG A CA  1 
ATOM   112 C C   . ARG A 1 22 ? -9.778  20.188  0.090   1.00 30.61 ? 453 ARG A C   1 
ATOM   113 O O   . ARG A 1 22 ? -9.728  20.163  1.301   1.00 29.67 ? 453 ARG A O   1 
ATOM   114 C CB  . ARG A 1 22 ? -7.877  21.608  -0.702  1.00 33.99 ? 453 ARG A CB  1 
ATOM   115 C CG  A ARG A 1 22 ? -7.353  22.809  -1.489  0.50 36.53 ? 453 ARG A CG  1 
ATOM   116 C CG  B ARG A 1 22 ? -7.355  22.800  -1.511  0.50 34.59 ? 453 ARG A CG  1 
ATOM   117 C CD  A ARG A 1 22 ? -5.861  23.024  -1.253  0.50 40.10 ? 453 ARG A CD  1 
ATOM   118 C CD  B ARG A 1 22 ? -5.830  22.791  -1.633  0.50 35.92 ? 453 ARG A CD  1 
ATOM   119 N NE  A ARG A 1 22 ? -5.603  23.595  0.065   0.50 38.74 ? 453 ARG A NE  1 
ATOM   120 C CZ  A ARG A 1 22 ? -4.425  24.066  0.452   0.50 39.16 ? 453 ARG A CZ  1 
ATOM   121 N N   . VAL A 1 23 ? -10.075 19.132  -0.638  1.00 31.39 ? 454 VAL A N   1 
ATOM   122 C CA  . VAL A 1 23 ? -10.384 17.833  -0.084  1.00 27.56 ? 454 VAL A CA  1 
ATOM   123 C C   . VAL A 1 23 ? -9.075  17.019  0.139   1.00 28.14 ? 454 VAL A C   1 
ATOM   124 O O   . VAL A 1 23 ? -8.178  16.851  -0.790  1.00 37.76 ? 454 VAL A O   1 
ATOM   125 C CB  . VAL A 1 23 ? -11.324 17.012  -1.007  1.00 32.97 ? 454 VAL A CB  1 
ATOM   126 C CG1 . VAL A 1 23 ? -11.444 15.585  -0.529  1.00 31.47 ? 454 VAL A CG1 1 
ATOM   127 C CG2 . VAL A 1 23 ? -12.712 17.661  -1.100  1.00 37.41 ? 454 VAL A CG2 1 
ATOM   128 N N   . TYR A 1 24 ? -9.003  16.451  1.353   1.00 21.07 ? 455 TYR A N   1 
ATOM   129 C CA  . TYR A 1 24 ? -7.896  15.583  1.741   1.00 20.72 ? 455 TYR A CA  1 
ATOM   130 C C   . TYR A 1 24 ? -8.413  14.411  2.557   1.00 16.91 ? 455 TYR A C   1 
ATOM   131 O O   . TYR A 1 24 ? -9.600  14.330  2.871   1.00 19.41 ? 455 TYR A O   1 
ATOM   132 C CB  . TYR A 1 24 ? -6.838  16.349  2.489   1.00 20.38 ? 455 TYR A CB  1 
ATOM   133 C CG  . TYR A 1 24 ? -7.277  16.886  3.796   1.00 24.61 ? 455 TYR A CG  1 
ATOM   134 C CD1 . TYR A 1 24 ? -8.058  18.048  3.884   1.00 24.94 ? 455 TYR A CD1 1 
ATOM   135 C CD2 . TYR A 1 24 ? -6.908  16.273  4.983   1.00 23.22 ? 455 TYR A CD2 1 
ATOM   136 C CE1 . TYR A 1 24 ? -8.454  18.552  5.111   1.00 31.83 ? 455 TYR A CE1 1 
ATOM   137 C CE2 . TYR A 1 24 ? -7.311  16.781  6.217   1.00 29.05 ? 455 TYR A CE2 1 
ATOM   138 C CZ  . TYR A 1 24 ? -8.080  17.919  6.268   1.00 32.70 ? 455 TYR A CZ  1 
ATOM   139 O OH  . TYR A 1 24 ? -8.470  18.412  7.450   1.00 42.63 ? 455 TYR A OH  1 
ATOM   140 N N   . PHE A 1 25 ? -7.509  13.477  2.867   1.00 15.73 ? 456 PHE A N   1 
ATOM   141 C CA  . PHE A 1 25 ? -7.899  12.203  3.499   1.00 15.43 ? 456 PHE A CA  1 
ATOM   142 C C   . PHE A 1 25 ? -7.160  12.012  4.785   1.00 14.59 ? 456 PHE A C   1 
ATOM   143 O O   . PHE A 1 25 ? -5.975  12.353  4.889   1.00 16.02 ? 456 PHE A O   1 
ATOM   144 C CB  . PHE A 1 25 ? -7.675  11.048  2.503   1.00 14.72 ? 456 PHE A CB  1 
ATOM   145 C CG  . PHE A 1 25 ? -8.517  11.208  1.250   1.00 14.84 ? 456 PHE A CG  1 
ATOM   146 C CD1 . PHE A 1 25 ? -8.070  11.994  0.208   1.00 17.53 ? 456 PHE A CD1 1 
ATOM   147 C CD2 . PHE A 1 25 ? -9.803  10.688  1.184   1.00 16.77 ? 456 PHE A CD2 1 
ATOM   148 C CE1 . PHE A 1 25 ? -8.876  12.202  -0.911  1.00 20.47 ? 456 PHE A CE1 1 
ATOM   149 C CE2 . PHE A 1 25 ? -10.591 10.897  0.081   1.00 19.08 ? 456 PHE A CE2 1 
ATOM   150 C CZ  . PHE A 1 25 ? -10.135 11.658  -0.951  1.00 20.95 ? 456 PHE A CZ  1 
ATOM   151 N N   . VAL A 1 26 ? -7.850  11.477  5.774   1.00 14.53 ? 457 VAL A N   1 
ATOM   152 C CA  . VAL A 1 26 ? -7.303  11.232  7.124   1.00 13.68 ? 457 VAL A CA  1 
ATOM   153 C C   . VAL A 1 26 ? -7.395  9.752   7.445   1.00 12.43 ? 457 VAL A C   1 
ATOM   154 O O   . VAL A 1 26 ? -8.453  9.157   7.254   1.00 14.23 ? 457 VAL A O   1 
ATOM   155 C CB  . VAL A 1 26 ? -8.122  12.043  8.174   1.00 17.28 ? 457 VAL A CB  1 
ATOM   156 C CG1 . VAL A 1 26 ? -7.599  11.804  9.577   1.00 17.01 ? 457 VAL A CG1 1 
ATOM   157 C CG2 . VAL A 1 26 ? -8.140  13.503  7.835   1.00 21.50 ? 457 VAL A CG2 1 
ATOM   158 N N   . ASN A 1 27 ? -6.291  9.154   7.927   1.00 13.12 ? 458 ASN A N   1 
ATOM   159 C CA  . ASN A 1 27 ? -6.279  7.775   8.387   1.00 13.24 ? 458 ASN A CA  1 
ATOM   160 C C   . ASN A 1 27 ? -6.201  7.805   9.901   1.00 12.84 ? 458 ASN A C   1 
ATOM   161 O O   . ASN A 1 27 ? -5.122  8.054   10.452  1.00 13.97 ? 458 ASN A O   1 
ATOM   162 C CB  . ASN A 1 27 ? -5.165  6.955   7.791   1.00 14.28 ? 458 ASN A CB  1 
ATOM   163 C CG  . ASN A 1 27 ? -5.221  5.517   8.191   1.00 16.34 ? 458 ASN A CG  1 
ATOM   164 O OD1 . ASN A 1 27 ? -6.079  5.118   9.011   1.00 18.30 ? 458 ASN A OD1 1 
ATOM   165 N ND2 . ASN A 1 27 ? -4.325  4.723   7.671   1.00 17.50 ? 458 ASN A ND2 1 
ATOM   166 N N   . HIS A 1 28 ? -7.327  7.586   10.578  1.00 12.61 ? 459 HIS A N   1 
ATOM   167 C CA  . HIS A 1 28 ? -7.302  7.604   12.046  1.00 12.89 ? 459 HIS A CA  1 
ATOM   168 C C   . HIS A 1 28 ? -6.612  6.418   12.651  1.00 12.86 ? 459 HIS A C   1 
ATOM   169 O O   . HIS A 1 28 ? -6.363  6.418   13.882  1.00 15.53 ? 459 HIS A O   1 
ATOM   170 C CB  . HIS A 1 28 ? -8.734  7.708   12.564  1.00 13.67 ? 459 HIS A CB  1 
ATOM   171 C CG  . HIS A 1 28 ? -9.408  8.993   12.211  1.00 14.32 ? 459 HIS A CG  1 
ATOM   172 N ND1 . HIS A 1 28 ? -9.182  10.182  12.890  1.00 16.12 ? 459 HIS A ND1 1 
ATOM   173 C CD2 . HIS A 1 28 ? -10.323 9.289   11.232  1.00 14.92 ? 459 HIS A CD2 1 
ATOM   174 C CE1 . HIS A 1 28 ? -9.909  11.141  12.345  1.00 15.56 ? 459 HIS A CE1 1 
ATOM   175 N NE2 . HIS A 1 28 ? -10.646 10.607  11.371  1.00 15.54 ? 459 HIS A NE2 1 
ATOM   176 N N   . ASN A 1 29 ? -6.270  5.379   11.888  1.00 13.69 ? 460 ASN A N   1 
ATOM   177 C CA  . ASN A 1 29 ? -5.473  4.270   12.434  1.00 13.59 ? 460 ASN A CA  1 
ATOM   178 C C   . ASN A 1 29 ? -4.014  4.659   12.655  1.00 15.03 ? 460 ASN A C   1 
ATOM   179 O O   . ASN A 1 29 ? -3.394  4.212   13.598  1.00 17.86 ? 460 ASN A O   1 
ATOM   180 C CB  . ASN A 1 29 ? -5.599  3.003   11.557  1.00 15.35 ? 460 ASN A CB  1 
ATOM   181 C CG  . ASN A 1 29 ? -6.975  2.392   11.652  1.00 16.21 ? 460 ASN A CG  1 
ATOM   182 O OD1 . ASN A 1 29 ? -7.692  2.159   10.614  1.00 20.96 ? 460 ASN A OD1 1 
ATOM   183 N ND2 . ASN A 1 29 ? -7.385  2.174   12.823  1.00 13.40 ? 460 ASN A ND2 1 
ATOM   184 N N   . THR A 1 30 ? -3.478  5.486   11.775  1.00 13.53 ? 461 THR A N   1 
ATOM   185 C CA  . THR A 1 30 ? -2.086  5.962   11.877  1.00 13.46 ? 461 THR A CA  1 
ATOM   186 C C   . THR A 1 30 ? -1.965  7.413   12.226  1.00 12.93 ? 461 THR A C   1 
ATOM   187 O O   . THR A 1 30 ? -0.827  7.854   12.563  1.00 14.57 ? 461 THR A O   1 
ATOM   188 C CB  . THR A 1 30 ? -1.373  5.712   10.560  1.00 15.12 ? 461 THR A CB  1 
ATOM   189 O OG1 . THR A 1 30 ? -2.012  6.439   9.537   1.00 15.04 ? 461 THR A OG1 1 
ATOM   190 C CG2 . THR A 1 30 ? -1.334  4.230   10.231  1.00 15.87 ? 461 THR A CG2 1 
ATOM   191 N N   . ARG A 1 31 ? -3.049  8.184   12.171  1.00 13.30 ? 462 ARG A N   1 
ATOM   192 C CA  . ARG A 1 31 ? -3.078  9.616   12.442  1.00 12.88 ? 462 ARG A CA  1 
ATOM   193 C C   . ARG A 1 31 ? -2.371  10.460  11.390  1.00 13.29 ? 462 ARG A C   1 
ATOM   194 O O   . ARG A 1 31 ? -2.026  11.592  11.632  1.00 16.23 ? 462 ARG A O   1 
ATOM   195 C CB  . ARG A 1 31 ? -2.573  9.992   13.850  1.00 14.93 ? 462 ARG A CB  1 
ATOM   196 C CG  . ARG A 1 31 ? -3.024  9.064   14.979  1.00 15.60 ? 462 ARG A CG  1 
ATOM   197 C CD  . ARG A 1 31 ? -4.525  9.076   15.174  1.00 15.41 ? 462 ARG A CD  1 
ATOM   198 N NE  . ARG A 1 31 ? -4.922  8.010   16.107  1.00 15.89 ? 462 ARG A NE  1 
ATOM   199 C CZ  . ARG A 1 31 ? -6.144  7.904   16.643  1.00 15.07 ? 462 ARG A CZ  1 
ATOM   200 N NH1 . ARG A 1 31 ? -7.049  8.853   16.448  1.00 15.39 ? 462 ARG A NH1 1 
ATOM   201 N NH2 . ARG A 1 31 ? -6.400  6.866   17.445  1.00 16.39 ? 462 ARG A NH2 1 
ATOM   202 N N   . ILE A 1 32 ? -2.236  9.910   10.194  1.00 13.58 ? 463 ILE A N   1 
ATOM   203 C CA  . ILE A 1 32 ? -1.722  10.680  9.078   1.00 13.57 ? 463 ILE A CA  1 
ATOM   204 C C   . ILE A 1 32 ? -2.843  11.455  8.398   1.00 13.06 ? 463 ILE A C   1 
ATOM   205 O O   . ILE A 1 32 ? -4.044  11.129  8.539   1.00 13.67 ? 463 ILE A O   1 
ATOM   206 C CB  . ILE A 1 32 ? -0.920  9.781   8.060   1.00 13.61 ? 463 ILE A CB  1 
ATOM   207 C CG1 . ILE A 1 32 ? -1.813  8.781   7.307   1.00 14.20 ? 463 ILE A CG1 1 
ATOM   208 C CG2 . ILE A 1 32 ? 0.281   9.115   8.735   1.00 15.51 ? 463 ILE A CG2 1 
ATOM   209 C CD1 . ILE A 1 32 ? -2.487  9.319   6.057   1.00 14.89 ? 463 ILE A CD1 1 
ATOM   210 N N   . THR A 1 33 ? -2.432  12.395  7.555   1.00 13.29 ? 464 THR A N   1 
ATOM   211 C CA  . THR A 1 33 ? -3.304  12.909  6.531   1.00 13.53 ? 464 THR A CA  1 
ATOM   212 C C   . THR A 1 33 ? -2.525  12.871  5.214   1.00 13.61 ? 464 THR A C   1 
ATOM   213 O O   . THR A 1 33 ? -1.286  12.812  5.218   1.00 14.05 ? 464 THR A O   1 
ATOM   214 C CB  . THR A 1 33 ? -3.805  14.339  6.811   1.00 15.04 ? 464 THR A CB  1 
ATOM   215 O OG1 . THR A 1 33 ? -2.770  15.295  6.542   1.00 15.24 ? 464 THR A OG1 1 
ATOM   216 C CG2 . THR A 1 33 ? -4.326  14.493  8.231   1.00 15.79 ? 464 THR A CG2 1 
ATOM   217 N N   . GLN A 1 34 ? -3.266  12.879  4.106   1.00 13.80 ? 465 GLN A N   1 
ATOM   218 C CA  . GLN A 1 34 ? -2.638  12.798  2.799   1.00 14.39 ? 465 GLN A CA  1 
ATOM   219 C C   . GLN A 1 34 ? -3.565  13.378  1.754   1.00 14.93 ? 465 GLN A C   1 
ATOM   220 O O   . GLN A 1 34 ? -4.777  13.410  1.917   1.00 16.09 ? 465 GLN A O   1 
ATOM   221 C CB  . GLN A 1 34 ? -2.201  11.373  2.468   1.00 14.08 ? 465 GLN A CB  1 
ATOM   222 C CG  . GLN A 1 34 ? -3.348  10.386  2.325   1.00 14.03 ? 465 GLN A CG  1 
ATOM   223 C CD  . GLN A 1 34 ? -2.928  8.981   1.957   1.00 14.12 ? 465 GLN A CD  1 
ATOM   224 O OE1 . GLN A 1 34 ? -2.032  8.387   2.564   1.00 15.74 ? 465 GLN A OE1 1 
ATOM   225 N NE2 . GLN A 1 34 ? -3.581  8.424   0.926   1.00 16.59 ? 465 GLN A NE2 1 
ATOM   226 N N   . TRP A 1 35 ? -2.980  13.818  0.651   1.00 15.81 ? 466 TRP A N   1 
ATOM   227 C CA  . TRP A 1 35 ? -3.801  14.389  -0.439  1.00 16.20 ? 466 TRP A CA  1 
ATOM   228 C C   . TRP A 1 35 ? -4.529  13.346  -1.285  1.00 16.07 ? 466 TRP A C   1 
ATOM   229 O O   . TRP A 1 35 ? -5.624  13.634  -1.800  1.00 20.59 ? 466 TRP A O   1 
ATOM   230 C CB  . TRP A 1 35 ? -2.910  15.252  -1.359  1.00 17.12 ? 466 TRP A CB  1 
ATOM   231 C CG  . TRP A 1 35 ? -2.480  16.511  -0.731  1.00 16.07 ? 466 TRP A CG  1 
ATOM   232 C CD1 . TRP A 1 35 ? -1.158  16.875  -0.409  1.00 16.82 ? 466 TRP A CD1 1 
ATOM   233 C CD2 . TRP A 1 35 ? -3.297  17.614  -0.327  1.00 18.70 ? 466 TRP A CD2 1 
ATOM   234 N NE1 . TRP A 1 35 ? -1.142  18.108  0.165   1.00 19.29 ? 466 TRP A NE1 1 
ATOM   235 C CE2 . TRP A 1 35 ? -2.426  18.597  0.243   1.00 19.28 ? 466 TRP A CE2 1 
ATOM   236 C CE3 . TRP A 1 35 ? -4.667  17.889  -0.381  1.00 20.10 ? 466 TRP A CE3 1 
ATOM   237 C CZ2 . TRP A 1 35 ? -2.888  19.801  0.737   1.00 22.10 ? 466 TRP A CZ2 1 
ATOM   238 C CZ3 . TRP A 1 35 ? -5.135  19.088  0.149   1.00 23.47 ? 466 TRP A CZ3 1 
ATOM   239 C CH2 . TRP A 1 35 ? -4.244  20.039  0.698   1.00 24.60 ? 466 TRP A CH2 1 
ATOM   240 N N   . GLU A 1 36 ? -3.915  12.161  -1.463  1.00 15.23 ? 467 GLU A N   1 
ATOM   241 C CA  A GLU A 1 36 ? -4.434  11.158  -2.388  0.60 18.89 ? 467 GLU A CA  1 
ATOM   242 C CA  B GLU A 1 36 ? -4.430  11.147  -2.374  0.40 18.46 ? 467 GLU A CA  1 
ATOM   243 C C   . GLU A 1 36 ? -5.528  10.332  -1.739  1.00 18.88 ? 467 GLU A C   1 
ATOM   244 O O   . GLU A 1 36 ? -5.471  10.004  -0.547  1.00 19.24 ? 467 GLU A O   1 
ATOM   245 C CB  A GLU A 1 36 ? -3.338  10.209  -2.869  0.60 24.57 ? 467 GLU A CB  1 
ATOM   246 C CB  B GLU A 1 36 ? -3.328  10.192  -2.781  0.40 22.26 ? 467 GLU A CB  1 
ATOM   247 C CG  A GLU A 1 36 ? -2.264  10.846  -3.777  0.60 23.75 ? 467 GLU A CG  1 
ATOM   248 C CD  A GLU A 1 36 ? -1.181  9.819   -4.268  0.60 24.78 ? 467 GLU A CD  1 
ATOM   249 N N   . ASP A 1 37 ? -6.537  9.980   -2.524  1.00 20.27 ? 468 ASP A N   1 
ATOM   250 C CA  . ASP A 1 37 ? -7.609  9.105   -2.068  1.00 18.17 ? 468 ASP A CA  1 
ATOM   251 C C   . ASP A 1 37 ? -7.033  7.736   -1.856  1.00 18.77 ? 468 ASP A C   1 
ATOM   252 O O   . ASP A 1 37 ? -6.403  7.151   -2.746  1.00 21.01 ? 468 ASP A O   1 
ATOM   253 C CB  . ASP A 1 37 ? -8.696  9.110   -3.155  1.00 19.07 ? 468 ASP A CB  1 
ATOM   254 C CG  . ASP A 1 37 ? -9.993  8.431   -2.735  1.00 20.00 ? 468 ASP A CG  1 
ATOM   255 O OD1 . ASP A 1 37 ? -9.919  7.346   -2.120  1.00 19.58 ? 468 ASP A OD1 1 
ATOM   256 O OD2 . ASP A 1 37 ? -11.079 8.988   -3.105  1.00 23.52 ? 468 ASP A OD2 1 
ATOM   257 N N   . PRO A 1 38 ? -7.247  7.144   -0.658  1.00 18.11 ? 469 PRO A N   1 
ATOM   258 C CA  . PRO A 1 38 ? -6.703  5.823   -0.439  1.00 18.75 ? 469 PRO A CA  1 
ATOM   259 C C   . PRO A 1 38 ? -7.293  4.680   -1.275  1.00 21.81 ? 469 PRO A C   1 
ATOM   260 O O   . PRO A 1 38 ? -6.703  3.598   -1.336  1.00 30.04 ? 469 PRO A O   1 
ATOM   261 C CB  . PRO A 1 38 ? -7.002  5.579   1.041   1.00 19.49 ? 469 PRO A CB  1 
ATOM   262 C CG  . PRO A 1 38 ? -8.243  6.350   1.295   1.00 19.94 ? 469 PRO A CG  1 
ATOM   263 C CD  . PRO A 1 38 ? -8.025  7.614   0.494   1.00 19.39 ? 469 PRO A CD  1 
ATOM   264 N N   . ARG A 1 39 ? -8.426  4.947   -1.941  1.00 21.43 ? 470 ARG A N   1 
ATOM   265 C CA  . ARG A 1 39 ? -9.045  4.005   -2.843  1.00 22.75 ? 470 ARG A CA  1 
ATOM   266 C C   . ARG A 1 39 ? -8.372  3.994   -4.242  1.00 28.89 ? 470 ARG A C   1 
ATOM   267 O O   . ARG A 1 39 ? -8.612  3.091   -5.009  1.00 40.69 ? 470 ARG A O   1 
ATOM   268 C CB  . ARG A 1 39 ? -10.518 4.354   -2.975  1.00 22.28 ? 470 ARG A CB  1 
ATOM   269 C CG  . ARG A 1 39 ? -11.299 4.216   -1.711  1.00 23.81 ? 470 ARG A CG  1 
ATOM   270 C CD  . ARG A 1 39 ? -12.679 4.798   -1.854  1.00 25.44 ? 470 ARG A CD  1 
ATOM   271 N NE  . ARG A 1 39 ? -12.634 6.225   -1.913  1.00 22.32 ? 470 ARG A NE  1 
ATOM   272 C CZ  . ARG A 1 39 ? -13.627 7.049   -1.713  1.00 25.42 ? 470 ARG A CZ  1 
ATOM   273 N NH1 . ARG A 1 39 ? -14.847 6.592   -1.455  1.00 30.34 ? 470 ARG A NH1 1 
ATOM   274 N NH2 . ARG A 1 39 ? -13.421 8.357   -1.762  1.00 28.74 ? 470 ARG A NH2 1 
ATOM   275 N N   . SER A 1 40 ? -7.545  4.994   -4.535  1.00 30.03 ? 471 SER A N   1 
ATOM   276 C CA  A SER A 1 40 ? -6.819  5.093   -5.818  0.50 33.92 ? 471 SER A CA  1 
ATOM   277 C CA  B SER A 1 40 ? -6.833  5.077   -5.821  0.50 34.39 ? 471 SER A CA  1 
ATOM   278 C C   . SER A 1 40 ? -5.484  4.333   -5.717  1.00 40.13 ? 471 SER A C   1 
ATOM   279 O O   . SER A 1 40 ? -5.004  4.090   -4.642  1.00 40.38 ? 471 SER A O   1 
ATOM   280 C CB  A SER A 1 40 ? -6.575  6.568   -6.180  0.50 36.39 ? 471 SER A CB  1 
ATOM   281 C CB  B SER A 1 40 ? -6.631  6.542   -6.199  0.50 37.59 ? 471 SER A CB  1 
ATOM   282 O OG  A SER A 1 40 ? -5.648  7.200   -5.302  0.50 35.95 ? 471 SER A OG  1 
ATOM   283 O OG  B SER A 1 40 ? -7.882  7.185   -6.412  0.50 35.55 ? 471 SER A OG  1 
ATOM   284 N N   . GLN A 1 41 ? -4.885  3.983   -6.838  1.00 43.35 ? 472 GLN A N   1 
ATOM   285 C CA  . GLN A 1 41 ? -3.591  3.293   -6.838  1.00 45.63 ? 472 GLN A CA  1 
ATOM   286 C CA  . GLU A 1 46 ? 5.604   4.859   -8.682  1.00 69.55 ? 477 GLU A CA  1 
ATOM   287 C C   . GLU A 1 46 ? 6.352   4.657   -7.339  1.00 61.36 ? 477 GLU A C   1 
ATOM   288 O O   . GLU A 1 46 ? 7.481   5.169   -7.131  1.00 57.56 ? 477 GLU A O   1 
ATOM   289 N N   . LYS A 1 47 ? 5.719   3.911   -6.438  1.00 50.00 ? 478 LYS A N   1 
ATOM   290 C CA  . LYS A 1 47 ? 6.259   3.684   -5.105  1.00 37.00 ? 478 LYS A CA  1 
ATOM   291 C C   . LYS A 1 47 ? 7.165   2.474   -5.141  1.00 34.55 ? 478 LYS A C   1 
ATOM   292 O O   . LYS A 1 47 ? 6.708   1.388   -5.468  1.00 31.96 ? 478 LYS A O   1 
ATOM   293 C CB  . LYS A 1 47 ? 5.133   3.464   -4.086  1.00 38.24 ? 478 LYS A CB  1 
ATOM   294 C CG  . LYS A 1 47 ? 5.590   3.363   -2.625  1.00 35.25 ? 478 LYS A CG  1 
ATOM   295 C CD  . LYS A 1 47 ? 4.393   2.956   -1.790  1.00 40.04 ? 478 LYS A CD  1 
ATOM   296 C CE  . LYS A 1 47 ? 4.649   2.864   -0.308  1.00 48.26 ? 478 LYS A CE  1 
ATOM   297 N NZ  . LYS A 1 47 ? 3.373   3.109   0.469   1.00 49.04 ? 478 LYS A NZ  1 
ATOM   298 N N   . PRO A 1 48 ? 8.462   2.654   -4.800  1.00 31.69 ? 479 PRO A N   1 
ATOM   299 C CA  . PRO A 1 48 ? 9.344   1.498   -4.899  1.00 29.55 ? 479 PRO A CA  1 
ATOM   300 C C   . PRO A 1 48 ? 9.028   0.432   -3.835  1.00 25.57 ? 479 PRO A C   1 
ATOM   301 O O   . PRO A 1 48 ? 8.521   0.732   -2.739  1.00 24.43 ? 479 PRO A O   1 
ATOM   302 C CB  . PRO A 1 48 ? 10.728  2.098   -4.676  1.00 33.04 ? 479 PRO A CB  1 
ATOM   303 C CG  . PRO A 1 48 ? 10.482  3.256   -3.804  1.00 33.48 ? 479 PRO A CG  1 
ATOM   304 C CD  . PRO A 1 48 ? 9.156   3.817   -4.219  1.00 31.93 ? 479 PRO A CD  1 
ATOM   305 N N   . LEU A 1 49 ? 9.341   -0.803  -4.154  1.00 23.59 ? 480 LEU A N   1 
ATOM   306 C CA  . LEU A 1 49 ? 9.326   -1.855  -3.122  1.00 21.96 ? 480 LEU A CA  1 
ATOM   307 C C   . LEU A 1 49 ? 10.447  -1.529  -2.124  1.00 21.33 ? 480 LEU A C   1 
ATOM   308 O O   . LEU A 1 49 ? 11.450  -0.871  -2.494  1.00 23.91 ? 480 LEU A O   1 
ATOM   309 C CB  . LEU A 1 49 ? 9.531   -3.243  -3.745  1.00 22.70 ? 480 LEU A CB  1 
ATOM   310 C CG  . LEU A 1 49 ? 8.315   -3.765  -4.528  1.00 24.00 ? 480 LEU A CG  1 
ATOM   311 C CD1 . LEU A 1 49 ? 8.742   -4.913  -5.407  1.00 25.06 ? 480 LEU A CD1 1 
ATOM   312 C CD2 . LEU A 1 49 ? 7.221   -4.217  -3.583  1.00 26.08 ? 480 LEU A CD2 1 
ATOM   313 N N   . PRO A 1 50 ? 10.304  -1.991  -0.891  1.00 20.74 ? 481 PRO A N   1 
ATOM   314 C CA  . PRO A 1 50 ? 11.370  -1.785  0.042   1.00 21.80 ? 481 PRO A CA  1 
ATOM   315 C C   . PRO A 1 50 ? 12.655  -2.512  -0.403  1.00 19.45 ? 481 PRO A C   1 
ATOM   316 O O   . PRO A 1 50 ? 12.635  -3.454  -1.210  1.00 19.82 ? 481 PRO A O   1 
ATOM   317 C CB  . PRO A 1 50 ? 10.840  -2.382  1.336   1.00 25.13 ? 481 PRO A CB  1 
ATOM   318 C CG  . PRO A 1 50 ? 9.578   -3.035  1.055   1.00 25.90 ? 481 PRO A CG  1 
ATOM   319 C CD  . PRO A 1 50 ? 9.129   -2.640  -0.299  1.00 22.74 ? 481 PRO A CD  1 
ATOM   320 N N   . GLU A 1 51 ? 13.779  -2.045  0.124   1.00 19.64 ? 482 GLU A N   1 
ATOM   321 C CA  . GLU A 1 51 ? 15.087  -2.591  -0.197  1.00 20.98 ? 482 GLU A CA  1 
ATOM   322 C C   . GLU A 1 51 ? 15.110  -4.084  -0.038  1.00 19.54 ? 482 GLU A C   1 
ATOM   323 O O   . GLU A 1 51 ? 14.661  -4.624  0.969   1.00 19.11 ? 482 GLU A O   1 
ATOM   324 C CB  . GLU A 1 51 ? 16.125  -1.985  0.735   1.00 22.67 ? 482 GLU A CB  1 
ATOM   325 C CG  A GLU A 1 51 ? 17.526  -2.530  0.585   0.50 27.86 ? 482 GLU A CG  1 
ATOM   326 C CG  B GLU A 1 51 ? 17.540  -2.427  0.463   0.50 26.69 ? 482 GLU A CG  1 
ATOM   327 C CD  A GLU A 1 51 ? 18.462  -1.917  1.587   0.50 34.35 ? 482 GLU A CD  1 
ATOM   328 O OE1 A GLU A 1 51 ? 18.918  -2.627  2.534   0.50 38.15 ? 482 GLU A OE1 1 
ATOM   329 O OE2 A GLU A 1 51 ? 18.699  -0.718  1.432   0.50 36.82 ? 482 GLU A OE2 1 
ATOM   330 N N   . GLY A 1 52 ? 15.632  -4.730  -1.045  1.00 17.80 ? 483 GLY A N   1 
ATOM   331 C CA  . GLY A 1 52 ? 15.769  -6.197  -1.078  1.00 18.24 ? 483 GLY A CA  1 
ATOM   332 C C   . GLY A 1 52 ? 14.579  -6.971  -1.620  1.00 15.58 ? 483 GLY A C   1 
ATOM   333 O O   . GLY A 1 52 ? 14.626  -8.207  -1.656  1.00 16.34 ? 483 GLY A O   1 
ATOM   334 N N   . TRP A 1 53 ? 13.523  -6.257  -2.021  1.00 16.50 ? 484 TRP A N   1 
ATOM   335 C CA  . TRP A 1 53 ? 12.347  -6.912  -2.561  1.00 16.22 ? 484 TRP A CA  1 
ATOM   336 C C   . TRP A 1 53 ? 12.238  -6.722  -4.088  1.00 16.18 ? 484 TRP A C   1 
ATOM   337 O O   . TRP A 1 53 ? 12.676  -5.720  -4.659  1.00 18.99 ? 484 TRP A O   1 
ATOM   338 C CB  . TRP A 1 53 ? 11.110  -6.400  -1.921  1.00 17.03 ? 484 TRP A CB  1 
ATOM   339 C CG  . TRP A 1 53 ? 10.882  -6.706  -0.470  1.00 16.01 ? 484 TRP A CG  1 
ATOM   340 C CD1 . TRP A 1 53 ? 11.534  -6.166  0.600   1.00 17.53 ? 484 TRP A CD1 1 
ATOM   341 C CD2 . TRP A 1 53 ? 9.873   -7.528  0.062   1.00 14.68 ? 484 TRP A CD2 1 
ATOM   342 N NE1 . TRP A 1 53 ? 10.994  -6.621  1.743   1.00 17.67 ? 484 TRP A NE1 1 
ATOM   343 C CE2 . TRP A 1 53 ? 9.952   -7.445  1.464   1.00 15.67 ? 484 TRP A CE2 1 
ATOM   344 C CE3 . TRP A 1 53 ? 8.877   -8.329  -0.514  1.00 16.09 ? 484 TRP A CE3 1 
ATOM   345 C CZ2 . TRP A 1 53 ? 9.069   -8.126  2.297   1.00 16.04 ? 484 TRP A CZ2 1 
ATOM   346 C CZ3 . TRP A 1 53 ? 8.019   -9.014  0.297   1.00 17.12 ? 484 TRP A CZ3 1 
ATOM   347 C CH2 . TRP A 1 53 ? 8.117   -8.904  1.693   1.00 16.45 ? 484 TRP A CH2 1 
ATOM   348 N N   . GLU A 1 54 ? 11.571  -7.699  -4.719  1.00 15.74 ? 485 GLU A N   1 
ATOM   349 C CA  . GLU A 1 54 ? 11.283  -7.697  -6.141  1.00 16.64 ? 485 GLU A CA  1 
ATOM   350 C C   . GLU A 1 54 ? 9.885   -8.220  -6.351  1.00 16.01 ? 485 GLU A C   1 
ATOM   351 O O   . GLU A 1 54 ? 9.390   -9.054  -5.569  1.00 18.37 ? 485 GLU A O   1 
ATOM   352 C CB  . GLU A 1 54 ? 12.292  -8.670  -6.770  1.00 22.18 ? 485 GLU A CB  1 
ATOM   353 C CG  . GLU A 1 54 ? 12.263  -8.947  -8.167  1.00 30.07 ? 485 GLU A CG  1 
ATOM   354 C CD  . GLU A 1 54 ? 13.256  -10.059 -8.556  1.00 30.13 ? 485 GLU A CD  1 
ATOM   355 O OE1 . GLU A 1 54 ? 14.287  -10.351 -7.827  1.00 29.65 ? 485 GLU A OE1 1 
ATOM   356 O OE2 . GLU A 1 54 ? 13.030  -10.602 -9.631  1.00 34.76 ? 485 GLU A OE2 1 
ATOM   357 N N   . MET A 1 55 ? 9.278   -7.816  -7.459  1.00 16.33 ? 486 MET A N   1 
ATOM   358 C CA  . MET A 1 55 ? 7.978   -8.366  -7.878  1.00 15.55 ? 486 MET A CA  1 
ATOM   359 C C   . MET A 1 55 ? 8.184   -9.361  -9.023  1.00 17.03 ? 486 MET A C   1 
ATOM   360 O O   . MET A 1 55 ? 8.946   -9.091  -9.941  1.00 18.97 ? 486 MET A O   1 
ATOM   361 C CB  . MET A 1 55 ? 7.060   -7.240  -8.345  1.00 19.76 ? 486 MET A CB  1 
ATOM   362 C CG  A MET A 1 55 ? 5.614   -7.668  -8.602  0.50 21.39 ? 486 MET A CG  1 
ATOM   363 C CG  B MET A 1 55 ? 5.610   -7.688  -8.540  0.50 20.51 ? 486 MET A CG  1 
ATOM   364 S SD  A MET A 1 55 ? 4.563   -6.420  -9.320  0.50 27.21 ? 486 MET A SD  1 
ATOM   365 S SD  B MET A 1 55 ? 4.464   -6.354  -8.782  0.50 24.03 ? 486 MET A SD  1 
ATOM   366 C CE  A MET A 1 55 ? 4.331   -5.325  -7.945  0.50 29.38 ? 486 MET A CE  1 
ATOM   367 C CE  B MET A 1 55 ? 5.076   -5.840  -10.402 0.50 22.99 ? 486 MET A CE  1 
ATOM   368 N N   . ARG A 1 56 ? 7.470   -10.473 -8.966  1.00 14.50 ? 487 ARG A N   1 
ATOM   369 C CA  . ARG A 1 56 ? 7.424   -11.473 -10.027 1.00 13.97 ? 487 ARG A CA  1 
ATOM   370 C C   . ARG A 1 56 ? 5.949   -11.800 -10.300 1.00 14.82 ? 487 ARG A C   1 
ATOM   371 O O   . ARG A 1 56 ? 5.056   -11.351 -9.594  1.00 15.41 ? 487 ARG A O   1 
ATOM   372 C CB  . ARG A 1 56 ? 8.177   -12.756 -9.630  1.00 16.08 ? 487 ARG A CB  1 
ATOM   373 C CG  . ARG A 1 56 ? 9.685   -12.557 -9.473  1.00 20.14 ? 487 ARG A CG  1 
ATOM   374 C CD  . ARG A 1 56 ? 10.426  -12.538 -10.746 1.00 24.88 ? 487 ARG A CD  1 
ATOM   375 N NE  . ARG A 1 56 ? 11.873  -12.824 -10.501 1.00 31.04 ? 487 ARG A NE  1 
ATOM   376 C CZ  . ARG A 1 56 ? 12.510  -13.996 -10.724 1.00 35.74 ? 487 ARG A CZ  1 
ATOM   377 N NH1 . ARG A 1 56 ? 11.906  -15.118 -11.266 1.00 32.68 ? 487 ARG A NH1 1 
ATOM   378 N NH2 . ARG A 1 56 ? 13.801  -14.041 -10.437 1.00 38.37 ? 487 ARG A NH2 1 
ATOM   379 N N   . PHE A 1 57 ? 5.714   -12.573 -11.352 1.00 14.57 ? 488 PHE A N   1 
ATOM   380 C CA  . PHE A 1 57 ? 4.350   -12.989 -11.715 1.00 14.27 ? 488 PHE A CA  1 
ATOM   381 C C   . PHE A 1 57 ? 4.298   -14.504 -11.800 1.00 14.14 ? 488 PHE A C   1 
ATOM   382 O O   . PHE A 1 57 ? 5.215   -15.145 -12.317 1.00 14.81 ? 488 PHE A O   1 
ATOM   383 C CB  . PHE A 1 57 ? 3.923   -12.360 -13.042 1.00 15.93 ? 488 PHE A CB  1 
ATOM   384 C CG  . PHE A 1 57 ? 3.832   -10.874 -12.950 1.00 18.57 ? 488 PHE A CG  1 
ATOM   385 C CD1 . PHE A 1 57 ? 4.966   -10.093 -13.183 1.00 23.23 ? 488 PHE A CD1 1 
ATOM   386 C CD2 . PHE A 1 57 ? 2.653   -10.243 -12.548 1.00 24.30 ? 488 PHE A CD2 1 
ATOM   387 C CE1 . PHE A 1 57 ? 4.940   -8.700  -13.020 1.00 27.92 ? 488 PHE A CE1 1 
ATOM   388 C CE2 . PHE A 1 57 ? 2.611   -8.833  -12.402 1.00 28.48 ? 488 PHE A CE2 1 
ATOM   389 C CZ  . PHE A 1 57 ? 3.752   -8.076  -12.630 1.00 33.62 ? 488 PHE A CZ  1 
ATOM   390 N N   . THR A 1 58 ? 3.194   -15.078 -11.282 1.00 14.54 ? 489 THR A N   1 
ATOM   391 C CA  . THR A 1 58 ? 2.966   -16.491 -11.432 1.00 15.44 ? 489 THR A CA  1 
ATOM   392 C C   . THR A 1 58 ? 2.612   -16.821 -12.907 1.00 14.70 ? 489 THR A C   1 
ATOM   393 O O   . THR A 1 58 ? 2.339   -15.917 -13.720 1.00 15.36 ? 489 THR A O   1 
ATOM   394 C CB  . THR A 1 58 ? 1.858   -16.981 -10.532 1.00 15.88 ? 489 THR A CB  1 
ATOM   395 O OG1 . THR A 1 58 ? 0.594   -16.522 -11.008 1.00 17.66 ? 489 THR A OG1 1 
ATOM   396 C CG2 . THR A 1 58 ? 2.080   -16.549 -9.053  1.00 17.09 ? 489 THR A CG2 1 
ATOM   397 N N   . VAL A 1 59 ? 2.531   -18.109 -13.172 1.00 15.00 ? 490 VAL A N   1 
ATOM   398 C CA  . VAL A 1 59 ? 2.083   -18.600 -14.461 1.00 14.73 ? 490 VAL A CA  1 
ATOM   399 C C   . VAL A 1 59 ? 0.749   -17.943 -14.872 1.00 16.62 ? 490 VAL A C   1 
ATOM   400 O O   . VAL A 1 59 ? 0.505   -17.687 -16.077 1.00 16.57 ? 490 VAL A O   1 
ATOM   401 C CB  . VAL A 1 59 ? 2.034   -20.121 -14.486 1.00 17.87 ? 490 VAL A CB  1 
ATOM   402 C CG1 . VAL A 1 59 ? 0.997   -20.684 -13.524 1.00 21.16 ? 490 VAL A CG1 1 
ATOM   403 C CG2 . VAL A 1 59 ? 1.720   -20.638 -15.879 1.00 18.48 ? 490 VAL A CG2 1 
ATOM   404 N N   . ASP A 1 60 ? -0.102  -17.667 -13.881 1.00 16.50 ? 491 ASP A N   1 
ATOM   405 C CA  . ASP A 1 60 ? -1.418  -17.059 -14.104 1.00 17.44 ? 491 ASP A CA  1 
ATOM   406 C C   . ASP A 1 60 ? -1.420  -15.550 -14.194 1.00 18.30 ? 491 ASP A C   1 
ATOM   407 O O   . ASP A 1 60 ? -2.473  -14.928 -14.269 1.00 21.99 ? 491 ASP A O   1 
ATOM   408 C CB  . ASP A 1 60 ? -2.393  -17.518 -13.009 1.00 20.06 ? 491 ASP A CB  1 
ATOM   409 C CG  . ASP A 1 60 ? -2.666  -19.001 -13.041 1.00 21.77 ? 491 ASP A CG  1 
ATOM   410 O OD1 . ASP A 1 60 ? -2.892  -19.579 -14.143 1.00 22.45 ? 491 ASP A OD1 1 
ATOM   411 O OD2 . ASP A 1 60 ? -2.754  -19.596 -11.956 1.00 31.94 ? 491 ASP A OD2 1 
ATOM   412 N N   . GLY A 1 61 ? -0.240  -14.914 -14.173 1.00 16.64 ? 492 GLY A N   1 
ATOM   413 C CA  . GLY A 1 61 ? -0.175  -13.493 -14.213 1.00 17.33 ? 492 GLY A CA  1 
ATOM   414 C C   . GLY A 1 61 ? -0.501  -12.777 -12.923 1.00 18.25 ? 492 GLY A C   1 
ATOM   415 O O   . GLY A 1 61 ? -0.767  -11.578 -12.941 1.00 21.43 ? 492 GLY A O   1 
ATOM   416 N N   . ILE A 1 62 ? -0.422  -13.498 -11.807 1.00 17.38 ? 493 ILE A N   1 
ATOM   417 C CA  . ILE A 1 62 ? -0.706  -12.912 -10.501 1.00 17.72 ? 493 ILE A CA  1 
ATOM   418 C C   . ILE A 1 62 ? 0.631   -12.412 -9.908  1.00 15.48 ? 493 ILE A C   1 
ATOM   419 O O   . ILE A 1 62 ? 1.592   -13.174 -9.813  1.00 16.48 ? 493 ILE A O   1 
ATOM   420 C CB  . ILE A 1 62 ? -1.328  -13.930 -9.537  1.00 20.11 ? 493 ILE A CB  1 
ATOM   421 C CG1 . ILE A 1 62 ? -2.546  -14.655 -10.142 1.00 23.62 ? 493 ILE A CG1 1 
ATOM   422 C CG2 . ILE A 1 62 ? -1.703  -13.232 -8.217  1.00 19.77 ? 493 ILE A CG2 1 
ATOM   423 C CD1 . ILE A 1 62 ? -3.630  -13.752 -10.596 1.00 30.04 ? 493 ILE A CD1 1 
ATOM   424 N N   . PRO A 1 63 ? 0.668   -11.127 -9.504  1.00 15.94 ? 494 PRO A N   1 
ATOM   425 C CA  . PRO A 1 63 ? 1.904   -10.649 -8.856  1.00 15.78 ? 494 PRO A CA  1 
ATOM   426 C C   . PRO A 1 63 ? 2.157   -11.310 -7.519  1.00 15.64 ? 494 PRO A C   1 
ATOM   427 O O   . PRO A 1 63 ? 1.228   -11.630 -6.760  1.00 16.71 ? 494 PRO A O   1 
ATOM   428 C CB  . PRO A 1 63 ? 1.685   -9.154  -8.706  1.00 18.93 ? 494 PRO A CB  1 
ATOM   429 C CG  . PRO A 1 63 ? 0.280   -8.938  -8.904  1.00 26.20 ? 494 PRO A CG  1 
ATOM   430 C CD  . PRO A 1 63 ? -0.362  -10.068 -9.552  1.00 20.08 ? 494 PRO A CD  1 
ATOM   431 N N   . TYR A 1 64 ? 3.432   -11.546 -7.254  1.00 15.05 ? 495 TYR A N   1 
ATOM   432 C CA  . TYR A 1 64 ? 3.876   -11.924 -5.890  1.00 13.49 ? 495 TYR A CA  1 
ATOM   433 C C   . TYR A 1 64 ? 5.218   -11.249 -5.635  1.00 14.31 ? 495 TYR A C   1 
ATOM   434 O O   . TYR A 1 64 ? 5.841   -10.657 -6.523  1.00 14.57 ? 495 TYR A O   1 
ATOM   435 C CB  . TYR A 1 64 ? 3.908   -13.436 -5.701  1.00 14.53 ? 495 TYR A CB  1 
ATOM   436 C CG  . TYR A 1 64 ? 4.962   -14.150 -6.482  1.00 14.19 ? 495 TYR A CG  1 
ATOM   437 C CD1 . TYR A 1 64 ? 4.741   -14.466 -7.808  1.00 14.69 ? 495 TYR A CD1 1 
ATOM   438 C CD2 . TYR A 1 64 ? 6.171   -14.560 -5.916  1.00 15.38 ? 495 TYR A CD2 1 
ATOM   439 C CE1 . TYR A 1 64 ? 5.678   -15.184 -8.549  1.00 14.72 ? 495 TYR A CE1 1 
ATOM   440 C CE2 . TYR A 1 64 ? 7.121   -15.221 -6.654  1.00 13.66 ? 495 TYR A CE2 1 
ATOM   441 C CZ  . TYR A 1 64 ? 6.888   -15.539 -7.979  1.00 14.12 ? 495 TYR A CZ  1 
ATOM   442 O OH  . TYR A 1 64 ? 7.827   -16.212 -8.689  1.00 15.64 ? 495 TYR A OH  1 
ATOM   443 N N   . PHE A 1 65 ? 5.649   -11.320 -4.375  1.00 13.41 ? 496 PHE A N   1 
ATOM   444 C CA  . PHE A 1 65 ? 6.710   -10.482 -3.837  1.00 13.45 ? 496 PHE A CA  1 
ATOM   445 C C   . PHE A 1 65 ? 7.781   -11.390 -3.276  1.00 13.65 ? 496 PHE A C   1 
ATOM   446 O O   . PHE A 1 65 ? 7.529   -12.284 -2.485  1.00 15.27 ? 496 PHE A O   1 
ATOM   447 C CB  . PHE A 1 65 ? 6.103   -9.484  -2.834  1.00 14.65 ? 496 PHE A CB  1 
ATOM   448 C CG  . PHE A 1 65 ? 5.086   -8.638  -3.464  1.00 15.69 ? 496 PHE A CG  1 
ATOM   449 C CD1 . PHE A 1 65 ? 5.449   -7.540  -4.207  1.00 17.56 ? 496 PHE A CD1 1 
ATOM   450 C CD2 . PHE A 1 65 ? 3.728   -9.048  -3.461  1.00 16.84 ? 496 PHE A CD2 1 
ATOM   451 C CE1 . PHE A 1 65 ? 4.460   -6.799  -4.891  1.00 19.96 ? 496 PHE A CE1 1 
ATOM   452 C CE2 . PHE A 1 65 ? 2.756   -8.314  -4.139  1.00 18.38 ? 496 PHE A CE2 1 
ATOM   453 C CZ  . PHE A 1 65 ? 3.121   -7.189  -4.840  1.00 18.94 ? 496 PHE A CZ  1 
ATOM   454 N N   . VAL A 1 66 ? 9.000   -11.112 -3.730  1.00 13.58 ? 497 VAL A N   1 
ATOM   455 C CA  . VAL A 1 66 ? 10.198  -11.867 -3.344  1.00 13.08 ? 497 VAL A CA  1 
ATOM   456 C C   . VAL A 1 66 ? 11.017  -10.984 -2.413  1.00 14.09 ? 497 VAL A C   1 
ATOM   457 O O   . VAL A 1 66 ? 11.386  -9.880  -2.761  1.00 14.99 ? 497 VAL A O   1 
ATOM   458 C CB  . VAL A 1 66 ? 11.034  -12.222 -4.571  1.00 14.07 ? 497 VAL A CB  1 
ATOM   459 C CG1 . VAL A 1 66 ? 12.297  -12.994 -4.191  1.00 17.03 ? 497 VAL A CG1 1 
ATOM   460 C CG2 . VAL A 1 66 ? 10.218  -13.004 -5.629  1.00 16.42 ? 497 VAL A CG2 1 
ATOM   461 N N   . ASP A 1 67 ? 11.227  -11.510 -1.188  1.00 13.10 ? 498 ASP A N   1 
ATOM   462 C CA  . ASP A 1 67 ? 12.008  -10.808 -0.149  1.00 13.02 ? 498 ASP A CA  1 
ATOM   463 C C   . ASP A 1 67 ? 13.368  -11.474 -0.071  1.00 13.13 ? 498 ASP A C   1 
ATOM   464 O O   . ASP A 1 67 ? 13.529  -12.543 0.515   1.00 14.18 ? 498 ASP A O   1 
ATOM   465 C CB  . ASP A 1 67 ? 11.249  -10.838 1.148   1.00 13.53 ? 498 ASP A CB  1 
ATOM   466 C CG  . ASP A 1 67 ? 12.006  -10.216 2.312   1.00 14.62 ? 498 ASP A CG  1 
ATOM   467 O OD1 . ASP A 1 67 ? 13.191  -9.842  2.140   1.00 15.80 ? 498 ASP A OD1 1 
ATOM   468 O OD2 . ASP A 1 67 ? 11.392  -10.130 3.410   1.00 15.53 ? 498 ASP A OD2 1 
ATOM   469 N N   . HIS A 1 68 ? 14.369  -10.823 -0.704  1.00 13.47 ? 499 HIS A N   1 
ATOM   470 C CA  . HIS A 1 68 ? 15.727  -11.352 -0.699  1.00 14.85 ? 499 HIS A CA  1 
ATOM   471 C C   . HIS A 1 68 ? 16.460  -11.194 0.648   1.00 15.94 ? 499 HIS A C   1 
ATOM   472 O O   . HIS A 1 68 ? 17.547  -11.786 0.836   1.00 19.20 ? 499 HIS A O   1 
ATOM   473 C CB  . HIS A 1 68 ? 16.567  -10.716 -1.809  1.00 15.14 ? 499 HIS A CB  1 
ATOM   474 C CG  . HIS A 1 68 ? 16.080  -11.004 -3.193  1.00 14.99 ? 499 HIS A CG  1 
ATOM   475 N ND1 . HIS A 1 68 ? 16.295  -12.189 -3.798  1.00 17.56 ? 499 HIS A ND1 1 
ATOM   476 C CD2 . HIS A 1 68 ? 15.441  -10.219 -4.089  1.00 19.80 ? 499 HIS A CD2 1 
ATOM   477 C CE1 . HIS A 1 68 ? 15.760  -12.155 -5.020  1.00 18.65 ? 499 HIS A CE1 1 
ATOM   478 N NE2 . HIS A 1 68 ? 15.254  -10.958 -5.218  1.00 21.10 ? 499 HIS A NE2 1 
ATOM   479 N N   . ASN A 1 69 ? 15.893  -10.381 1.541   1.00 14.48 ? 500 ASN A N   1 
ATOM   480 C CA  . ASN A 1 69 ? 16.469  -10.170 2.886   1.00 14.84 ? 500 ASN A CA  1 
ATOM   481 C C   . ASN A 1 69 ? 16.269  -11.444 3.710   1.00 16.04 ? 500 ASN A C   1 
ATOM   482 O O   . ASN A 1 69 ? 17.195  -12.029 4.259   1.00 17.49 ? 500 ASN A O   1 
ATOM   483 C CB  . ASN A 1 69 ? 15.886  -8.936  3.576   1.00 16.44 ? 500 ASN A CB  1 
ATOM   484 C CG  . ASN A 1 69 ? 15.934  -7.674  2.713   1.00 17.68 ? 500 ASN A CG  1 
ATOM   485 O OD1 . ASN A 1 69 ? 17.002  -7.149  2.386   1.00 23.16 ? 500 ASN A OD1 1 
ATOM   486 N ND2 . ASN A 1 69 ? 14.789  -7.185  2.359   1.00 19.71 ? 500 ASN A ND2 1 
ATOM   487 N N   . ARG A 1 70 ? 15.012  -11.862 3.786   1.00 14.07 ? 501 ARG A N   1 
ATOM   488 C CA  . ARG A 1 70 ? 14.623  -13.062 4.531   1.00 14.07 ? 501 ARG A CA  1 
ATOM   489 C C   . ARG A 1 70 ? 14.683  -14.370 3.718   1.00 13.71 ? 501 ARG A C   1 
ATOM   490 O O   . ARG A 1 70 ? 14.630  -15.451 4.266   1.00 14.24 ? 501 ARG A O   1 
ATOM   491 C CB  . ARG A 1 70 ? 13.238  -12.908 5.123   1.00 14.68 ? 501 ARG A CB  1 
ATOM   492 C CG  . ARG A 1 70 ? 13.124  -11.877 6.220   1.00 15.13 ? 501 ARG A CG  1 
ATOM   493 C CD  . ARG A 1 70 ? 11.714  -11.887 6.783   1.00 14.08 ? 501 ARG A CD  1 
ATOM   494 N NE  . ARG A 1 70 ? 10.806  -11.413 5.751   1.00 15.77 ? 501 ARG A NE  1 
ATOM   495 C CZ  . ARG A 1 70 ? 9.489   -11.344 5.830   1.00 14.45 ? 501 ARG A CZ  1 
ATOM   496 N NH1 . ARG A 1 70 ? 8.859   -11.783 6.890   1.00 16.53 ? 501 ARG A NH1 1 
ATOM   497 N NH2 . ARG A 1 70 ? 8.791   -10.848 4.787   1.00 15.95 ? 501 ARG A NH2 1 
ATOM   498 N N   . ARG A 1 71 ? 14.770  -14.204 2.375   1.00 13.77 ? 502 ARG A N   1 
ATOM   499 C CA  . ARG A 1 71 ? 14.800  -15.298 1.389   1.00 14.00 ? 502 ARG A CA  1 
ATOM   500 C C   . ARG A 1 71 ? 13.452  -15.993 1.476   1.00 12.85 ? 502 ARG A C   1 
ATOM   501 O O   . ARG A 1 71 ? 13.353  -17.236 1.683   1.00 13.83 ? 502 ARG A O   1 
ATOM   502 C CB  . ARG A 1 71 ? 15.992  -16.208 1.530   1.00 15.04 ? 502 ARG A CB  1 
ATOM   503 C CG  . ARG A 1 71 ? 17.289  -15.449 1.204   1.00 16.79 ? 502 ARG A CG  1 
ATOM   504 C CD  . ARG A 1 71 ? 18.429  -16.401 1.227   1.00 18.58 ? 502 ARG A CD  1 
ATOM   505 N NE  . ARG A 1 71 ? 19.681  -15.675 0.924   1.00 20.69 ? 502 ARG A NE  1 
ATOM   506 C CZ  . ARG A 1 71 ? 20.349  -14.955 1.783   1.00 20.23 ? 502 ARG A CZ  1 
ATOM   507 N NH1 . ARG A 1 71 ? 19.948  -14.870 3.063   1.00 21.70 ? 502 ARG A NH1 1 
ATOM   508 N NH2 . ARG A 1 71 ? 21.435  -14.294 1.372   1.00 26.10 ? 502 ARG A NH2 1 
ATOM   509 N N   . THR A 1 72 ? 12.406  -15.154 1.227   1.00 13.71 ? 503 THR A N   1 
ATOM   510 C CA  . THR A 1 72 ? 11.030  -15.792 1.283   1.00 11.59 ? 503 THR A CA  1 
ATOM   511 C C   . THR A 1 72 ? 10.187  -15.105 0.209   1.00 12.43 ? 503 THR A C   1 
ATOM   512 O O   . THR A 1 72 ? 10.668  -14.229 -0.485  1.00 12.81 ? 503 THR A O   1 
ATOM   513 C CB  . THR A 1 72 ? 10.365  -15.745 2.712   1.00 12.07 ? 503 THR A CB  1 
ATOM   514 O OG1 . THR A 1 72 ? 9.157   -16.540 2.775   1.00 13.11 ? 503 THR A OG1 1 
ATOM   515 C CG2 . THR A 1 72 ? 10.106  -14.344 3.117   1.00 12.42 ? 503 THR A CG2 1 
ATOM   516 N N   . THR A 1 73 ? 8.919   -15.530 0.098   1.00 12.25 ? 504 THR A N   1 
ATOM   517 C CA  . THR A 1 73 ? 7.968   -14.992 -0.921  1.00 12.95 ? 504 THR A CA  1 
ATOM   518 C C   . THR A 1 73 ? 6.587   -14.897 -0.325  1.00 12.80 ? 504 THR A C   1 
ATOM   519 O O   . THR A 1 73 ? 6.237   -15.663 0.586   1.00 13.49 ? 504 THR A O   1 
ATOM   520 C CB  . THR A 1 73 ? 7.883   -15.923 -2.158  1.00 13.01 ? 504 THR A CB  1 
ATOM   521 O OG1 . THR A 1 73 ? 7.496   -17.248 -1.766  1.00 14.40 ? 504 THR A OG1 1 
ATOM   522 C CG2 . THR A 1 73 ? 9.164   -16.016 -2.840  1.00 13.44 ? 504 THR A CG2 1 
ATOM   523 N N   . THR A 1 74 ? 5.811   -13.976 -0.851  1.00 12.12 ? 505 THR A N   1 
ATOM   524 C CA  . THR A 1 74 ? 4.452   -13.777 -0.379  1.00 12.76 ? 505 THR A CA  1 
ATOM   525 C C   . THR A 1 74 ? 3.618   -13.110 -1.438  1.00 13.55 ? 505 THR A C   1 
ATOM   526 O O   . THR A 1 74 ? 4.117   -12.301 -2.208  1.00 13.73 ? 505 THR A O   1 
ATOM   527 C CB  . THR A 1 74 ? 4.469   -12.908 0.936   1.00 13.94 ? 505 THR A CB  1 
ATOM   528 O OG1 . THR A 1 74 ? 3.128   -12.714 1.394   1.00 14.20 ? 505 THR A OG1 1 
ATOM   529 C CG2 . THR A 1 74 ? 5.139   -11.598 0.770   1.00 14.09 ? 505 THR A CG2 1 
ATOM   530 N N   . TYR A 1 75 ? 2.317   -13.382 -1.393  1.00 13.84 ? 506 TYR A N   1 
ATOM   531 C CA  . TYR A 1 75 ? 1.365   -12.602 -2.206  1.00 14.46 ? 506 TYR A CA  1 
ATOM   532 C C   . TYR A 1 75 ? 1.034   -11.230 -1.634  1.00 15.65 ? 506 TYR A C   1 
ATOM   533 O O   . TYR A 1 75 ? 0.406   -10.397 -2.289  1.00 18.43 ? 506 TYR A O   1 
ATOM   534 C CB  . TYR A 1 75 ? 0.074   -13.387 -2.441  1.00 16.15 ? 506 TYR A CB  1 
ATOM   535 C CG  . TYR A 1 75 ? 0.129   -14.502 -3.407  1.00 15.56 ? 506 TYR A CG  1 
ATOM   536 C CD1 . TYR A 1 75 ? 0.377   -14.245 -4.760  1.00 16.69 ? 506 TYR A CD1 1 
ATOM   537 C CD2 . TYR A 1 75 ? -0.136  -15.792 -3.050  1.00 16.71 ? 506 TYR A CD2 1 
ATOM   538 C CE1 . TYR A 1 75 ? 0.363   -15.243 -5.681  1.00 17.90 ? 506 TYR A CE1 1 
ATOM   539 C CE2 . TYR A 1 75 ? -0.141  -16.844 -3.981  1.00 18.50 ? 506 TYR A CE2 1 
ATOM   540 C CZ  . TYR A 1 75 ? 0.147   -16.550 -5.331  1.00 17.60 ? 506 TYR A CZ  1 
ATOM   541 O OH  . TYR A 1 75 ? 0.081   -17.567 -6.254  1.00 22.08 ? 506 TYR A OH  1 
ATOM   542 N N   . ILE A 1 76 ? 1.445   -10.988 -0.356  1.00 15.80 ? 507 ILE A N   1 
ATOM   543 C CA  . ILE A 1 76 ? 1.100   -9.761  0.319   1.00 17.02 ? 507 ILE A CA  1 
ATOM   544 C C   . ILE A 1 76 ? 2.112   -8.676  -0.044  1.00 18.02 ? 507 ILE A C   1 
ATOM   545 O O   . ILE A 1 76 ? 3.286   -8.801  0.263   1.00 19.57 ? 507 ILE A O   1 
ATOM   546 C CB  . ILE A 1 76 ? 1.042   -9.945  1.860   1.00 19.37 ? 507 ILE A CB  1 
ATOM   547 C CG1 . ILE A 1 76 ? 0.076   -11.101 2.241   1.00 21.60 ? 507 ILE A CG1 1 
ATOM   548 C CG2 . ILE A 1 76 ? 0.629   -8.671  2.528   1.00 22.39 ? 507 ILE A CG2 1 
ATOM   549 C CD1 . ILE A 1 76 ? -1.332  -11.090 1.695   1.00 24.64 ? 507 ILE A CD1 1 
ATOM   550 N N   . ASP A 1 77 ? 1.639   -7.610  -0.694  1.00 18.10 ? 508 ASP A N   1 
ATOM   551 C CA  . ASP A 1 77 ? 2.497   -6.498  -1.106  1.00 19.70 ? 508 ASP A CA  1 
ATOM   552 C C   . ASP A 1 77 ? 2.981   -5.792  0.172   1.00 22.13 ? 508 ASP A C   1 
ATOM   553 O O   . ASP A 1 77 ? 2.159   -5.269  0.924   1.00 23.57 ? 508 ASP A O   1 
ATOM   554 C CB  . ASP A 1 77 ? 1.694   -5.543  -1.989  1.00 20.71 ? 508 ASP A CB  1 
ATOM   555 C CG  . ASP A 1 77 ? 2.509   -4.460  -2.625  1.00 21.43 ? 508 ASP A CG  1 
ATOM   556 O OD1 . ASP A 1 77 ? 3.596   -4.031  -2.126  1.00 23.45 ? 508 ASP A OD1 1 
ATOM   557 O OD2 . ASP A 1 77 ? 1.989   -3.942  -3.666  1.00 26.02 ? 508 ASP A OD2 1 
ATOM   558 N N   . PRO A 1 78 ? 4.291   -5.759  0.403   1.00 20.95 ? 509 PRO A N   1 
ATOM   559 C CA  . PRO A 1 78 ? 4.789   -5.069  1.612   1.00 22.70 ? 509 PRO A CA  1 
ATOM   560 C C   . PRO A 1 78 ? 4.522   -3.559  1.619   1.00 24.68 ? 509 PRO A C   1 
ATOM   561 O O   . PRO A 1 78 ? 4.601   -2.945  2.667   1.00 28.55 ? 509 PRO A O   1 
ATOM   562 C CB  . PRO A 1 78 ? 6.285   -5.362  1.579   1.00 22.82 ? 509 PRO A CB  1 
ATOM   563 C CG  . PRO A 1 78 ? 6.596   -5.442  0.137   1.00 20.69 ? 509 PRO A CG  1 
ATOM   564 C CD  . PRO A 1 78 ? 5.400   -6.184  -0.445  1.00 21.33 ? 509 PRO A CD  1 
ATOM   565 N N   . ARG A 1 79 ? 4.249   -2.954  0.463   1.00 23.88 ? 510 ARG A N   1 
ATOM   566 C CA  . ARG A 1 79 ? 3.883   -1.552  0.417   1.00 24.53 ? 510 ARG A CA  1 
ATOM   567 C C   . ARG A 1 79 ? 2.485   -1.263  0.976   1.00 26.72 ? 510 ARG A C   1 
ATOM   568 O O   . ARG A 1 79 ? 2.215   -0.144  1.416   1.00 34.77 ? 510 ARG A O   1 
ATOM   569 C CB  . ARG A 1 79 ? 3.986   -1.019  -1.015  1.00 27.24 ? 510 ARG A CB  1 
ATOM   570 C CG  . ARG A 1 79 ? 5.393   -1.010  -1.566  1.00 26.38 ? 510 ARG A CG  1 
ATOM   571 C CD  . ARG A 1 79 ? 5.379   -0.772  -3.057  1.00 26.37 ? 510 ARG A CD  1 
ATOM   572 N NE  . ARG A 1 79 ? 4.650   -1.833  -3.738  1.00 26.07 ? 510 ARG A NE  1 
ATOM   573 C CZ  . ARG A 1 79 ? 4.463   -1.856  -5.034  1.00 33.63 ? 510 ARG A CZ  1 
ATOM   574 N NH1 . ARG A 1 79 ? 4.885   -0.837  -5.795  1.00 34.83 ? 510 ARG A NH1 1 
ATOM   575 N NH2 . ARG A 1 79 ? 3.829   -2.889  -5.580  1.00 33.53 ? 510 ARG A NH2 1 
ATOM   576 N N   . THR A 1 80 ? 1.588   -2.250  0.911   1.00 27.48 ? 511 THR A N   1 
ATOM   577 C CA  . THR A 1 80 ? 0.183   -2.040  1.204   1.00 30.65 ? 511 THR A CA  1 
ATOM   578 C C   . THR A 1 80 ? -0.440  -2.967  2.218   1.00 29.89 ? 511 THR A C   1 
ATOM   579 O O   . THR A 1 80 ? -1.513  -2.636  2.806   1.00 38.69 ? 511 THR A O   1 
ATOM   580 C CB  . THR A 1 80 ? -0.665  -2.151  -0.072  1.00 31.31 ? 511 THR A CB  1 
ATOM   581 O OG1 . THR A 1 80 ? -0.685  -3.505  -0.526  1.00 29.96 ? 511 THR A OG1 1 
ATOM   582 C CG2 . THR A 1 80 ? -0.099  -1.229  -1.158  1.00 34.18 ? 511 THR A CG2 1 
ATOM   583 N N   . GLY A 1 81 ? 0.172   -4.129  2.415   1.00 27.60 ? 512 GLY A N   1 
ATOM   584 C CA  . GLY A 1 81 ? -0.417  -5.142  3.254   1.00 26.33 ? 512 GLY A CA  1 
ATOM   585 C C   . GLY A 1 81 ? -1.576  -5.907  2.599   1.00 28.93 ? 512 GLY A C   1 
ATOM   586 O O   . GLY A 1 81 ? -2.223  -6.726  3.272   1.00 33.39 ? 512 GLY A O   1 
ATOM   587 N N   . LYS A 1 82 ? -1.810  -5.655  1.298   1.00 29.44 ? 513 LYS A N   1 
ATOM   588 C CA  . LYS A 1 82 ? -2.900  -6.266  0.531   1.00 28.88 ? 513 LYS A CA  1 
ATOM   589 C C   . LYS A 1 82 ? -2.367  -7.375  -0.324  1.00 23.97 ? 513 LYS A C   1 
ATOM   590 O O   . LYS A 1 82 ? -1.296  -7.262  -0.912  1.00 23.81 ? 513 LYS A O   1 
ATOM   591 C CB  . LYS A 1 82 ? -3.574  -5.232  -0.402  1.00 36.42 ? 513 LYS A CB  1 
ATOM   592 N N   . SER A 1 83 ? -3.165  -8.426  -0.405  1.00 27.30 ? 514 SER A N   1 
ATOM   593 C CA  . SER A 1 83 ? -2.870  -9.549  -1.171  1.00 27.65 ? 514 SER A CA  1 
ATOM   594 C C   . SER A 1 83 ? -3.162  -9.290  -2.549  1.00 27.57 ? 514 SER A C   1 
ATOM   595 O O   . SER A 1 83 ? -4.310  -8.827  -2.954  1.00 31.12 ? 514 SER A O   1 
ATOM   596 C CB  . SER A 1 83 ? -3.706  -10.775 -0.776  1.00 34.39 ? 514 SER A CB  1 
ATOM   597 O OG  . SER A 1 83 ? -3.304  -11.860 -1.601  1.00 34.89 ? 514 SER A OG  1 
ATOM   598 N N   . ALA A 1 84 ? -2.189  -9.661  -3.331  1.00 31.18 ? 515 ALA A N   1 
ATOM   599 C CA  . ALA A 1 84 ? -2.294  -9.780  -4.739  1.00 29.46 ? 515 ALA A CA  1 
ATOM   600 C C   . ALA A 1 84 ? -3.487  -10.660 -5.185  1.00 30.63 ? 515 ALA A C   1 
ATOM   601 O O   . ALA A 1 84 ? -4.055  -10.390 -6.219  1.00 37.50 ? 515 ALA A O   1 
ATOM   602 C CB  . ALA A 1 84 ? -0.908  -10.348 -5.251  1.00 28.94 ? 515 ALA A CB  1 
ATOM   603 N N   . LEU A 1 85 ? -3.904  -11.656 -4.401  1.00 31.83 ? 516 LEU A N   1 
ATOM   604 C CA  . LEU A 1 85 ? -5.100  -12.521 -4.691  1.00 33.33 ? 516 LEU A CA  1 
ATOM   605 C C   . LEU A 1 85 ? -6.503  -11.914 -4.405  1.00 38.83 ? 516 LEU A C   1 
ATOM   606 O O   . LEU A 1 85 ? -7.498  -12.516 -4.767  1.00 44.53 ? 516 LEU A O   1 
ATOM   607 C CB  . LEU A 1 85 ? -4.999  -13.837 -3.863  1.00 33.89 ? 516 LEU A CB  1 
ATOM   608 C CG  . LEU A 1 85 ? -3.761  -14.703 -4.015  1.00 30.61 ? 516 LEU A CG  1 
ATOM   609 C CD1 . LEU A 1 85 ? -3.712  -15.792 -2.935  1.00 33.61 ? 516 LEU A CD1 1 
ATOM   610 C CD2 . LEU A 1 85 ? -3.741  -15.333 -5.374  1.00 32.74 ? 516 LEU A CD2 1 
ATOM   611 N N   . ASP A 1 86 ? -6.560  -10.748 -3.744  1.00 44.61 ? 517 ASP A N   1 
ATOM   612 C CA  . ASP A 1 86 ? -7.815  -10.062 -3.380  1.00 48.81 ? 517 ASP A CA  1 
ATOM   613 C C   . ASP A 1 86 ? -8.047  -8.825  -4.255  1.00 58.46 ? 517 ASP A C   1 
ATOM   614 O O   . ASP A 1 86 ? -8.491  -8.928  -5.398  1.00 71.39 ? 517 ASP A O   1 
ATOM   615 C CB  . ASP A 1 86 ? -7.768  -9.644  -1.892  1.00 51.70 ? 517 ASP A CB  1 
ATOM   616 C CG  . ASP A 1 86 ? -7.761  -10.848 -0.935  1.00 53.34 ? 517 ASP A CG  1 
HETATM 617 C C   . ACE B 2 1  ? 4.539   23.455  -7.653  1.00 50.56 ? 326 ACE B C   1 
HETATM 618 O O   . ACE B 2 1  ? 5.311   22.481  -7.522  1.00 49.31 ? 326 ACE B O   1 
HETATM 619 C CH3 . ACE B 2 1  ? 3.719   23.598  -8.944  1.00 57.30 ? 326 ACE B CH3 1 
ATOM   620 N N   . THR B 2 2  ? 4.375   24.427  -6.691  1.00 42.30 ? 327 THR B N   1 
ATOM   621 C CA  . THR B 2 2  ? 5.089   24.348  -5.416  1.00 38.21 ? 327 THR B CA  1 
ATOM   622 C C   . THR B 2 2  ? 4.400   23.276  -4.472  1.00 30.40 ? 327 THR B C   1 
ATOM   623 O O   . THR B 2 2  ? 3.217   23.396  -4.165  1.00 33.23 ? 327 THR B O   1 
ATOM   624 C CB  . THR B 2 2  ? 5.224   25.716  -4.692  1.00 51.17 ? 327 THR B CB  1 
ATOM   625 O OG1 . THR B 2 2  ? 5.954   25.529  -3.472  1.00 54.18 ? 327 THR B OG1 1 
ATOM   626 C CG2 . THR B 2 2  ? 3.863   26.358  -4.343  1.00 53.11 ? 327 THR B CG2 1 
ATOM   627 N N   . PRO B 2 3  ? 5.130   22.227  -4.053  1.00 28.69 ? 328 PRO B N   1 
ATOM   628 C CA  . PRO B 2 3  ? 4.450   21.252  -3.168  1.00 25.36 ? 328 PRO B CA  1 
ATOM   629 C C   . PRO B 2 3  ? 3.914   21.841  -1.889  1.00 24.31 ? 328 PRO B C   1 
ATOM   630 O O   . PRO B 2 3  ? 4.469   22.801  -1.377  1.00 29.41 ? 328 PRO B O   1 
ATOM   631 C CB  . PRO B 2 3  ? 5.529   20.193  -2.898  1.00 26.32 ? 328 PRO B CB  1 
ATOM   632 C CG  . PRO B 2 3  ? 6.456   20.288  -4.030  1.00 32.87 ? 328 PRO B CG  1 
ATOM   633 C CD  . PRO B 2 3  ? 6.492   21.765  -4.372  1.00 35.88 ? 328 PRO B CD  1 
ATOM   634 N N   . GLU B 2 4  ? 2.847   21.207  -1.370  1.00 21.53 ? 329 GLU B N   1 
ATOM   635 C CA  . GLU B 2 4  ? 2.222   21.620  -0.122  1.00 21.93 ? 329 GLU B CA  1 
ATOM   636 C C   . GLU B 2 4  ? 1.956   20.390  0.703   1.00 19.78 ? 329 GLU B C   1 
ATOM   637 O O   . GLU B 2 4  ? 1.394   19.403  0.198   1.00 19.73 ? 329 GLU B O   1 
ATOM   638 C CB  . GLU B 2 4  ? 0.891   22.350  -0.375  1.00 26.32 ? 329 GLU B CB  1 
ATOM   639 C CG  . GLU B 2 4  ? 0.237   22.897  0.911   1.00 37.21 ? 329 GLU B CG  1 
ATOM   640 C CD  . GLU B 2 4  ? -0.988  23.777  0.690   1.00 44.30 ? 329 GLU B CD  1 
ATOM   641 O OE1 . GLU B 2 4  ? -1.294  24.135  -0.473  1.00 54.77 ? 329 GLU B OE1 1 
ATOM   642 O OE2 . GLU B 2 4  ? -1.658  24.109  1.703   1.00 54.72 ? 329 GLU B OE2 1 
ATOM   643 N N   . ALA B 2 5  ? 2.336   20.444  1.972   1.00 19.75 ? 330 ALA B N   1 
ATOM   644 C CA  . ALA B 2 5  ? 1.967   19.378  2.872   1.00 17.91 ? 330 ALA B CA  1 
ATOM   645 C C   . ALA B 2 5  ? 0.462   19.371  3.100   1.00 17.73 ? 330 ALA B C   1 
ATOM   646 O O   . ALA B 2 5  ? -0.166  20.423  3.195   1.00 19.36 ? 330 ALA B O   1 
ATOM   647 C CB  . ALA B 2 5  ? 2.692   19.577  4.199   1.00 18.89 ? 330 ALA B CB  1 
ATOM   648 N N   . PRO B 2 6  ? -0.107  18.171  3.340   1.00 16.27 ? 331 PRO B N   1 
ATOM   649 C CA  . PRO B 2 6  ? -1.505  18.106  3.704   1.00 17.19 ? 331 PRO B CA  1 
ATOM   650 C C   . PRO B 2 6  ? -1.736  18.647  5.115   1.00 16.09 ? 331 PRO B C   1 
ATOM   651 O O   . PRO B 2 6  ? -0.774  18.805  5.897   1.00 17.04 ? 331 PRO B O   1 
ATOM   652 C CB  . PRO B 2 6  ? -1.806  16.628  3.603   1.00 15.77 ? 331 PRO B CB  1 
ATOM   653 C CG  . PRO B 2 6  ? -0.554  15.957  3.919   1.00 16.35 ? 331 PRO B CG  1 
ATOM   654 C CD  . PRO B 2 6  ? 0.496   16.853  3.300   1.00 15.62 ? 331 PRO B CD  1 
ATOM   655 N N   . PRO B 2 7  ? -2.982  18.988  5.452   1.00 19.69 ? 332 PRO B N   1 
ATOM   656 C CA  . PRO B 2 7  ? -3.224  19.572  6.777   1.00 19.58 ? 332 PRO B CA  1 
ATOM   657 C C   . PRO B 2 7  ? -2.822  18.664  7.959   1.00 17.98 ? 332 PRO B C   1 
ATOM   658 O O   . PRO B 2 7  ? -2.992  17.470  7.892   1.00 21.11 ? 332 PRO B O   1 
ATOM   659 C CB  . PRO B 2 7  ? -4.718  19.819  6.761   1.00 23.55 ? 332 PRO B CB  1 
ATOM   660 C CG  . PRO B 2 7  ? -5.072  20.005  5.308   1.00 26.25 ? 332 PRO B CG  1 
ATOM   661 C CD  . PRO B 2 7  ? -4.181  19.054  4.586   1.00 22.07 ? 332 PRO B CD  1 
ATOM   662 N N   . CYS B 2 8  ? -2.295  19.283  9.032   1.00 18.78 ? 333 CYS B N   1 
ATOM   663 C CA  A CYS B 2 8  ? -1.863  18.555  10.230  0.60 20.15 ? 333 CYS B CA  1 
ATOM   664 C CA  B CYS B 2 8  ? -1.842  18.495  10.167  0.40 19.97 ? 333 CYS B CA  1 
ATOM   665 C C   . CYS B 2 8  ? -3.069  17.866  10.862  1.00 21.19 ? 333 CYS B C   1 
ATOM   666 O O   . CYS B 2 8  ? -4.139  18.475  10.964  1.00 28.10 ? 333 CYS B O   1 
ATOM   667 C CB  A CYS B 2 8  ? -1.325  19.526  11.296  0.60 24.68 ? 333 CYS B CB  1 
ATOM   668 C CB  B CYS B 2 8  ? -1.009  19.331  11.151  0.40 22.63 ? 333 CYS B CB  1 
ATOM   669 S SG  A CYS B 2 8  ? 0.130   20.475  10.890  0.60 27.11 ? 333 CYS B SG  1 
ATOM   670 S SG  B CYS B 2 8  ? -0.248  18.349  12.488  0.40 26.68 ? 333 CYS B SG  1 
ATOM   671 N N   . TYR B 2 9  ? -2.897  16.632  11.289  1.00 17.65 ? 334 TYR B N   1 
ATOM   672 C CA  . TYR B 2 9  ? -3.949  15.863  11.948  1.00 19.29 ? 334 TYR B CA  1 
ATOM   673 C C   . TYR B 2 9  ? -4.626  16.672  13.095  1.00 22.66 ? 334 TYR B C   1 
ATOM   674 O O   . TYR B 2 9  ? -5.885  16.708  13.227  1.00 33.63 ? 334 TYR B O   1 
ATOM   675 C CB  . TYR B 2 9  ? -3.408  14.500  12.407  1.00 16.03 ? 334 TYR B CB  1 
ATOM   676 C CG  . TYR B 2 9  ? -4.434  13.562  12.982  1.00 17.81 ? 334 TYR B CG  1 
ATOM   677 C CD1 . TYR B 2 9  ? -5.127  12.698  12.192  1.00 17.49 ? 334 TYR B CD1 1 
ATOM   678 C CD2 . TYR B 2 9  ? -4.698  13.550  14.339  1.00 16.40 ? 334 TYR B CD2 1 
ATOM   679 C CE1 . TYR B 2 9  ? -6.108  11.853  12.714  1.00 16.16 ? 334 TYR B CE1 1 
ATOM   680 C CE2 . TYR B 2 9  ? -5.618  12.710  14.893  1.00 17.83 ? 334 TYR B CE2 1 
ATOM   681 C CZ  . TYR B 2 9  ? -6.355  11.845  14.049  1.00 16.29 ? 334 TYR B CZ  1 
ATOM   682 O OH  . TYR B 2 9  ? -7.312  11.019  14.605  1.00 17.11 ? 334 TYR B OH  1 
ATOM   683 N N   . MET B 2 10 ? -3.809  17.305  13.905  1.00 30.59 ? 335 MET B N   1 
ATOM   684 C CA  . MET B 2 10 ? -4.346  18.090  15.079  1.00 35.52 ? 335 MET B CA  1 
ATOM   685 C C   . MET B 2 10 ? -5.035  19.440  14.810  1.00 46.09 ? 335 MET B C   1 
ATOM   686 O O   . MET B 2 10 ? -5.862  19.873  15.546  1.00 50.66 ? 335 MET B O   1 
ATOM   687 C CB  A MET B 2 10 ? -3.296  18.211  16.155  0.60 38.56 ? 335 MET B CB  1 
ATOM   688 C CB  B MET B 2 10 ? -3.256  18.287  16.125  0.30 37.16 ? 335 MET B CB  1 
ATOM   689 C CG  A MET B 2 10 ? -2.967  16.861  16.785  0.60 40.46 ? 335 MET B CG  1 
ATOM   690 S SD  A MET B 2 10 ? -4.435  15.904  17.321  0.60 42.24 ? 335 MET B SD  1 
ATOM   691 C CE  A MET B 2 10 ? -5.262  17.136  18.345  0.60 39.11 ? 335 MET B CE  1 
ATOM   692 N N   . ASP B 2 11 ? -4.584  20.078  13.749  1.00 48.21 ? 336 ASP B N   1 
ATOM   693 C CA  . ASP B 2 11 ? -5.190  21.322  13.255  1.00 60.10 ? 336 ASP B CA  1 
ATOM   694 C C   . ASP B 2 11 ? -6.591  20.986  12.701  1.00 61.56 ? 336 ASP B C   1 
ATOM   695 O O   . ASP B 2 11 ? -7.600  21.687  12.957  1.00 67.64 ? 336 ASP B O   1 
ATOM   696 C CB  . ASP B 2 11 ? -4.282  21.967  12.156  1.00 58.11 ? 336 ASP B CB  1 
ATOM   697 C CG  . ASP B 2 11 ? -2.902  22.473  12.711  1.00 58.16 ? 336 ASP B CG  1 
ATOM   698 O OD1 . ASP B 2 11 ? -2.552  22.179  13.888  1.00 60.97 ? 336 ASP B OD1 1 
ATOM   699 O OD2 . ASP B 2 11 ? -2.157  23.145  11.942  1.00 71.38 ? 336 ASP B OD2 1 
ATOM   700 N N   . VAL B 2 12 ? -6.634  19.880  11.982  1.00 58.54 ? 337 VAL B N   1 
ATOM   701 C CA  . VAL B 2 12 ? -7.825  19.379  11.355  1.00 47.08 ? 337 VAL B CA  1 
ATOM   702 C C   . VAL B 2 12 ? -8.779  18.665  12.353  1.00 48.87 ? 337 VAL B C   1 
ATOM   703 O O   . VAL B 2 12 ? -9.989  18.879  12.305  1.00 54.10 ? 337 VAL B O   1 
ATOM   704 C CB  . VAL B 2 12 ? -7.406  18.392  10.188  1.00 41.46 ? 337 VAL B CB  1 
ATOM   705 N N   . ILE B 2 13 ? -8.234  17.822  13.250  1.00 45.24 ? 338 ILE B N   1 
ATOM   706 C CA  . ILE B 2 13 ? -9.053  16.817  13.970  1.00 43.81 ? 338 ILE B CA  1 
ATOM   707 C C   . ILE B 2 13 ? -9.049  17.063  15.483  1.00 46.59 ? 338 ILE B C   1 
ATOM   708 O O   . ILE B 2 13 ? -10.103 17.263  16.064  1.00 56.73 ? 338 ILE B O   1 
ATOM   709 C CB  . ILE B 2 13 ? -8.646  15.339  13.559  1.00 43.26 ? 338 ILE B CB  1 
ATOM   710 C CG1 . ILE B 2 13 ? -9.195  14.990  12.135  1.00 42.54 ? 338 ILE B CG1 1 
ATOM   711 C CG2 . ILE B 2 13 ? -9.224  14.321  14.519  1.00 40.70 ? 338 ILE B CG2 1 
ATOM   712 C CD1 . ILE B 2 13 ? -8.484  15.618  10.964  1.00 39.95 ? 338 ILE B CD1 1 
HETATM 713 N N   . NH2 B 2 14 ? -7.899  17.065  16.151  1.00 62.26 ? 339 NH2 B N   1 
ATOM   714 C CA  . THR C 2 2  ? -1.855  -24.476 -1.659  1.00 63.18 ? 327 THR C CA  1 
ATOM   715 C C   . THR C 2 2  ? -1.884  -23.144 -2.439  1.00 52.13 ? 327 THR C C   1 
ATOM   716 O O   . THR C 2 2  ? -0.859  -22.490 -2.579  1.00 60.48 ? 327 THR C O   1 
ATOM   717 N N   . PRO C 2 3  ? -3.092  -22.714 -2.909  1.00 47.39 ? 328 PRO C N   1 
ATOM   718 C CA  . PRO C 2 3  ? -3.245  -21.432 -3.650  1.00 42.90 ? 328 PRO C CA  1 
ATOM   719 C C   . PRO C 2 3  ? -2.892  -20.186 -2.825  1.00 40.10 ? 328 PRO C C   1 
ATOM   720 O O   . PRO C 2 3  ? -2.730  -19.095 -3.378  1.00 47.27 ? 328 PRO C O   1 
ATOM   721 C CB  . PRO C 2 3  ? -4.725  -21.421 -4.061  1.00 50.53 ? 328 PRO C CB  1 
ATOM   722 C CG  . PRO C 2 3  ? -5.369  -22.330 -3.128  1.00 55.33 ? 328 PRO C CG  1 
ATOM   723 C CD  . PRO C 2 3  ? -4.380  -23.422 -2.814  1.00 54.61 ? 328 PRO C CD  1 
ATOM   724 N N   . GLU C 2 4  ? -2.771  -20.348 -1.510  1.00 25.63 ? 329 GLU C N   1 
ATOM   725 C CA  . GLU C 2 4  ? -2.478  -19.230 -0.658  1.00 22.85 ? 329 GLU C CA  1 
ATOM   726 C C   . GLU C 2 4  ? -1.031  -18.798 -0.670  1.00 19.56 ? 329 GLU C C   1 
ATOM   727 O O   . GLU C 2 4  ? -0.774  -17.660 -0.302  1.00 19.83 ? 329 GLU C O   1 
ATOM   728 C CB  . GLU C 2 4  ? -2.872  -19.529 0.804   1.00 24.14 ? 329 GLU C CB  1 
ATOM   729 C CG  . GLU C 2 4  ? -4.351  -19.714 1.051   1.00 28.53 ? 329 GLU C CG  1 
ATOM   730 C CD  . GLU C 2 4  ? -4.885  -21.030 0.583   1.00 27.24 ? 329 GLU C CD  1 
ATOM   731 O OE1 . GLU C 2 4  ? -4.095  -21.996 0.506   1.00 30.09 ? 329 GLU C OE1 1 
ATOM   732 O OE2 . GLU C 2 4  ? -6.106  -21.077 0.297   1.00 26.69 ? 329 GLU C OE2 1 
ATOM   733 N N   . ALA C 2 5  ? -0.128  -19.703 -1.018  1.00 21.68 ? 330 ALA C N   1 
ATOM   734 C CA  . ALA C 2 5  ? 1.315   -19.441 -1.000  1.00 21.23 ? 330 ALA C CA  1 
ATOM   735 C C   . ALA C 2 5  ? 1.853   -19.366 -2.452  1.00 18.67 ? 330 ALA C C   1 
ATOM   736 O O   . ALA C 2 5  ? 1.497   -20.206 -3.295  1.00 19.72 ? 330 ALA C O   1 
ATOM   737 C CB  . ALA C 2 5  ? 2.068   -20.508 -0.254  1.00 26.62 ? 330 ALA C CB  1 
ATOM   738 N N   . PRO C 2 6  ? 2.710   -18.388 -2.717  1.00 17.03 ? 331 PRO C N   1 
ATOM   739 C CA  . PRO C 2 6  ? 3.296   -18.234 -4.045  1.00 17.04 ? 331 PRO C CA  1 
ATOM   740 C C   . PRO C 2 6  ? 4.423   -19.224 -4.247  1.00 16.99 ? 331 PRO C C   1 
ATOM   741 O O   . PRO C 2 6  ? 4.745   -19.985 -3.368  1.00 16.95 ? 331 PRO C O   1 
ATOM   742 C CB  . PRO C 2 6  ? 3.751   -16.788 -4.053  1.00 18.90 ? 331 PRO C CB  1 
ATOM   743 C CG  . PRO C 2 6  ? 4.126   -16.539 -2.631  1.00 20.87 ? 331 PRO C CG  1 
ATOM   744 C CD  . PRO C 2 6  ? 3.219   -17.372 -1.779  1.00 19.02 ? 331 PRO C CD  1 
ATOM   745 N N   . PRO C 2 7  ? 5.028   -19.233 -5.433  1.00 16.59 ? 332 PRO C N   1 
ATOM   746 C CA  . PRO C 2 7  ? 6.220   -20.042 -5.628  1.00 17.23 ? 332 PRO C CA  1 
ATOM   747 C C   . PRO C 2 7  ? 7.299   -19.796 -4.535  1.00 16.70 ? 332 PRO C C   1 
ATOM   748 O O   . PRO C 2 7  ? 7.447   -18.639 -4.060  1.00 16.38 ? 332 PRO C O   1 
ATOM   749 C CB  . PRO C 2 7  ? 6.720   -19.572 -7.001  1.00 18.39 ? 332 PRO C CB  1 
ATOM   750 C CG  . PRO C 2 7  ? 5.446   -19.154 -7.709  1.00 20.13 ? 332 PRO C CG  1 
ATOM   751 C CD  . PRO C 2 7  ? 4.641   -18.479 -6.655  1.00 19.12 ? 332 PRO C CD  1 
ATOM   752 N N   . CYS C 2 8  ? 8.008   -20.861 -4.203  1.00 17.30 ? 333 CYS C N   1 
ATOM   753 C CA  A CYS C 2 8  ? 9.014   -20.776 -3.137  0.60 17.99 ? 333 CYS C CA  1 
ATOM   754 C CA  B CYS C 2 8  ? 9.120   -20.908 -3.197  0.40 17.14 ? 333 CYS C CA  1 
ATOM   755 C C   . CYS C 2 8  ? 10.273  -20.061 -3.645  1.00 17.46 ? 333 CYS C C   1 
ATOM   756 O O   . CYS C 2 8  ? 10.663  -20.150 -4.814  1.00 17.62 ? 333 CYS C O   1 
ATOM   757 C CB  A CYS C 2 8  ? 9.352   -22.168 -2.577  0.60 24.18 ? 333 CYS C CB  1 
ATOM   758 C CB  B CYS C 2 8  ? 9.674   -22.371 -3.082  0.40 18.82 ? 333 CYS C CB  1 
ATOM   759 S SG  A CYS C 2 8  ? 10.425  -22.018 -1.132  0.60 28.47 ? 333 CYS C SG  1 
ATOM   760 S SG  B CYS C 2 8  ? 8.498   -23.579 -2.489  0.40 23.99 ? 333 CYS C SG  1 
ATOM   761 N N   . TYR C 2 9  ? 10.900  -19.317 -2.724  1.00 15.36 ? 334 TYR C N   1 
ATOM   762 C CA  . TYR C 2 9  ? 12.112  -18.570 -3.009  1.00 14.69 ? 334 TYR C CA  1 
ATOM   763 C C   . TYR C 2 9  ? 13.148  -19.411 -3.717  1.00 15.52 ? 334 TYR C C   1 
ATOM   764 O O   . TYR C 2 9  ? 13.697  -18.974 -4.732  1.00 17.89 ? 334 TYR C O   1 
ATOM   765 C CB  . TYR C 2 9  ? 12.665  -18.034 -1.705  1.00 15.32 ? 334 TYR C CB  1 
ATOM   766 C CG  . TYR C 2 9  ? 13.845  -17.087 -1.900  1.00 14.39 ? 334 TYR C CG  1 
ATOM   767 C CD1 . TYR C 2 9  ? 13.657  -15.744 -2.087  1.00 15.66 ? 334 TYR C CD1 1 
ATOM   768 C CD2 . TYR C 2 9  ? 15.133  -17.560 -1.893  1.00 16.69 ? 334 TYR C CD2 1 
ATOM   769 C CE1 . TYR C 2 9  ? 14.714  -14.878 -2.305  1.00 15.83 ? 334 TYR C CE1 1 
ATOM   770 C CE2 . TYR C 2 9  ? 16.219  -16.720 -2.140  1.00 17.41 ? 334 TYR C CE2 1 
ATOM   771 C CZ  . TYR C 2 9  ? 15.996  -15.362 -2.321  1.00 16.46 ? 334 TYR C CZ  1 
ATOM   772 O OH  . TYR C 2 9  ? 17.049  -14.485 -2.542  1.00 18.52 ? 334 TYR C OH  1 
ATOM   773 N N   . MET C 2 10 ? 13.455  -20.598 -3.202  1.00 16.87 ? 335 MET C N   1 
ATOM   774 C CA  A MET C 2 10 ? 14.542  -21.375 -3.859  0.60 21.70 ? 335 MET C CA  1 
ATOM   775 C CA  B MET C 2 10 ? 14.483  -21.494 -3.808  0.40 21.54 ? 335 MET C CA  1 
ATOM   776 C C   . MET C 2 10 ? 14.174  -21.926 -5.250  1.00 22.27 ? 335 MET C C   1 
ATOM   777 O O   . MET C 2 10 ? 15.098  -22.294 -6.021  1.00 27.96 ? 335 MET C O   1 
ATOM   778 C CB  A MET C 2 10 ? 15.088  -22.470 -2.943  0.60 23.76 ? 335 MET C CB  1 
ATOM   779 C CB  B MET C 2 10 ? 14.694  -22.755 -2.939  0.40 24.80 ? 335 MET C CB  1 
ATOM   780 C CG  A MET C 2 10 ? 15.861  -21.912 -1.733  0.60 25.82 ? 335 MET C CG  1 
ATOM   781 C CG  B MET C 2 10 ? 13.563  -23.778 -2.946  0.40 27.83 ? 335 MET C CG  1 
ATOM   782 S SD  A MET C 2 10 ? 17.320  -20.877 -2.110  0.60 30.50 ? 335 MET C SD  1 
ATOM   783 S SD  B MET C 2 10 ? 13.975  -25.284 -2.019  0.40 36.12 ? 335 MET C SD  1 
ATOM   784 C CE  A MET C 2 10 ? 18.271  -21.973 -3.157  0.60 30.41 ? 335 MET C CE  1 
ATOM   785 C CE  B MET C 2 10 ? 12.629  -26.363 -2.500  0.40 38.74 ? 335 MET C CE  1 
ATOM   786 N N   . ASP C 2 11 ? 12.890  -21.951 -5.595  1.00 18.58 ? 336 ASP C N   1 
ATOM   787 C CA  . ASP C 2 11 ? 12.464  -22.364 -6.904  1.00 20.35 ? 336 ASP C CA  1 
ATOM   788 C C   . ASP C 2 11 ? 12.523  -21.253 -7.899  1.00 21.85 ? 336 ASP C C   1 
ATOM   789 O O   . ASP C 2 11 ? 12.668  -21.523 -9.097  1.00 29.74 ? 336 ASP C O   1 
ATOM   790 C CB  . ASP C 2 11 ? 11.054  -22.927 -6.890  1.00 22.31 ? 336 ASP C CB  1 
ATOM   791 C CG  . ASP C 2 11 ? 10.952  -24.260 -6.188  1.00 24.86 ? 336 ASP C CG  1 
ATOM   792 O OD1 . ASP C 2 11 ? 11.950  -25.012 -6.080  1.00 32.60 ? 336 ASP C OD1 1 
ATOM   793 O OD2 . ASP C 2 11 ? 9.850   -24.585 -5.743  1.00 29.26 ? 336 ASP C OD2 1 
ATOM   794 N N   . VAL C 2 12 ? 12.413  -20.009 -7.445  1.00 20.86 ? 337 VAL C N   1 
ATOM   795 C CA  . VAL C 2 12 ? 12.429  -18.893 -8.377  1.00 23.41 ? 337 VAL C CA  1 
ATOM   796 C C   . VAL C 2 12 ? 13.755  -18.139 -8.506  1.00 20.94 ? 337 VAL C C   1 
ATOM   797 O O   . VAL C 2 12 ? 14.048  -17.615 -9.528  1.00 26.15 ? 337 VAL C O   1 
ATOM   798 C CB  . VAL C 2 12 ? 11.215  -18.018 -8.235  1.00 27.54 ? 337 VAL C CB  1 
ATOM   799 C CG1 . VAL C 2 12 ? 9.962   -18.884 -8.350  1.00 30.86 ? 337 VAL C CG1 1 
ATOM   800 C CG2 . VAL C 2 12 ? 11.179  -17.305 -6.942  1.00 29.04 ? 337 VAL C CG2 1 
ATOM   801 N N   . ILE C 2 13 ? 14.562  -18.186 -7.482  1.00 22.56 ? 338 ILE C N   1 
ATOM   802 C CA  . ILE C 2 13 ? 15.805  -17.434 -7.406  1.00 25.91 ? 338 ILE C CA  1 
ATOM   803 C C   . ILE C 2 13 ? 16.878  -18.454 -7.394  1.00 36.45 ? 338 ILE C C   1 
ATOM   804 O O   . ILE C 2 13 ? 17.539  -18.642 -8.420  1.00 48.92 ? 338 ILE C O   1 
ATOM   805 C CB  . ILE C 2 13 ? 15.815  -16.556 -6.067  1.00 28.48 ? 338 ILE C CB  1 
ATOM   806 C CG1 . ILE C 2 13 ? 14.588  -15.609 -6.021  1.00 31.02 ? 338 ILE C CG1 1 
ATOM   807 C CG2 . ILE C 2 13 ? 17.079  -15.805 -5.918  1.00 33.89 ? 338 ILE C CG2 1 
ATOM   808 C CD1 . ILE C 2 13 ? 14.368  -14.776 -7.274  1.00 32.18 ? 338 ILE C CD1 1 
HETATM 809 N N   . NH2 C 2 14 ? 17.024  -19.149 -6.242  1.00 40.60 ? 339 NH2 C N   1 
HETATM 810 X UNK . UNX D 3 .  ? -1.373  5.367   6.521   1.00 8.01  ? 601 UNX A UNK 1 
HETATM 811 X UNK . UNX E 3 .  ? -3.275  5.600   15.977  1.00 20.65 ? 602 UNX A UNK 1 
HETATM 812 X UNK . UNX F 3 .  ? -13.801 18.902  7.420   1.00 59.50 ? 603 UNX A UNK 1 
HETATM 813 X UNK . UNX G 3 .  ? -4.458  1.708   8.374   1.00 39.22 ? 604 UNX A UNK 1 
HETATM 814 X UNK . UNX H 3 .  ? -1.210  6.079   1.481   1.00 40.31 ? 605 UNX A UNK 1 
HETATM 815 X UNK . UNX I 3 .  ? -3.113  5.821   -0.433  1.00 36.51 ? 606 UNX A UNK 1 
HETATM 816 X UNK . UNX J 3 .  ? 9.407   -4.346  4.949   1.00 47.37 ? 607 UNX A UNK 1 
HETATM 817 X UNK . UNX K 3 .  ? 7.285   -7.581  5.752   1.00 29.74 ? 608 UNX A UNK 1 
HETATM 818 X UNK . UNX L 3 .  ? 16.365  -4.541  4.581   1.00 45.53 ? 609 UNX A UNK 1 
HETATM 819 X UNK . UNX M 3 .  ? 3.707   -19.963 -11.086 1.00 18.10 ? 610 UNX A UNK 1 
HETATM 820 X UNK . UNX N 3 .  ? -4.032  5.497   18.532  1.00 26.14 ? 611 UNX A UNK 1 
HETATM 821 X UNK . UNX O 3 .  ? 2.968   -6.823  4.721   1.00 32.19 ? 612 UNX A UNK 1 
HETATM 822 X UNK . UNX P 3 .  ? 11.565  -10.704 -13.603 1.00 33.66 ? 613 UNX A UNK 1 
HETATM 823 X UNK . UNX Q 3 .  ? -11.130 19.820  -3.337  1.00 34.38 ? 614 UNX A UNK 1 
HETATM 824 X UNK . UNX R 3 .  ? 6.530   -19.385 -11.393 0.40 15.98 ? 615 UNX A UNK 1 
HETATM 825 X UNK . UNX S 3 .  ? 0.407   24.604  14.188  0.50 39.50 ? 401 UNX B UNK 1 
HETATM 826 X UNK . UNX T 3 .  ? 12.561  -21.550 -0.599  1.00 25.24 ? 401 UNX C UNK 1 
HETATM 827 X UNK . UNX U 3 .  ? -7.365  -23.072 -0.895  1.00 40.96 ? 402 UNX C UNK 1 
HETATM 828 O O   . HOH V 4 .  ? -0.732  -19.814 -5.683  0.50 32.60 ? 701 HOH A O   1 
HETATM 829 O O   . HOH V 4 .  ? -14.523 22.556  -2.104  0.50 46.65 ? 702 HOH A O   1 
HETATM 830 O O   . HOH V 4 .  ? 8.550   -8.436  -12.480 1.00 39.22 ? 703 HOH A O   1 
HETATM 831 O O   . HOH V 4 .  ? -12.985 13.442  12.680  0.50 37.46 ? 704 HOH A O   1 
HETATM 832 O O   . HOH V 4 .  ? -2.361  -21.913 -15.312 1.00 27.31 ? 705 HOH A O   1 
HETATM 833 O O   . HOH V 4 .  ? -1.040  -3.643  -3.179  1.00 41.58 ? 706 HOH A O   1 
HETATM 834 O O   . HOH V 4 .  ? 10.008  -19.068 3.084   1.00 15.70 ? 707 HOH A O   1 
HETATM 835 O O   . HOH V 4 .  ? 11.396  -9.059  -11.140 0.50 22.01 ? 708 HOH A O   1 
HETATM 836 O O   . HOH V 4 .  ? 7.162   -16.760 -11.257 1.00 18.78 ? 709 HOH A O   1 
HETATM 837 O O   . HOH V 4 .  ? 0.176   13.136  12.000  1.00 15.67 ? 710 HOH A O   1 
HETATM 838 O O   . HOH V 4 .  ? -8.073  0.429   6.831   1.00 31.69 ? 711 HOH A O   1 
HETATM 839 O O   . HOH V 4 .  ? 12.295  -8.164  5.098   1.00 24.36 ? 712 HOH A O   1 
HETATM 840 O O   . HOH V 4 .  ? 9.089   1.949   -0.338  1.00 27.89 ? 713 HOH A O   1 
HETATM 841 O O   . HOH V 4 .  ? -3.160  -10.309 -12.409 0.70 43.73 ? 714 HOH A O   1 
HETATM 842 O O   . HOH V 4 .  ? 12.318  -4.191  -6.931  0.70 35.86 ? 715 HOH A O   1 
HETATM 843 O O   . HOH V 4 .  ? 13.957  -3.669  3.493   1.00 25.00 ? 716 HOH A O   1 
HETATM 844 O O   . HOH V 4 .  ? 13.514  -3.117  -4.032  0.70 36.60 ? 717 HOH A O   1 
HETATM 845 O O   . HOH V 4 .  ? 9.464   -18.678 -0.367  1.00 15.28 ? 718 HOH A O   1 
HETATM 846 O O   . HOH V 4 .  ? -7.013  14.106  -4.195  1.00 25.09 ? 719 HOH A O   1 
HETATM 847 O O   . HOH V 4 .  ? -3.556  -18.323 -9.551  1.00 39.10 ? 720 HOH A O   1 
HETATM 848 O O   . HOH V 4 .  ? 15.104  -15.477 7.080   1.00 15.06 ? 721 HOH A O   1 
HETATM 849 O O   . HOH V 4 .  ? -15.487 10.726  5.109   1.00 28.34 ? 722 HOH A O   1 
HETATM 850 O O   . HOH V 4 .  ? 0.425   8.310   15.087  1.00 16.69 ? 723 HOH A O   1 
HETATM 851 O O   . HOH V 4 .  ? 16.446  -3.524  -3.527  1.00 42.86 ? 724 HOH A O   1 
HETATM 852 O O   . HOH V 4 .  ? 4.358   -8.477  2.923   1.00 22.82 ? 725 HOH A O   1 
HETATM 853 O O   . HOH V 4 .  ? -15.686 17.411  4.066   1.00 53.31 ? 726 HOH A O   1 
HETATM 854 O O   . HOH V 4 .  ? 13.461  0.182   1.938   1.00 26.15 ? 727 HOH A O   1 
HETATM 855 O O   . HOH V 4 .  ? 9.378   -15.627 -12.600 1.00 24.29 ? 728 HOH A O   1 
HETATM 856 O O   . HOH V 4 .  ? 11.905  -5.584  4.299   1.00 25.64 ? 729 HOH A O   1 
HETATM 857 O O   . HOH V 4 .  ? 13.233  1.381   -2.050  1.00 37.50 ? 730 HOH A O   1 
HETATM 858 O O   . HOH V 4 .  ? 10.539  -5.673  -8.993  1.00 26.03 ? 731 HOH A O   1 
HETATM 859 O O   . HOH V 4 .  ? -1.631  -6.349  -3.693  1.00 45.60 ? 732 HOH A O   1 
HETATM 860 O O   . HOH V 4 .  ? 20.206  -10.613 1.375   1.00 49.37 ? 733 HOH A O   1 
HETATM 861 O O   . HOH V 4 .  ? -2.338  1.449   13.413  1.00 28.97 ? 734 HOH A O   1 
HETATM 862 O O   . HOH V 4 .  ? 10.506  -1.268  -6.851  1.00 45.67 ? 735 HOH A O   1 
HETATM 863 O O   . HOH V 4 .  ? 23.303  -12.408 2.805   0.50 30.67 ? 736 HOH A O   1 
HETATM 864 O O   . HOH V 4 .  ? -1.038  11.560  -0.729  1.00 17.69 ? 737 HOH A O   1 
HETATM 865 O O   . HOH V 4 .  ? 5.803   -10.222 4.745   1.00 25.14 ? 738 HOH A O   1 
HETATM 866 O O   . HOH V 4 .  ? -9.366  15.345  -3.369  1.00 32.28 ? 739 HOH A O   1 
HETATM 867 O O   . HOH V 4 .  ? 7.342   0.517   1.305   1.00 27.77 ? 740 HOH A O   1 
HETATM 868 O O   . HOH V 4 .  ? 14.558  -8.384  6.758   1.00 44.27 ? 741 HOH A O   1 
HETATM 869 O O   . HOH V 4 .  ? 8.353   -3.905  -9.671  0.70 43.74 ? 742 HOH A O   1 
HETATM 870 O O   . HOH V 4 .  ? -1.928  0.729   10.890  0.50 33.15 ? 743 HOH A O   1 
HETATM 871 O O   . HOH V 4 .  ? -16.744 9.536   2.756   0.70 34.55 ? 744 HOH A O   1 
HETATM 872 O O   . HOH W 4 .  ? 1.112   17.306  7.152   1.00 15.08 ? 501 HOH B O   1 
HETATM 873 O O   . HOH W 4 .  ? -2.172  22.148  3.847   1.00 38.22 ? 502 HOH B O   1 
HETATM 874 O O   A HOH W 4 .  ? -1.014  17.283  13.947  0.50 23.24 ? 503 HOH B O   1 
HETATM 875 O O   . HOH W 4 .  ? -0.556  15.311  10.509  1.00 16.62 ? 504 HOH B O   1 
HETATM 876 O O   . HOH W 4 .  ? 2.712   16.900  0.029   1.00 20.31 ? 505 HOH B O   1 
HETATM 877 O O   . HOH W 4 .  ? 3.612   22.823  2.983   1.00 34.28 ? 506 HOH B O   1 
HETATM 878 O O   . HOH W 4 .  ? -2.328  22.263  9.090   1.00 38.42 ? 507 HOH B O   1 
HETATM 879 O O   . HOH W 4 .  ? 0.453   21.438  6.962   1.00 35.18 ? 508 HOH B O   1 
HETATM 880 O O   . HOH X 4 .  ? 7.551   -23.310 -5.633  1.00 28.40 ? 501 HOH C O   1 
HETATM 881 O O   . HOH X 4 .  ? 19.630  -15.129 -1.957  1.00 34.81 ? 502 HOH C O   1 
HETATM 882 O O   . HOH X 4 .  ? 5.805   -20.505 -0.891  1.00 31.73 ? 503 HOH C O   1 
# 
loop_
_atom_site_anisotrop.id 
_atom_site_anisotrop.type_symbol 
_atom_site_anisotrop.pdbx_label_atom_id 
_atom_site_anisotrop.pdbx_label_alt_id 
_atom_site_anisotrop.pdbx_label_comp_id 
_atom_site_anisotrop.pdbx_label_asym_id 
_atom_site_anisotrop.pdbx_label_seq_id 
_atom_site_anisotrop.pdbx_PDB_ins_code 
_atom_site_anisotrop.U[1][1] 
_atom_site_anisotrop.U[2][2] 
_atom_site_anisotrop.U[3][3] 
_atom_site_anisotrop.U[1][2] 
_atom_site_anisotrop.U[1][3] 
_atom_site_anisotrop.U[2][3] 
_atom_site_anisotrop.pdbx_auth_seq_id 
_atom_site_anisotrop.pdbx_auth_comp_id 
_atom_site_anisotrop.pdbx_auth_asym_id 
_atom_site_anisotrop.pdbx_auth_atom_id 
1   N N   . GLY A 7  ? 0.8986 0.7813 0.2135 -0.1310 -0.0627 -0.0496 438 GLY A N   
2   C CA  . GLY A 7  ? 0.5243 0.6797 0.3109 -0.1471 -0.1043 -0.0827 438 GLY A CA  
3   C C   . GLY A 7  ? 0.5374 0.6194 0.2416 -0.2371 -0.1195 -0.0003 438 GLY A C   
4   O O   . GLY A 7  ? 0.5114 0.6530 0.3296 -0.2418 -0.1515 0.0473  438 GLY A O   
5   N N   . PRO A 8  ? 0.3686 0.4944 0.2769 -0.2040 -0.0568 -0.0247 439 PRO A N   
6   C CA  . PRO A 8  ? 0.2792 0.3703 0.2953 -0.1528 -0.0439 -0.0097 439 PRO A CA  
7   C C   . PRO A 8  ? 0.2567 0.3201 0.2783 -0.0908 -0.0185 -0.0209 439 PRO A C   
8   O O   . PRO A 8  ? 0.3015 0.3795 0.2280 -0.0962 0.0076  -0.0123 439 PRO A O   
9   C CB  . PRO A 8  ? 0.3165 0.4375 0.2756 -0.1435 0.0094  -0.0293 439 PRO A CB  
10  C CG  . PRO A 8  ? 0.4932 0.4306 0.3703 -0.0939 0.0425  -0.0162 439 PRO A CG  
11  C CD  . PRO A 8  ? 0.4097 0.4490 0.3678 -0.1659 -0.0664 -0.0414 439 PRO A CD  
12  N N   . LEU A 9  ? 0.2393 0.2912 0.1887 -0.0483 -0.0348 0.0148  440 LEU A N   
13  C CA  . LEU A 9  ? 0.2211 0.2921 0.1997 -0.0554 -0.0074 0.0018  440 LEU A CA  
14  C C   . LEU A 9  ? 0.2612 0.3265 0.1833 -0.0276 0.0324  0.0123  440 LEU A C   
15  O O   . LEU A 9  ? 0.2621 0.3725 0.2093 -0.0878 0.0026  0.0276  440 LEU A O   
16  C CB  . LEU A 9  ? 0.2510 0.2793 0.2192 -0.0313 -0.0237 0.0073  440 LEU A CB  
17  C CG  . LEU A 9  ? 0.2433 0.3031 0.2428 -0.0420 -0.0434 0.0378  440 LEU A CG  
18  C CD1 . LEU A 9  ? 0.3868 0.3161 0.2665 -0.0513 0.0022  0.0271  440 LEU A CD1 
19  C CD2 . LEU A 9  ? 0.3137 0.3097 0.1940 -0.0754 -0.0105 0.0414  440 LEU A CD2 
20  N N   . PRO A 10 ? 0.2501 0.2989 0.1528 -0.0576 0.0013  -0.0009 441 PRO A N   
21  C CA  . PRO A 10 ? 0.2674 0.2523 0.1785 -0.0501 -0.0083 -0.0349 441 PRO A CA  
22  C C   . PRO A 10 ? 0.2212 0.2176 0.1736 -0.0107 -0.0072 -0.0137 441 PRO A C   
23  O O   . PRO A 10 ? 0.2055 0.2327 0.1430 -0.0229 0.0106  0.0041  441 PRO A O   
24  C CB  . PRO A 10 ? 0.2950 0.3188 0.2097 -0.0179 0.0144  -0.0458 441 PRO A CB  
25  C CG  . PRO A 10 ? 0.3067 0.3338 0.3144 -0.0281 0.0501  0.0074  441 PRO A CG  
26  C CD  . PRO A 10 ? 0.2711 0.3381 0.1771 -0.0451 0.0521  -0.0156 441 PRO A CD  
27  N N   . PRO A 11 ? 0.2577 0.2457 0.1547 -0.0273 0.0020  -0.0033 442 PRO A N   
28  C CA  . PRO A 11 ? 0.1990 0.2038 0.1737 -0.0134 0.0220  -0.0145 442 PRO A CA  
29  C C   . PRO A 11 ? 0.1804 0.2277 0.1721 -0.0099 0.0098  -0.0169 442 PRO A C   
30  O O   . PRO A 11 ? 0.1989 0.2374 0.1788 0.0115  0.0365  0.0126  442 PRO A O   
31  C CB  . PRO A 11 ? 0.2456 0.2030 0.2383 0.0005  0.0179  0.0038  442 PRO A CB  
32  C CG  . PRO A 11 ? 0.3811 0.2793 0.2374 -0.0393 0.0335  -0.0184 442 PRO A CG  
33  C CD  . PRO A 11 ? 0.3262 0.2682 0.2214 -0.0343 0.0139  -0.0255 442 PRO A CD  
34  N N   . GLY A 12 ? 0.1536 0.2070 0.1534 -0.0251 0.0077  -0.0035 443 GLY A N   
35  C CA  . GLY A 12 ? 0.1764 0.2364 0.1562 -0.0478 -0.0092 0.0058  443 GLY A CA  
36  C C   . GLY A 12 ? 0.1765 0.2009 0.1606 -0.0271 -0.0027 -0.0017 443 GLY A C   
37  O O   . GLY A 12 ? 0.1668 0.2220 0.1469 -0.0247 -0.0067 0.0028  443 GLY A O   
38  N N   . TRP A 13 ? 0.1543 0.2062 0.1581 -0.0159 -0.0052 -0.0037 444 TRP A N   
39  C CA  . TRP A 13 ? 0.1584 0.2114 0.1491 -0.0269 -0.0023 -0.0069 444 TRP A CA  
40  C C   . TRP A 13 ? 0.1821 0.1961 0.1490 -0.0290 -0.0101 0.0249  444 TRP A C   
41  O O   . TRP A 13 ? 0.1590 0.2736 0.1719 -0.0372 -0.0060 0.0129  444 TRP A O   
42  C CB  . TRP A 13 ? 0.1662 0.2316 0.1533 -0.0261 0.0019  0.0007  444 TRP A CB  
43  C CG  . TRP A 13 ? 0.1725 0.2339 0.1402 -0.0097 0.0201  0.0177  444 TRP A CG  
44  C CD1 . TRP A 13 ? 0.1774 0.2091 0.2423 -0.0337 0.0045  -0.0068 444 TRP A CD1 
45  C CD2 . TRP A 13 ? 0.1714 0.1988 0.1379 -0.0142 0.0013  -0.0052 444 TRP A CD2 
46  N NE1 . TRP A 13 ? 0.1972 0.2169 0.2318 -0.0115 0.0026  -0.0017 444 TRP A NE1 
47  C CE2 . TRP A 13 ? 0.1630 0.2130 0.1532 -0.0072 0.0031  -0.0111 444 TRP A CE2 
48  C CE3 . TRP A 13 ? 0.1739 0.2191 0.1558 -0.0108 -0.0107 0.0084  444 TRP A CE3 
49  C CZ2 . TRP A 13 ? 0.1664 0.2240 0.1618 -0.0058 -0.0081 0.0023  444 TRP A CZ2 
50  C CZ3 . TRP A 13 ? 0.1785 0.2141 0.1649 -0.0006 -0.0086 0.0519  444 TRP A CZ3 
51  C CH2 . TRP A 13 ? 0.1480 0.2341 0.1535 -0.0062 -0.0067 0.0175  444 TRP A CH2 
52  N N   . GLU A 14 ? 0.1710 0.1922 0.1678 -0.0284 -0.0175 0.0270  445 GLU A N   
53  C CA  . GLU A 14 ? 0.1730 0.2266 0.2650 -0.0141 -0.0175 0.0382  445 GLU A CA  
54  C C   . GLU A 14 ? 0.1678 0.2824 0.2824 -0.0151 -0.0231 0.0584  445 GLU A C   
55  O O   . GLU A 14 ? 0.1619 0.3306 0.3332 -0.0399 -0.0383 0.1395  445 GLU A O   
56  C CB  . GLU A 14 ? 0.3092 0.3126 0.3106 0.0011  0.0340  -0.0102 445 GLU A CB  
57  C CG  . GLU A 14 ? 0.3353 0.4636 0.3711 0.0845  0.0193  -0.0243 445 GLU A CG  
58  C CD  . GLU A 14 ? 0.4089 0.4382 0.3344 0.1136  -0.0995 0.0545  445 GLU A CD  
59  O OE1 . GLU A 14 ? 0.3173 0.3404 0.2377 0.1203  0.0132  0.0389  445 GLU A OE1 
60  O OE2 . GLU A 14 ? 0.5159 0.4349 0.5231 0.1185  0.0001  0.1750  445 GLU A OE2 
61  N N   . LYS A 15 ? 0.1575 0.2944 0.2727 -0.0080 -0.0122 0.0669  446 LYS A N   
62  C CA  . LYS A 15 ? 0.2094 0.3086 0.3601 -0.0210 -0.0307 0.1092  446 LYS A CA  
63  C C   . LYS A 15 ? 0.2523 0.3679 0.3924 0.0310  0.0400  0.0977  446 LYS A C   
64  O O   . LYS A 15 ? 0.3159 0.3134 0.5684 0.0817  0.1464  0.0862  446 LYS A O   
65  C CB  . LYS A 15 ? 0.2422 0.4091 0.4239 -0.0461 -0.1050 0.1284  446 LYS A CB  
66  C CG  . LYS A 15 ? 0.2652 0.4172 0.4730 0.0014  -0.1028 0.1537  446 LYS A CG  
67  C CD  . LYS A 15 ? 0.3320 0.5150 0.4613 -0.0348 -0.1373 0.1581  446 LYS A CD  
68  C CE  . LYS A 15 ? 0.5721 0.5931 0.5475 0.0549  0.0376  0.1802  446 LYS A CE  
69  N N   . ARG A 16 ? 0.2665 0.3285 0.4573 0.0374  0.0223  0.0598  447 ARG A N   
70  C CA  . ARG A 16 ? 0.3984 0.3356 0.5402 0.0463  0.0390  0.0419  447 ARG A CA  
71  C C   . ARG A 16 ? 0.4283 0.3597 0.5382 0.0545  0.0163  0.0339  447 ARG A C   
72  O O   . ARG A 16 ? 0.3466 0.2802 0.4732 0.0999  -0.0338 0.1247  447 ARG A O   
73  C CB  . ARG A 16 ? 0.4824 0.3102 0.5428 -0.0097 0.0355  -0.0072 447 ARG A CB  
74  C CG  . ARG A 16 ? 0.5872 0.3900 0.5644 0.0364  0.0281  0.0388  447 ARG A CG  
75  C CD  A ARG A 16 ? 0.6007 0.4232 0.6078 0.0402  0.0368  -0.0345 447 ARG A CD  
76  C CD  B ARG A 16 ? 0.6602 0.4215 0.6093 0.0523  0.0118  -0.0458 447 ARG A CD  
77  N NE  A ARG A 16 ? 0.6195 0.4781 0.6213 0.0532  0.1294  -0.0538 447 ARG A NE  
78  C CZ  A ARG A 16 ? 0.5333 0.4381 0.7044 0.0657  0.1407  -0.0102 447 ARG A CZ  
79  N NH1 A ARG A 16 ? 0.5852 0.4659 0.7284 -0.0382 0.1729  -0.0570 447 ARG A NH1 
80  N NH2 A ARG A 16 ? 0.5674 0.4202 0.7072 0.0299  0.1445  -0.0453 447 ARG A NH2 
81  N N   . THR A 17 ? 0.4538 0.3885 0.5065 0.1365  0.0669  0.0859  448 THR A N   
82  C CA  . THR A 17 ? 0.3838 0.4271 0.4685 0.0659  -0.0237 0.0718  448 THR A CA  
83  C C   . THR A 17 ? 0.4357 0.3789 0.4728 0.1340  0.0274  0.0113  448 THR A C   
84  O O   . THR A 17 ? 0.5752 0.5331 0.5748 0.1691  0.1200  -0.1137 448 THR A O   
85  C CB  . THR A 17 ? 0.3487 0.4639 0.4954 0.0533  -0.0374 0.0471  448 THR A CB  
86  O OG1 . THR A 17 ? 0.4062 0.3832 0.6210 0.0865  -0.1078 0.0751  448 THR A OG1 
87  C CG2 . THR A 17 ? 0.3649 0.5008 0.5788 0.0623  -0.0177 0.0562  448 THR A CG2 
88  N N   . ASP A 18 ? 0.3783 0.3827 0.5805 0.0984  -0.0172 -0.0075 449 ASP A N   
89  C CA  . ASP A 18 ? 0.4906 0.4040 0.6483 0.0761  -0.0030 -0.0650 449 ASP A CA  
90  C C   . ASP A 18 ? 0.5866 0.4130 0.7538 0.0776  -0.0355 0.0350  449 ASP A C   
91  O O   . ASP A 18 ? 0.4463 0.4019 0.8722 0.0027  0.0244  -0.0333 449 ASP A O   
92  C CB  . ASP A 18 ? 0.4200 0.4343 0.5386 0.0413  -0.1224 -0.0137 449 ASP A CB  
93  C CG  . ASP A 18 ? 0.4631 0.3788 0.6545 -0.0165 -0.0976 0.0446  449 ASP A CG  
94  O OD1 . ASP A 18 ? 0.5465 0.4204 0.7516 0.1244  -0.1264 0.0307  449 ASP A OD1 
95  O OD2 . ASP A 18 ? 0.4688 0.4052 0.7621 -0.0336 -0.0560 -0.0157 449 ASP A OD2 
96  N N   . SER A 19 ? 0.7680 0.5314 0.8960 0.0078  -0.0259 -0.1068 450 SER A N   
97  C CA  . SER A 19 ? 0.8757 0.4972 0.8404 -0.0202 0.0015  -0.0281 450 SER A CA  
98  C C   . SER A 19 ? 0.8957 0.5371 0.8754 0.0787  0.0048  0.0065  450 SER A C   
99  O O   . SER A 19 ? 1.1564 0.2853 1.1684 0.1152  0.0537  0.1542  450 SER A O   
100 C CB  . SER A 19 ? 1.0152 0.5887 0.8752 -0.0486 0.0063  -0.1781 450 SER A CB  
101 N N   . ASN A 20 ? 0.8172 0.2842 0.9025 0.1265  -0.0058 0.0636  451 ASN A N   
102 C CA  . ASN A 20 ? 0.7462 0.5949 0.8611 0.0637  -0.0393 0.0713  451 ASN A CA  
103 C C   . ASN A 20 ? 0.7233 0.3830 0.8850 0.0644  -0.0164 0.1586  451 ASN A C   
104 O O   . ASN A 20 ? 0.8098 0.4072 0.9179 0.1074  -0.1201 0.2627  451 ASN A O   
105 C CB  . ASN A 20 ? 0.8356 0.6872 0.7958 -0.0176 0.0766  0.0628  451 ASN A CB  
106 N N   . GLY A 21 ? 0.4780 0.4432 0.8558 0.0689  -0.0954 0.0827  452 GLY A N   
107 C CA  . GLY A 21 ? 0.4190 0.5084 0.7379 0.1641  -0.1101 -0.0072 452 GLY A CA  
108 C C   . GLY A 21 ? 0.4955 0.3862 0.6686 0.0275  -0.0599 -0.0007 452 GLY A C   
109 O O   . GLY A 21 ? 0.4700 0.5824 0.8079 -0.0567 -0.3104 0.1650  452 GLY A O   
110 N N   . ARG A 22 ? 0.4734 0.3595 0.6654 -0.0002 -0.0126 0.1754  453 ARG A N   
111 C CA  . ARG A 22 ? 0.5069 0.3894 0.5171 -0.0030 -0.0542 0.1363  453 ARG A CA  
112 C C   . ARG A 22 ? 0.4019 0.3513 0.4095 0.0472  0.0019  0.0921  453 ARG A C   
113 O O   . ARG A 22 ? 0.3780 0.3137 0.4357 0.0579  -0.0093 0.0983  453 ARG A O   
114 C CB  . ARG A 22 ? 0.4846 0.3425 0.4643 0.0448  -0.0103 0.1413  453 ARG A CB  
115 C CG  A ARG A 22 ? 0.5128 0.3669 0.5082 -0.0226 0.0113  0.1152  453 ARG A CG  
116 C CG  B ARG A 22 ? 0.4941 0.3507 0.4694 -0.0127 0.0111  0.0952  453 ARG A CG  
117 C CD  A ARG A 22 ? 0.5021 0.4516 0.5701 0.0072  -0.0170 0.0748  453 ARG A CD  
118 C CD  B ARG A 22 ? 0.4819 0.4136 0.4690 0.0201  -0.0113 0.0282  453 ARG A CD  
119 N NE  A ARG A 22 ? 0.4810 0.4203 0.5707 0.0161  0.0176  0.0586  453 ARG A NE  
120 C CZ  A ARG A 22 ? 0.5227 0.3384 0.6266 -0.0111 -0.0135 0.0413  453 ARG A CZ  
121 N N   . VAL A 23 ? 0.4787 0.3080 0.4057 0.0531  -0.0907 0.1847  454 VAL A N   
122 C CA  . VAL A 23 ? 0.3636 0.3234 0.3601 0.0320  -0.0732 0.1638  454 VAL A CA  
123 C C   . VAL A 23 ? 0.3713 0.3051 0.3925 0.0311  -0.1108 0.2027  454 VAL A C   
124 O O   . VAL A 23 ? 0.4279 0.5681 0.4385 -0.0671 -0.0681 0.3408  454 VAL A O   
125 C CB  . VAL A 23 ? 0.4022 0.4252 0.4250 0.0168  -0.0994 0.1254  454 VAL A CB  
126 C CG1 . VAL A 23 ? 0.4289 0.3825 0.3840 0.0026  -0.1199 0.0491  454 VAL A CG1 
127 C CG2 . VAL A 23 ? 0.4457 0.5068 0.4686 0.0797  -0.1282 0.1022  454 VAL A CG2 
128 N N   . TYR A 24 ? 0.2667 0.2510 0.2827 -0.0025 -0.0496 0.0881  455 TYR A N   
129 C CA  . TYR A 24 ? 0.2375 0.2635 0.2861 -0.0188 -0.0630 0.0965  455 TYR A CA  
130 C C   . TYR A 24 ? 0.1781 0.2574 0.2067 -0.0153 -0.0371 0.0578  455 TYR A C   
131 O O   . TYR A 24 ? 0.1745 0.2805 0.2824 0.0121  -0.0420 0.0750  455 TYR A O   
132 C CB  . TYR A 24 ? 0.2362 0.2180 0.3201 -0.0587 -0.0342 0.1178  455 TYR A CB  
133 C CG  . TYR A 24 ? 0.2968 0.2592 0.3789 0.0207  -0.0690 0.0168  455 TYR A CG  
134 C CD1 . TYR A 24 ? 0.3224 0.2240 0.4012 0.0140  -0.0909 0.0684  455 TYR A CD1 
135 C CD2 . TYR A 24 ? 0.3244 0.1934 0.3645 0.0037  -0.0657 0.0232  455 TYR A CD2 
136 C CE1 . TYR A 24 ? 0.4149 0.3203 0.4741 0.0956  -0.0977 -0.0111 455 TYR A CE1 
137 C CE2 . TYR A 24 ? 0.4077 0.3149 0.3812 0.0851  -0.0968 0.0077  455 TYR A CE2 
138 C CZ  . TYR A 24 ? 0.5053 0.3058 0.4313 0.0999  -0.0095 -0.0068 455 TYR A CZ  
139 O OH  . TYR A 24 ? 0.6981 0.4010 0.5205 0.1671  -0.0442 -0.1523 455 TYR A OH  
140 N N   . PHE A 25 ? 0.1638 0.2528 0.1809 -0.0227 -0.0372 0.0544  456 PHE A N   
141 C CA  . PHE A 25 ? 0.1673 0.2314 0.1876 -0.0013 -0.0360 0.0379  456 PHE A CA  
142 C C   . PHE A 25 ? 0.1624 0.2420 0.1500 -0.0151 -0.0059 0.0394  456 PHE A C   
143 O O   . PHE A 25 ? 0.1693 0.2879 0.1515 -0.0289 -0.0040 0.0377  456 PHE A O   
144 C CB  . PHE A 25 ? 0.1546 0.2312 0.1733 -0.0255 -0.0311 0.0286  456 PHE A CB  
145 C CG  . PHE A 25 ? 0.1714 0.2368 0.1557 -0.0125 -0.0258 0.0321  456 PHE A CG  
146 C CD1 . PHE A 25 ? 0.2226 0.2999 0.1436 -0.0348 -0.0106 0.0354  456 PHE A CD1 
147 C CD2 . PHE A 25 ? 0.1889 0.2544 0.1938 -0.0286 -0.0488 0.0646  456 PHE A CD2 
148 C CE1 . PHE A 25 ? 0.2670 0.3455 0.1651 -0.0342 -0.0456 0.0366  456 PHE A CE1 
149 C CE2 . PHE A 25 ? 0.1932 0.3374 0.1943 -0.0412 -0.0647 0.0389  456 PHE A CE2 
150 C CZ  . PHE A 25 ? 0.2555 0.3544 0.1860 -0.0194 -0.0576 0.0638  456 PHE A CZ  
151 N N   . VAL A 26 ? 0.1562 0.2496 0.1463 -0.0304 -0.0073 0.0264  457 VAL A N   
152 C CA  . VAL A 26 ? 0.1843 0.1839 0.1513 -0.0123 -0.0192 0.0041  457 VAL A CA  
153 C C   . VAL A 26 ? 0.1599 0.1951 0.1172 -0.0222 -0.0015 0.0225  457 VAL A C   
154 O O   . VAL A 26 ? 0.1552 0.2186 0.1668 -0.0312 -0.0134 0.0210  457 VAL A O   
155 C CB  . VAL A 26 ? 0.2542 0.2398 0.1624 0.0018  -0.0067 -0.0284 457 VAL A CB  
156 C CG1 . VAL A 26 ? 0.2401 0.2526 0.1532 0.0291  0.0135  -0.0267 457 VAL A CG1 
157 C CG2 . VAL A 26 ? 0.3005 0.2649 0.2511 -0.0033 0.0069  0.0033  457 VAL A CG2 
158 N N   . ASN A 27 ? 0.1551 0.1966 0.1467 -0.0189 -0.0081 0.0214  458 ASN A N   
159 C CA  . ASN A 27 ? 0.1658 0.1998 0.1374 -0.0306 -0.0201 0.0200  458 ASN A CA  
160 C C   . ASN A 27 ? 0.1513 0.2002 0.1364 -0.0318 -0.0095 0.0006  458 ASN A C   
161 O O   . ASN A 27 ? 0.1482 0.2432 0.1394 -0.0294 -0.0194 0.0164  458 ASN A O   
162 C CB  . ASN A 27 ? 0.1856 0.2259 0.1312 -0.0392 -0.0102 -0.0087 458 ASN A CB  
163 C CG  . ASN A 27 ? 0.2263 0.2250 0.1692 -0.0101 -0.0262 0.0007  458 ASN A CG  
164 O OD1 . ASN A 27 ? 0.3115 0.2272 0.1565 -0.0117 0.0045  0.0269  458 ASN A OD1 
165 N ND2 . ASN A 27 ? 0.2676 0.2498 0.1472 0.0345  -0.0506 0.0053  458 ASN A ND2 
166 N N   . HIS A 28 ? 0.1477 0.2017 0.1294 -0.0322 -0.0138 0.0017  459 HIS A N   
167 C CA  . HIS A 28 ? 0.1249 0.2278 0.1369 -0.0263 -0.0083 0.0154  459 HIS A CA  
168 C C   . HIS A 28 ? 0.1423 0.2013 0.1449 -0.0230 0.0034  0.0100  459 HIS A C   
169 O O   . HIS A 28 ? 0.1801 0.2658 0.1441 -0.0165 -0.0328 0.0084  459 HIS A O   
170 C CB  . HIS A 28 ? 0.1402 0.2454 0.1337 -0.0023 0.0143  0.0046  459 HIS A CB  
171 C CG  . HIS A 28 ? 0.1502 0.2292 0.1648 -0.0030 0.0282  0.0062  459 HIS A CG  
172 N ND1 . HIS A 28 ? 0.2107 0.2330 0.1688 -0.0071 0.0001  0.0037  459 HIS A ND1 
173 C CD2 . HIS A 28 ? 0.1770 0.2231 0.1665 -0.0276 0.0035  0.0137  459 HIS A CD2 
174 C CE1 . HIS A 28 ? 0.2044 0.2323 0.1544 -0.0150 0.0361  0.0005  459 HIS A CE1 
175 N NE2 . HIS A 28 ? 0.1746 0.2452 0.1705 0.0019  -0.0069 0.0203  459 HIS A NE2 
176 N N   . ASN A 29 ? 0.1522 0.2114 0.1563 -0.0139 -0.0122 0.0081  460 ASN A N   
177 C CA  . ASN A 29 ? 0.1511 0.2058 0.1593 -0.0234 0.0082  0.0350  460 ASN A CA  
178 C C   . ASN A 29 ? 0.1606 0.2344 0.1761 -0.0306 -0.0097 0.0469  460 ASN A C   
179 O O   . ASN A 29 ? 0.1948 0.3014 0.1822 -0.0408 -0.0310 0.0729  460 ASN A O   
180 C CB  . ASN A 29 ? 0.1772 0.2349 0.1708 -0.0195 0.0034  0.0213  460 ASN A CB  
181 C CG  . ASN A 29 ? 0.1912 0.2409 0.1838 -0.0353 0.0046  0.0196  460 ASN A CG  
182 O OD1 . ASN A 29 ? 0.2613 0.3324 0.2025 -0.0309 -0.0418 -0.0186 460 ASN A OD1 
183 N ND2 . ASN A 29 ? 0.1176 0.2180 0.1733 -0.0356 -0.0288 0.0193  460 ASN A ND2 
184 N N   . THR A 30 ? 0.1522 0.2146 0.1471 -0.0294 -0.0210 0.0295  461 THR A N   
185 C CA  . THR A 30 ? 0.1601 0.2039 0.1473 -0.0330 -0.0275 0.0355  461 THR A CA  
186 C C   . THR A 30 ? 0.1524 0.2036 0.1349 -0.0255 -0.0058 0.0243  461 THR A C   
187 O O   . THR A 30 ? 0.1369 0.2511 0.1657 -0.0252 -0.0198 0.0052  461 THR A O   
188 C CB  . THR A 30 ? 0.1577 0.2363 0.1802 -0.0038 -0.0114 0.0181  461 THR A CB  
189 O OG1 . THR A 30 ? 0.1910 0.2026 0.1776 -0.0263 -0.0081 0.0326  461 THR A OG1 
190 C CG2 . THR A 30 ? 0.1737 0.2441 0.1850 0.0181  -0.0022 0.0171  461 THR A CG2 
191 N N   . ARG A 31 ? 0.1546 0.1962 0.1546 -0.0263 0.0004  0.0307  462 ARG A N   
192 C CA  . ARG A 31 ? 0.1349 0.2042 0.1503 -0.0277 -0.0003 0.0121  462 ARG A CA  
193 C C   . ARG A 31 ? 0.1653 0.1778 0.1617 -0.0185 0.0192  0.0037  462 ARG A C   
194 O O   . ARG A 31 ? 0.2398 0.2032 0.1736 -0.0533 0.0369  -0.0183 462 ARG A O   
195 C CB  . ARG A 31 ? 0.1728 0.2262 0.1680 -0.0504 -0.0138 -0.0031 462 ARG A CB  
196 C CG  . ARG A 31 ? 0.1652 0.2569 0.1705 -0.0563 -0.0291 0.0128  462 ARG A CG  
197 C CD  . ARG A 31 ? 0.1733 0.2467 0.1655 -0.0615 -0.0155 -0.0029 462 ARG A CD  
198 N NE  . ARG A 31 ? 0.1792 0.2742 0.1503 -0.0568 -0.0159 0.0074  462 ARG A NE  
199 C CZ  . ARG A 31 ? 0.1872 0.2303 0.1549 -0.0394 -0.0056 -0.0155 462 ARG A CZ  
200 N NH1 . ARG A 31 ? 0.1776 0.2427 0.1643 -0.0517 0.0113  0.0032  462 ARG A NH1 
201 N NH2 . ARG A 31 ? 0.1828 0.2422 0.1975 -0.0290 -0.0073 0.0139  462 ARG A NH2 
202 N N   . ILE A 32 ? 0.1877 0.1883 0.1400 -0.0314 -0.0108 0.0152  463 ILE A N   
203 C CA  . ILE A 32 ? 0.1575 0.2036 0.1545 -0.0232 -0.0189 0.0352  463 ILE A CA  
204 C C   . ILE A 32 ? 0.1688 0.1780 0.1494 -0.0065 -0.0073 -0.0004 463 ILE A C   
205 O O   . ILE A 32 ? 0.1634 0.2180 0.1380 -0.0174 -0.0118 0.0121  463 ILE A O   
206 C CB  . ILE A 32 ? 0.1797 0.1900 0.1471 -0.0277 -0.0186 0.0303  463 ILE A CB  
207 C CG1 . ILE A 32 ? 0.1571 0.2127 0.1697 -0.0249 -0.0078 0.0046  463 ILE A CG1 
208 C CG2 . ILE A 32 ? 0.1717 0.2145 0.2029 -0.0114 0.0020  0.0447  463 ILE A CG2 
209 C CD1 . ILE A 32 ? 0.1846 0.2060 0.1750 -0.0404 -0.0080 0.0218  463 ILE A CD1 
210 N N   . THR A 33 ? 0.1481 0.2168 0.1400 -0.0265 -0.0227 0.0297  464 THR A N   
211 C CA  . THR A 33 ? 0.1550 0.2157 0.1433 0.0000  0.0024  0.0422  464 THR A CA  
212 C C   . THR A 33 ? 0.1501 0.2203 0.1466 -0.0115 0.0051  0.0241  464 THR A C   
213 O O   . THR A 33 ? 0.1492 0.2349 0.1495 -0.0167 -0.0053 0.0189  464 THR A O   
214 C CB  . THR A 33 ? 0.1788 0.2142 0.1783 -0.0058 -0.0069 0.0234  464 THR A CB  
215 O OG1 . THR A 33 ? 0.1831 0.2207 0.1752 -0.0137 -0.0090 0.0309  464 THR A OG1 
216 C CG2 . THR A 33 ? 0.1859 0.2273 0.1866 0.0080  0.0028  -0.0036 464 THR A CG2 
217 N N   . GLN A 34 ? 0.1551 0.2152 0.1537 -0.0134 -0.0068 0.0352  465 GLN A N   
218 C CA  . GLN A 34 ? 0.1628 0.2211 0.1627 -0.0296 -0.0001 0.0505  465 GLN A CA  
219 C C   . GLN A 34 ? 0.1787 0.2302 0.1581 -0.0089 0.0046  0.0445  465 GLN A C   
220 O O   . GLN A 34 ? 0.1671 0.2808 0.1635 -0.0225 -0.0017 0.0492  465 GLN A O   
221 C CB  . GLN A 34 ? 0.1711 0.2240 0.1397 -0.0367 0.0163  0.0225  465 GLN A CB  
222 C CG  . GLN A 34 ? 0.1828 0.2136 0.1365 -0.0362 -0.0089 0.0273  465 GLN A CG  
223 C CD  . GLN A 34 ? 0.1757 0.2107 0.1501 -0.0378 0.0093  0.0125  465 GLN A CD  
224 O OE1 . GLN A 34 ? 0.1752 0.2512 0.1714 -0.0279 -0.0147 0.0046  465 GLN A OE1 
225 N NE2 . GLN A 34 ? 0.2300 0.2381 0.1623 -0.0511 -0.0095 0.0011  465 GLN A NE2 
226 N N   . TRP A 35 ? 0.1958 0.2732 0.1315 -0.0321 -0.0041 0.0374  466 TRP A N   
227 C CA  . TRP A 35 ? 0.1930 0.2601 0.1624 -0.0192 -0.0070 0.0499  466 TRP A CA  
228 C C   . TRP A 35 ? 0.1949 0.2675 0.1482 -0.0050 -0.0035 0.0572  466 TRP A C   
229 O O   . TRP A 35 ? 0.2035 0.4018 0.1770 0.0004  -0.0454 0.0688  466 TRP A O   
230 C CB  . TRP A 35 ? 0.2355 0.2713 0.1437 -0.0164 -0.0021 0.0578  466 TRP A CB  
231 C CG  . TRP A 35 ? 0.1832 0.2569 0.1705 -0.0225 -0.0234 0.0660  466 TRP A CG  
232 C CD1 . TRP A 35 ? 0.1994 0.2791 0.1604 -0.0313 -0.0292 0.0663  466 TRP A CD1 
233 C CD2 . TRP A 35 ? 0.2341 0.2631 0.2134 -0.0034 -0.0260 0.0837  466 TRP A CD2 
234 N NE1 . TRP A 35 ? 0.2635 0.2771 0.1924 -0.0178 -0.0244 0.0585  466 TRP A NE1 
235 C CE2 . TRP A 35 ? 0.2740 0.2788 0.1796 -0.0152 -0.0227 0.0772  466 TRP A CE2 
236 C CE3 . TRP A 35 ? 0.2394 0.2641 0.2599 0.0144  -0.0490 0.0907  466 TRP A CE3 
237 C CZ2 . TRP A 35 ? 0.2793 0.2291 0.3311 -0.0427 -0.0385 0.0853  466 TRP A CZ2 
238 C CZ3 . TRP A 35 ? 0.2669 0.2654 0.3591 0.0060  -0.0225 0.0860  466 TRP A CZ3 
239 C CH2 . TRP A 35 ? 0.2914 0.2825 0.3605 0.0126  -0.0313 0.0594  466 TRP A CH2 
240 N N   . GLU A 36 ? 0.1994 0.2275 0.1516 -0.0400 -0.0155 0.0261  467 GLU A N   
241 C CA  A GLU A 36 ? 0.2606 0.2877 0.1693 -0.0950 -0.0250 0.0149  467 GLU A CA  
242 C CA  B GLU A 36 ? 0.2525 0.2757 0.1729 -0.0847 -0.0192 0.0116  467 GLU A CA  
243 C C   . GLU A 36 ? 0.2069 0.3453 0.1653 -0.0759 -0.0287 0.0400  467 GLU A C   
244 O O   . GLU A 36 ? 0.2072 0.3607 0.1631 -0.0581 -0.0377 0.0389  467 GLU A O   
245 C CB  A GLU A 36 ? 0.2872 0.3621 0.2839 -0.0664 0.0187  -0.0021 467 GLU A CB  
246 C CB  B GLU A 36 ? 0.2965 0.3161 0.2330 -0.0635 0.0039  -0.0293 467 GLU A CB  
247 C CG  A GLU A 36 ? 0.2684 0.4112 0.2228 -0.0689 -0.0141 0.0120  467 GLU A CG  
248 C CD  A GLU A 36 ? 0.2865 0.3092 0.3457 -0.0453 -0.1023 0.0346  467 GLU A CD  
249 N N   . ASP A 37 ? 0.2476 0.3602 0.1623 -0.1084 -0.0393 0.0445  468 ASP A N   
250 C CA  . ASP A 37 ? 0.2133 0.3258 0.1514 -0.0586 -0.0376 0.0395  468 ASP A CA  
251 C C   . ASP A 37 ? 0.2229 0.2929 0.1970 -0.0615 -0.0180 0.0107  468 ASP A C   
252 O O   . ASP A 37 ? 0.2680 0.3555 0.1744 -0.0274 -0.0122 0.0381  468 ASP A O   
253 C CB  . ASP A 37 ? 0.2347 0.3343 0.1556 -0.0646 -0.0558 0.0341  468 ASP A CB  
254 C CG  . ASP A 37 ? 0.2248 0.3054 0.2294 -0.0427 -0.0427 0.0236  468 ASP A CG  
255 O OD1 . ASP A 37 ? 0.2236 0.3140 0.2062 -0.0702 -0.0110 0.0200  468 ASP A OD1 
256 O OD2 . ASP A 37 ? 0.2485 0.3598 0.2851 -0.0290 -0.0670 0.0619  468 ASP A OD2 
257 N N   . PRO A 38 ? 0.2239 0.2795 0.1844 -0.0255 -0.0306 0.0100  469 PRO A N   
258 C CA  . PRO A 38 ? 0.2408 0.3071 0.1643 0.0123  -0.0165 0.0002  469 PRO A CA  
259 C C   . PRO A 38 ? 0.3136 0.3032 0.2115 -0.0096 -0.0227 0.0050  469 PRO A C   
260 O O   . PRO A 38 ? 0.4545 0.3796 0.3074 0.0695  -0.0784 0.0186  469 PRO A O   
261 C CB  . PRO A 38 ? 0.3128 0.2768 0.1509 -0.0455 -0.0489 -0.0064 469 PRO A CB  
262 C CG  . PRO A 38 ? 0.3163 0.2876 0.1536 -0.0351 -0.0303 0.0176  469 PRO A CG  
263 C CD  . PRO A 38 ? 0.2686 0.2917 0.1761 -0.0431 -0.0288 0.0101  469 PRO A CD  
264 N N   . ARG A 39 ? 0.2859 0.3125 0.2156 -0.0334 -0.0116 -0.0162 470 ARG A N   
265 C CA  . ARG A 39 ? 0.3788 0.2815 0.2040 -0.0008 -0.0334 -0.0193 470 ARG A CA  
266 C C   . ARG A 39 ? 0.4642 0.4082 0.2251 0.0468  -0.0095 -0.0145 470 ARG A C   
267 O O   . ARG A 39 ? 0.7385 0.5128 0.2947 0.0992  -0.0630 -0.1377 470 ARG A O   
268 C CB  . ARG A 39 ? 0.3472 0.3081 0.1910 -0.0471 -0.0193 -0.0367 470 ARG A CB  
269 C CG  . ARG A 39 ? 0.3436 0.3339 0.2269 -0.0600 -0.0021 0.0277  470 ARG A CG  
270 C CD  . ARG A 39 ? 0.3412 0.3935 0.2319 -0.0568 -0.0134 0.0069  470 ARG A CD  
271 N NE  . ARG A 39 ? 0.2591 0.4095 0.1794 -0.0668 0.0016  0.0094  470 ARG A NE  
272 C CZ  . ARG A 39 ? 0.2368 0.4696 0.2593 -0.0570 0.0001  0.0111  470 ARG A CZ  
273 N NH1 . ARG A 39 ? 0.2571 0.5845 0.3110 -0.0944 0.0124  0.0588  470 ARG A NH1 
274 N NH2 . ARG A 39 ? 0.2854 0.5073 0.2993 -0.0722 -0.0032 -0.0119 470 ARG A NH2 
275 N N   . SER A 40 ? 0.4062 0.5216 0.2132 0.0743  0.0355  0.0048  471 SER A N   
276 C CA  A SER A 40 ? 0.4393 0.5761 0.2733 0.0852  0.0980  0.0156  471 SER A CA  
277 C CA  B SER A 40 ? 0.4380 0.6027 0.2657 0.0870  0.0914  0.0181  471 SER A CA  
278 C C   . SER A 40 ? 0.5031 0.7151 0.3063 0.1711  0.0107  0.1013  471 SER A C   
279 O O   . SER A 40 ? 0.6198 0.6022 0.3120 0.1749  -0.0333 0.0892  471 SER A O   
280 C CB  A SER A 40 ? 0.5014 0.5871 0.2940 0.0497  0.0634  0.0314  471 SER A CB  
281 C CB  B SER A 40 ? 0.5383 0.6309 0.2587 0.0335  0.0551  0.0528  471 SER A CB  
282 O OG  A SER A 40 ? 0.4869 0.6085 0.2705 -0.0281 0.1579  0.0028  471 SER A OG  
283 O OG  B SER A 40 ? 0.4239 0.7573 0.1695 -0.0615 0.0252  0.0231  471 SER A OG  
284 N N   . GLN A 41 ? 0.5627 0.6973 0.3870 0.3468  -0.0590 -0.0379 472 GLN A N   
285 C CA  . GLN A 41 ? 0.4523 0.8095 0.4717 0.2817  -0.0198 -0.0186 472 GLN A CA  
286 C CA  . GLU A 46 ? 1.0533 1.1168 0.4722 0.1746  0.0143  0.4003  477 GLU A CA  
287 C C   . GLU A 46 ? 0.7552 1.0048 0.5713 -0.0209 -0.0254 0.2025  477 GLU A C   
288 O O   . GLU A 46 ? 0.5815 1.1023 0.5032 0.0828  0.0362  0.2976  477 GLU A O   
289 N N   . LYS A 47 ? 0.6935 0.6521 0.5540 0.0993  -0.0253 0.1263  478 LYS A N   
290 C CA  . LYS A 47 ? 0.5393 0.3149 0.5517 0.0024  -0.0366 -0.0465 478 LYS A CA  
291 C C   . LYS A 47 ? 0.4609 0.3418 0.5099 0.0056  -0.0256 -0.0179 478 LYS A C   
292 O O   . LYS A 47 ? 0.4919 0.3138 0.4083 0.0019  -0.1567 0.0457  478 LYS A O   
293 C CB  . LYS A 47 ? 0.5175 0.3984 0.5368 0.0462  0.0040  -0.0840 478 LYS A CB  
294 C CG  . LYS A 47 ? 0.5366 0.2319 0.5707 -0.1236 -0.0279 -0.1661 478 LYS A CG  
295 C CD  . LYS A 47 ? 0.5460 0.4052 0.5701 -0.0810 -0.0040 -0.0125 478 LYS A CD  
296 C CE  . LYS A 47 ? 0.6617 0.6112 0.5608 -0.0097 0.0117  -0.1705 478 LYS A CE  
297 N NZ  . LYS A 47 ? 0.6568 0.6423 0.5642 -0.0264 0.0169  -0.2519 478 LYS A NZ  
298 N N   . PRO A 48 ? 0.4983 0.3158 0.3897 0.0194  -0.0740 -0.0289 479 PRO A N   
299 C CA  . PRO A 48 ? 0.4364 0.3432 0.3428 0.0293  -0.0167 0.0096  479 PRO A CA  
300 C C   . PRO A 48 ? 0.3874 0.2553 0.3286 0.0223  -0.0529 -0.0399 479 PRO A C   
301 O O   . PRO A 48 ? 0.3988 0.1850 0.3443 0.0602  -0.0490 -0.0505 479 PRO A O   
302 C CB  . PRO A 48 ? 0.5145 0.3120 0.4288 -0.0206 -0.0387 0.0207  479 PRO A CB  
303 C CG  . PRO A 48 ? 0.4432 0.3828 0.4461 -0.0106 -0.0419 -0.0299 479 PRO A CG  
304 C CD  . PRO A 48 ? 0.4894 0.2970 0.4268 0.0395  -0.0697 -0.0394 479 PRO A CD  
305 N N   . LEU A 49 ? 0.3701 0.2516 0.2744 0.0327  -0.0723 -0.0390 480 LEU A N   
306 C CA  . LEU A 49 ? 0.3088 0.2352 0.2902 0.0493  -0.0603 -0.0378 480 LEU A CA  
307 C C   . LEU A 49 ? 0.3332 0.2206 0.2568 0.0048  -0.0367 -0.0472 480 LEU A C   
308 O O   . LEU A 49 ? 0.3674 0.2224 0.3183 -0.0016 -0.0508 0.0124  480 LEU A O   
309 C CB  . LEU A 49 ? 0.3244 0.2374 0.3005 0.0231  -0.0435 -0.0482 480 LEU A CB  
310 C CG  . LEU A 49 ? 0.3523 0.2658 0.2936 0.0261  -0.0776 -0.0411 480 LEU A CG  
311 C CD1 . LEU A 49 ? 0.4178 0.2420 0.2921 0.0303  -0.0580 -0.0191 480 LEU A CD1 
312 C CD2 . LEU A 49 ? 0.3579 0.2961 0.3367 0.0319  -0.0440 -0.0768 480 LEU A CD2 
313 N N   . PRO A 50 ? 0.2871 0.2341 0.2665 0.0151  -0.0447 -0.0386 481 PRO A N   
314 C CA  . PRO A 50 ? 0.3080 0.2373 0.2828 0.0176  -0.0597 -0.0326 481 PRO A CA  
315 C C   . PRO A 50 ? 0.2813 0.1753 0.2824 0.0049  -0.0525 -0.0173 481 PRO A C   
316 O O   . PRO A 50 ? 0.2962 0.2130 0.2439 0.0039  -0.0257 -0.0191 481 PRO A O   
317 C CB  . PRO A 50 ? 0.3194 0.3573 0.2782 -0.0051 0.0072  -0.0650 481 PRO A CB  
318 C CG  . PRO A 50 ? 0.3353 0.3368 0.3117 -0.0016 -0.0394 -0.0100 481 PRO A CG  
319 C CD  . PRO A 50 ? 0.3210 0.2614 0.2816 0.0180  -0.0067 -0.0296 481 PRO A CD  
320 N N   . GLU A 51 ? 0.2915 0.1797 0.2748 -0.0074 -0.0333 -0.0187 482 GLU A N   
321 C CA  . GLU A 51 ? 0.2817 0.2327 0.2827 -0.0195 -0.0200 -0.0157 482 GLU A CA  
322 C C   . GLU A 51 ? 0.2326 0.2347 0.2751 -0.0216 -0.0323 -0.0229 482 GLU A C   
323 O O   . GLU A 51 ? 0.2571 0.2246 0.2442 -0.0077 -0.0399 -0.0234 482 GLU A O   
324 C CB  . GLU A 51 ? 0.3177 0.2221 0.3214 -0.0430 -0.0341 -0.0279 482 GLU A CB  
325 C CG  A GLU A 51 ? 0.3286 0.3151 0.4148 -0.0297 -0.0382 -0.0685 482 GLU A CG  
326 C CG  B GLU A 51 ? 0.3551 0.2807 0.3781 0.0016  -0.0135 -0.0626 482 GLU A CG  
327 C CD  A GLU A 51 ? 0.4229 0.3551 0.5273 -0.0693 -0.1171 -0.0931 482 GLU A CD  
328 O OE1 A GLU A 51 ? 0.4043 0.4669 0.5781 0.0349  -0.1745 -0.1318 482 GLU A OE1 
329 O OE2 A GLU A 51 ? 0.4272 0.3804 0.5912 -0.1351 -0.1027 -0.0553 482 GLU A OE2 
330 N N   . GLY A 52 ? 0.2217 0.2098 0.2446 -0.0142 -0.0285 -0.0093 483 GLY A N   
331 C CA  . GLY A 52 ? 0.2342 0.2063 0.2525 -0.0264 -0.0211 -0.0080 483 GLY A CA  
332 C C   . GLY A 52 ? 0.2142 0.1702 0.2074 -0.0209 0.0039  0.0193  483 GLY A C   
333 O O   . GLY A 52 ? 0.2352 0.1715 0.2141 -0.0215 -0.0106 0.0183  483 GLY A O   
334 N N   . TRP A 53 ? 0.2220 0.1948 0.2098 -0.0185 -0.0202 -0.0160 484 TRP A N   
335 C CA  . TRP A 53 ? 0.2189 0.2074 0.1896 -0.0164 -0.0274 -0.0022 484 TRP A CA  
336 C C   . TRP A 53 ? 0.2276 0.1951 0.1918 -0.0387 -0.0295 0.0147  484 TRP A C   
337 O O   . TRP A 53 ? 0.3082 0.2008 0.2124 -0.0485 -0.0249 0.0232  484 TRP A O   
338 C CB  . TRP A 53 ? 0.2313 0.2186 0.1970 -0.0185 -0.0248 0.0051  484 TRP A CB  
339 C CG  . TRP A 53 ? 0.2210 0.1994 0.1879 -0.0268 -0.0195 -0.0133 484 TRP A CG  
340 C CD1 . TRP A 53 ? 0.2323 0.2365 0.1971 -0.0379 -0.0040 -0.0386 484 TRP A CD1 
341 C CD2 . TRP A 53 ? 0.1977 0.1964 0.1637 0.0007  -0.0241 -0.0074 484 TRP A CD2 
342 N NE1 . TRP A 53 ? 0.2427 0.2486 0.1799 -0.0167 -0.0137 -0.0225 484 TRP A NE1 
343 C CE2 . TRP A 53 ? 0.2242 0.2023 0.1687 0.0161  -0.0160 -0.0067 484 TRP A CE2 
344 C CE3 . TRP A 53 ? 0.1950 0.2183 0.1979 -0.0070 -0.0466 0.0013  484 TRP A CE3 
345 C CZ2 . TRP A 53 ? 0.1997 0.1954 0.2143 0.0216  -0.0127 -0.0117 484 TRP A CZ2 
346 C CZ3 . TRP A 53 ? 0.2191 0.2404 0.1908 0.0018  -0.0306 0.0135  484 TRP A CZ3 
347 C CH2 . TRP A 53 ? 0.1677 0.2622 0.1952 0.0097  -0.0193 0.0096  484 TRP A CH2 
348 N N   . GLU A 54 ? 0.2364 0.1839 0.1779 -0.0413 -0.0172 0.0201  485 GLU A N   
349 C CA  . GLU A 54 ? 0.2530 0.1916 0.1876 -0.0275 -0.0305 0.0208  485 GLU A CA  
350 C C   . GLU A 54 ? 0.2358 0.1893 0.1832 -0.0032 -0.0191 0.0278  485 GLU A C   
351 O O   . GLU A 54 ? 0.2591 0.2472 0.1915 -0.0381 -0.0088 0.0518  485 GLU A O   
352 C CB  . GLU A 54 ? 0.2031 0.3421 0.2974 -0.0273 0.0088  -0.0282 485 GLU A CB  
353 C CG  . GLU A 54 ? 0.3460 0.4352 0.3611 0.0043  -0.0074 -0.0632 485 GLU A CG  
354 C CD  . GLU A 54 ? 0.2464 0.4907 0.4074 0.0178  -0.0396 -0.1033 485 GLU A CD  
355 O OE1 . GLU A 54 ? 0.4168 0.5305 0.1791 0.1653  0.0246  -0.0273 485 GLU A OE1 
356 O OE2 . GLU A 54 ? 0.5350 0.4699 0.3156 0.0133  -0.0532 -0.0485 485 GLU A OE2 
357 N N   . MET A 55 ? 0.2634 0.2046 0.1525 -0.0253 -0.0239 0.0234  486 MET A N   
358 C CA  . MET A 55 ? 0.2339 0.1899 0.1669 -0.0210 0.0060  0.0204  486 MET A CA  
359 C C   . MET A 55 ? 0.2416 0.2319 0.1738 -0.0159 0.0074  -0.0007 486 MET A C   
360 O O   . MET A 55 ? 0.2694 0.2641 0.1873 -0.0532 0.0206  -0.0078 486 MET A O   
361 C CB  . MET A 55 ? 0.2965 0.2182 0.2358 0.0104  -0.0272 0.0138  486 MET A CB  
362 C CG  A MET A 55 ? 0.3025 0.2524 0.2576 0.0099  -0.0400 -0.0084 486 MET A CG  
363 C CG  B MET A 55 ? 0.2903 0.2419 0.2469 0.0272  -0.0415 0.0025  486 MET A CG  
364 S SD  A MET A 55 ? 0.3676 0.2908 0.3754 0.0729  -0.0363 -0.0011 486 MET A SD  
365 S SD  B MET A 55 ? 0.3316 0.2764 0.3049 0.0637  -0.0308 0.0169  486 MET A SD  
366 C CE  A MET A 55 ? 0.4090 0.3347 0.3726 0.0462  -0.0301 -0.0305 486 MET A CE  
367 C CE  B MET A 55 ? 0.2458 0.3015 0.3257 0.0639  -0.0229 0.0284  486 MET A CE  
368 N N   . ARG A 56 ? 0.2098 0.2203 0.1208 0.0078  0.0193  -0.0146 487 ARG A N   
369 C CA  . ARG A 56 ? 0.1854 0.2085 0.1368 0.0073  0.0010  -0.0153 487 ARG A CA  
370 C C   . ARG A 56 ? 0.1868 0.2512 0.1249 0.0020  -0.0046 -0.0167 487 ARG A C   
371 O O   . ARG A 56 ? 0.2006 0.2564 0.1286 0.0290  -0.0080 -0.0254 487 ARG A O   
372 C CB  . ARG A 56 ? 0.2201 0.2135 0.1772 0.0179  -0.0199 -0.0093 487 ARG A CB  
373 C CG  . ARG A 56 ? 0.2373 0.3003 0.2274 -0.0281 -0.0364 -0.0248 487 ARG A CG  
374 C CD  . ARG A 56 ? 0.2491 0.3981 0.2980 -0.0414 0.0056  -0.0130 487 ARG A CD  
375 N NE  . ARG A 56 ? 0.2577 0.4553 0.4664 -0.0139 -0.0217 -0.0736 487 ARG A NE  
376 C CZ  . ARG A 56 ? 0.3624 0.5106 0.4848 0.0591  0.0215  -0.0299 487 ARG A CZ  
377 N NH1 . ARG A 56 ? 0.3553 0.5846 0.3016 0.0828  -0.0397 -0.0529 487 ARG A NH1 
378 N NH2 . ARG A 56 ? 0.4110 0.6088 0.4380 0.1087  -0.0340 -0.0910 487 ARG A NH2 
379 N N   . PHE A 57 ? 0.1690 0.2422 0.1421 -0.0077 0.0149  -0.0279 488 PHE A N   
380 C CA  . PHE A 57 ? 0.1729 0.2245 0.1446 -0.0088 -0.0019 -0.0050 488 PHE A CA  
381 C C   . PHE A 57 ? 0.1691 0.2239 0.1442 0.0155  -0.0089 -0.0087 488 PHE A C   
382 O O   . PHE A 57 ? 0.1649 0.2475 0.1504 0.0126  0.0021  -0.0145 488 PHE A O   
383 C CB  . PHE A 57 ? 0.2222 0.2361 0.1470 0.0273  0.0038  -0.0045 488 PHE A CB  
384 C CG  . PHE A 57 ? 0.3015 0.2286 0.1755 0.0344  0.0097  0.0349  488 PHE A CG  
385 C CD1 . PHE A 57 ? 0.3371 0.2197 0.3256 0.0106  0.0331  0.0209  488 PHE A CD1 
386 C CD2 . PHE A 57 ? 0.3465 0.3224 0.2543 0.0660  0.0422  0.0573  488 PHE A CD2 
387 C CE1 . PHE A 57 ? 0.4330 0.2072 0.4206 -0.0114 0.0005  0.0588  488 PHE A CE1 
388 C CE2 . PHE A 57 ? 0.5223 0.3315 0.2282 0.0561  0.0697  0.0352  488 PHE A CE2 
389 C CZ  . PHE A 57 ? 0.4912 0.3308 0.4552 0.0332  0.0250  0.0236  488 PHE A CZ  
390 N N   . THR A 58 ? 0.1744 0.2628 0.1151 0.0039  0.0013  -0.0096 489 THR A N   
391 C CA  . THR A 58 ? 0.1784 0.2687 0.1392 0.0002  -0.0078 0.0062  489 THR A CA  
392 C C   . THR A 58 ? 0.1771 0.2248 0.1565 -0.0061 0.0017  -0.0189 489 THR A C   
393 O O   . THR A 58 ? 0.1732 0.2625 0.1477 0.0008  -0.0040 -0.0095 489 THR A O   
394 C CB  . THR A 58 ? 0.1959 0.2700 0.1375 0.0005  0.0122  -0.0094 489 THR A CB  
395 O OG1 . THR A 58 ? 0.1960 0.3342 0.1408 -0.0024 -0.0052 -0.0128 489 THR A OG1 
396 C CG2 . THR A 58 ? 0.2342 0.2724 0.1425 -0.0028 0.0000  -0.0149 489 THR A CG2 
397 N N   . VAL A 59 ? 0.2068 0.2414 0.1215 -0.0149 0.0046  -0.0295 490 VAL A N   
398 C CA  . VAL A 59 ? 0.1881 0.2601 0.1113 -0.0197 0.0168  -0.0309 490 VAL A CA  
399 C C   . VAL A 59 ? 0.1924 0.2587 0.1801 -0.0153 0.0167  -0.0190 490 VAL A C   
400 O O   . VAL A 59 ? 0.1878 0.2804 0.1611 -0.0342 0.0118  -0.0325 490 VAL A O   
401 C CB  . VAL A 59 ? 0.2153 0.2682 0.1954 -0.0115 -0.0068 -0.0396 490 VAL A CB  
402 C CG1 . VAL A 59 ? 0.2871 0.2699 0.2469 -0.0727 0.0043  -0.0305 490 VAL A CG1 
403 C CG2 . VAL A 59 ? 0.2657 0.2383 0.1981 -0.0271 -0.0041 -0.0417 490 VAL A CG2 
404 N N   . ASP A 60 ? 0.1813 0.2928 0.1526 -0.0188 0.0078  -0.0144 491 ASP A N   
405 C CA  . ASP A 60 ? 0.1856 0.3259 0.1510 0.0026  0.0082  -0.0270 491 ASP A CA  
406 C C   . ASP A 60 ? 0.2158 0.3181 0.1614 0.0114  0.0017  -0.0517 491 ASP A C   
407 O O   . ASP A 60 ? 0.1974 0.4229 0.2152 0.0176  -0.0074 -0.0577 491 ASP A O   
408 C CB  . ASP A 60 ? 0.2204 0.3435 0.1983 -0.0008 0.0378  -0.0064 491 ASP A CB  
409 C CG  . ASP A 60 ? 0.2797 0.3442 0.2030 0.0052  0.0421  -0.0307 491 ASP A CG  
410 O OD1 . ASP A 60 ? 0.2557 0.4099 0.1873 -0.0398 -0.0079 -0.0200 491 ASP A OD1 
411 O OD2 . ASP A 60 ? 0.5144 0.4786 0.2204 -0.0409 -0.0121 0.0218  491 ASP A OD2 
412 N N   . GLY A 61 ? 0.2050 0.2923 0.1347 0.0232  -0.0094 -0.0373 492 GLY A N   
413 C CA  . GLY A 61 ? 0.1926 0.2922 0.1737 0.0329  -0.0221 -0.0579 492 GLY A CA  
414 C C   . GLY A 61 ? 0.2164 0.3040 0.1728 0.0418  -0.0057 -0.0457 492 GLY A C   
415 O O   . GLY A 61 ? 0.2761 0.3376 0.2001 0.0956  -0.0136 -0.0509 492 GLY A O   
416 N N   . ILE A 62 ? 0.1896 0.3002 0.1705 0.0365  -0.0069 -0.0451 493 ILE A N   
417 C CA  . ILE A 62 ? 0.2181 0.2797 0.1755 0.0284  -0.0161 -0.0577 493 ILE A CA  
418 C C   . ILE A 62 ? 0.2200 0.2453 0.1229 0.0483  -0.0249 -0.0242 493 ILE A C   
419 O O   . ILE A 62 ? 0.2023 0.2823 0.1412 0.0463  -0.0039 -0.0277 493 ILE A O   
420 C CB  . ILE A 62 ? 0.2414 0.3570 0.1656 0.0068  0.0043  -0.0445 493 ILE A CB  
421 C CG1 . ILE A 62 ? 0.2910 0.3967 0.2095 -0.0347 0.0206  -0.0547 493 ILE A CG1 
422 C CG2 . ILE A 62 ? 0.2285 0.3474 0.1749 0.0227  0.0118  -0.0406 493 ILE A CG2 
423 C CD1 . ILE A 62 ? 0.3845 0.4768 0.2799 0.0284  0.0218  -0.0305 493 ILE A CD1 
424 N N   . PRO A 63 ? 0.2109 0.2399 0.1548 0.0507  -0.0022 -0.0191 494 PRO A N   
425 C CA  . PRO A 63 ? 0.1992 0.2476 0.1527 0.0460  -0.0100 0.0017  494 PRO A CA  
426 C C   . PRO A 63 ? 0.2022 0.2498 0.1421 0.0333  -0.0125 -0.0119 494 PRO A C   
427 O O   . PRO A 63 ? 0.2074 0.2799 0.1475 0.0420  -0.0081 -0.0023 494 PRO A O   
428 C CB  . PRO A 63 ? 0.2741 0.2677 0.1774 0.0488  -0.0153 0.0006  494 PRO A CB  
429 C CG  . PRO A 63 ? 0.2756 0.3433 0.3764 0.0614  0.0156  -0.0342 494 PRO A CG  
430 C CD  . PRO A 63 ? 0.2425 0.3155 0.2048 0.1044  0.0159  -0.0384 494 PRO A CD  
431 N N   . TYR A 64 ? 0.1976 0.2466 0.1276 0.0415  -0.0005 -0.0342 495 TYR A N   
432 C CA  . TYR A 64 ? 0.1790 0.2092 0.1242 0.0228  0.0066  -0.0254 495 TYR A CA  
433 C C   . TYR A 64 ? 0.1866 0.2072 0.1499 0.0169  -0.0021 -0.0050 495 TYR A C   
434 O O   . TYR A 64 ? 0.2132 0.2050 0.1352 0.0127  0.0003  -0.0068 495 TYR A O   
435 C CB  . TYR A 64 ? 0.1904 0.2208 0.1407 0.0115  -0.0130 -0.0153 495 TYR A CB  
436 C CG  . TYR A 64 ? 0.1898 0.2023 0.1468 0.0087  0.0010  -0.0021 495 TYR A CG  
437 C CD1 . TYR A 64 ? 0.1798 0.2245 0.1538 0.0220  -0.0138 -0.0178 495 TYR A CD1 
438 C CD2 . TYR A 64 ? 0.1874 0.2412 0.1555 0.0155  0.0068  -0.0060 495 TYR A CD2 
439 C CE1 . TYR A 64 ? 0.1935 0.2163 0.1494 0.0374  -0.0064 -0.0070 495 TYR A CE1 
440 C CE2 . TYR A 64 ? 0.1639 0.2120 0.1430 0.0069  -0.0145 -0.0037 495 TYR A CE2 
441 C CZ  . TYR A 64 ? 0.1866 0.2137 0.1360 0.0252  -0.0011 0.0008  495 TYR A CZ  
442 O OH  . TYR A 64 ? 0.1819 0.2092 0.2029 0.0376  0.0042  0.0072  495 TYR A OH  
443 N N   . PHE A 65 ? 0.1905 0.1811 0.1378 -0.0024 -0.0022 0.0047  496 PHE A N   
444 C CA  . PHE A 65 ? 0.1800 0.1646 0.1665 0.0155  -0.0015 0.0021  496 PHE A CA  
445 C C   . PHE A 65 ? 0.1622 0.1936 0.1626 0.0258  0.0190  0.0092  496 PHE A C   
446 O O   . PHE A 65 ? 0.1729 0.2339 0.1732 -0.0182 0.0005  0.0296  496 PHE A O   
447 C CB  . PHE A 65 ? 0.1934 0.1910 0.1721 0.0131  -0.0217 -0.0230 496 PHE A CB  
448 C CG  . PHE A 65 ? 0.2179 0.1998 0.1783 0.0338  -0.0225 -0.0272 496 PHE A CG  
449 C CD1 . PHE A 65 ? 0.2314 0.2186 0.2170 0.0280  -0.0376 -0.0020 496 PHE A CD1 
450 C CD2 . PHE A 65 ? 0.2245 0.2090 0.2064 0.0442  -0.0256 -0.0273 496 PHE A CD2 
451 C CE1 . PHE A 65 ? 0.2607 0.2349 0.2627 0.0474  -0.0208 0.0440  496 PHE A CE1 
452 C CE2 . PHE A 65 ? 0.2062 0.2381 0.2540 0.0339  -0.0552 -0.0218 496 PHE A CE2 
453 C CZ  . PHE A 65 ? 0.2669 0.2262 0.2265 0.0502  -0.0627 -0.0162 496 PHE A CZ  
454 N N   . VAL A 66 ? 0.1661 0.2100 0.1400 -0.0050 0.0086  0.0098  497 VAL A N   
455 C CA  . VAL A 66 ? 0.1715 0.1724 0.1532 0.0016  0.0077  0.0113  497 VAL A CA  
456 C C   . VAL A 66 ? 0.2001 0.1927 0.1423 -0.0008 0.0082  0.0092  497 VAL A C   
457 O O   . VAL A 66 ? 0.2076 0.2077 0.1538 -0.0108 -0.0171 0.0156  497 VAL A O   
458 C CB  . VAL A 66 ? 0.1819 0.1981 0.1545 -0.0024 0.0177  0.0048  497 VAL A CB  
459 C CG1 . VAL A 66 ? 0.1781 0.2781 0.1906 0.0178  0.0167  -0.0212 497 VAL A CG1 
460 C CG2 . VAL A 66 ? 0.2208 0.2319 0.1712 -0.0036 0.0090  -0.0081 497 VAL A CG2 
461 N N   . ASP A 67 ? 0.1720 0.1753 0.1504 -0.0305 -0.0053 0.0153  498 ASP A N   
462 C CA  . ASP A 67 ? 0.1561 0.1648 0.1737 -0.0220 -0.0037 -0.0054 498 ASP A CA  
463 C C   . ASP A 67 ? 0.1698 0.1710 0.1580 -0.0136 0.0071  -0.0258 498 ASP A C   
464 O O   . ASP A 67 ? 0.1623 0.2065 0.1699 -0.0014 -0.0199 0.0070  498 ASP A O   
465 C CB  . ASP A 67 ? 0.1552 0.1891 0.1697 -0.0085 -0.0029 0.0069  498 ASP A CB  
466 C CG  . ASP A 67 ? 0.1647 0.2180 0.1725 0.0024  -0.0025 -0.0083 498 ASP A CG  
467 O OD1 . ASP A 67 ? 0.1704 0.2683 0.1615 -0.0251 -0.0077 -0.0188 498 ASP A OD1 
468 O OD2 . ASP A 67 ? 0.1949 0.2251 0.1701 0.0130  -0.0007 0.0079  498 ASP A OD2 
469 N N   . HIS A 68 ? 0.1913 0.1885 0.1316 -0.0028 0.0097  0.0186  499 HIS A N   
470 C CA  . HIS A 68 ? 0.1811 0.2235 0.1595 -0.0055 0.0173  0.0068  499 HIS A CA  
471 C C   . HIS A 68 ? 0.1984 0.2247 0.1823 -0.0138 0.0014  -0.0198 499 HIS A C   
472 O O   . HIS A 68 ? 0.2042 0.3003 0.2251 0.0011  -0.0154 0.0145  499 HIS A O   
473 C CB  . HIS A 68 ? 0.1740 0.2306 0.1708 -0.0128 0.0122  0.0119  499 HIS A CB  
474 C CG  . HIS A 68 ? 0.1769 0.2349 0.1575 0.0062  0.0361  -0.0053 499 HIS A CG  
475 N ND1 . HIS A 68 ? 0.2126 0.2552 0.1994 0.0155  0.0246  -0.0157 499 HIS A ND1 
476 C CD2 . HIS A 68 ? 0.3218 0.2364 0.1940 0.0197  -0.0081 -0.0044 499 HIS A CD2 
477 C CE1 . HIS A 68 ? 0.2766 0.2509 0.1808 0.0090  0.0209  -0.0232 499 HIS A CE1 
478 N NE2 . HIS A 68 ? 0.3504 0.2785 0.1725 0.0329  0.0312  -0.0171 499 HIS A NE2 
479 N N   . ASN A 69 ? 0.1656 0.2056 0.1789 0.0093  -0.0308 -0.0045 500 ASN A N   
480 C CA  . ASN A 69 ? 0.1350 0.2384 0.1902 -0.0338 -0.0472 0.0044  500 ASN A CA  
481 C C   . ASN A 69 ? 0.1597 0.2473 0.2021 -0.0148 -0.0175 0.0031  500 ASN A C   
482 O O   . ASN A 69 ? 0.1720 0.2858 0.2065 -0.0192 -0.0219 0.0403  500 ASN A O   
483 C CB  . ASN A 69 ? 0.2054 0.2363 0.1825 -0.0408 -0.0315 0.0088  500 ASN A CB  
484 C CG  . ASN A 69 ? 0.2527 0.2055 0.2134 -0.0301 -0.0188 -0.0083 500 ASN A CG  
485 O OD1 . ASN A 69 ? 0.2802 0.2783 0.3212 -0.0948 -0.0254 0.0079  500 ASN A OD1 
486 N ND2 . ASN A 69 ? 0.2469 0.2429 0.2587 -0.0291 -0.0150 -0.0156 500 ASN A ND2 
487 N N   . ARG A 70 ? 0.1451 0.2272 0.1622 -0.0083 -0.0194 0.0095  501 ARG A N   
488 C CA  . ARG A 70 ? 0.1644 0.2087 0.1612 -0.0014 -0.0181 -0.0013 501 ARG A CA  
489 C C   . ARG A 70 ? 0.1534 0.1993 0.1680 -0.0032 -0.0054 0.0079  501 ARG A C   
490 O O   . ARG A 70 ? 0.1688 0.2235 0.1487 0.0064  -0.0158 0.0189  501 ARG A O   
491 C CB  . ARG A 70 ? 0.1656 0.2160 0.1760 -0.0052 -0.0064 -0.0141 501 ARG A CB  
492 C CG  . ARG A 70 ? 0.1897 0.2078 0.1773 -0.0030 -0.0139 -0.0056 501 ARG A CG  
493 C CD  . ARG A 70 ? 0.1980 0.1934 0.1435 0.0104  -0.0023 -0.0047 501 ARG A CD  
494 N NE  . ARG A 70 ? 0.1739 0.2414 0.1836 -0.0010 -0.0142 0.0158  501 ARG A NE  
495 C CZ  . ARG A 70 ? 0.1815 0.1941 0.1733 -0.0026 -0.0115 -0.0025 501 ARG A CZ  
496 N NH1 . ARG A 70 ? 0.1854 0.2597 0.1829 -0.0122 -0.0189 0.0356  501 ARG A NH1 
497 N NH2 . ARG A 70 ? 0.1752 0.2553 0.1753 -0.0043 -0.0180 0.0119  501 ARG A NH2 
498 N N   . ARG A 71 ? 0.1463 0.2184 0.1581 0.0021  0.0046  0.0098  502 ARG A N   
499 C CA  . ARG A 71 ? 0.1568 0.2049 0.1701 0.0108  0.0244  0.0088  502 ARG A CA  
500 C C   . ARG A 71 ? 0.1781 0.2008 0.1092 0.0138  0.0370  -0.0059 502 ARG A C   
501 O O   . ARG A 71 ? 0.1626 0.2067 0.1562 -0.0224 -0.0088 0.0072  502 ARG A O   
502 C CB  . ARG A 71 ? 0.1757 0.2303 0.1653 0.0254  -0.0009 0.0066  502 ARG A CB  
503 C CG  . ARG A 71 ? 0.1863 0.2700 0.1815 0.0035  -0.0123 0.0025  502 ARG A CG  
504 C CD  . ARG A 71 ? 0.1676 0.3034 0.2348 0.0135  -0.0119 -0.0114 502 ARG A CD  
505 N NE  . ARG A 71 ? 0.1673 0.3821 0.2368 -0.0076 0.0084  -0.0218 502 ARG A NE  
506 C CZ  . ARG A 71 ? 0.1714 0.3652 0.2321 -0.0371 0.0172  0.0114  502 ARG A CZ  
507 N NH1 . ARG A 71 ? 0.2236 0.4087 0.1920 -0.0398 -0.0256 0.0042  502 ARG A NH1 
508 N NH2 . ARG A 71 ? 0.1725 0.4920 0.3269 -0.0731 0.0010  0.0600  502 ARG A NH2 
509 N N   . THR A 72 ? 0.1733 0.1664 0.1813 -0.0317 -0.0169 0.0264  503 THR A N   
510 C CA  . THR A 72 ? 0.1334 0.1578 0.1490 -0.0013 0.0384  0.0176  503 THR A CA  
511 C C   . THR A 72 ? 0.1482 0.1709 0.1529 -0.0127 0.0060  -0.0052 503 THR A C   
512 O O   . THR A 72 ? 0.1550 0.1836 0.1479 -0.0156 -0.0111 0.0043  503 THR A O   
513 C CB  . THR A 72 ? 0.1236 0.1909 0.1440 0.0163  0.0083  0.0136  503 THR A CB  
514 O OG1 . THR A 72 ? 0.1428 0.2053 0.1498 -0.0084 -0.0009 0.0286  503 THR A OG1 
515 C CG2 . THR A 72 ? 0.1325 0.1840 0.1554 -0.0150 -0.0019 0.0034  503 THR A CG2 
516 N N   . THR A 73 ? 0.1375 0.1824 0.1453 -0.0063 -0.0040 0.0125  504 THR A N   
517 C CA  . THR A 73 ? 0.1282 0.1985 0.1652 0.0052  -0.0239 -0.0130 504 THR A CA  
518 C C   . THR A 73 ? 0.1355 0.1923 0.1583 0.0007  -0.0203 0.0080  504 THR A C   
519 O O   . THR A 73 ? 0.1624 0.1897 0.1601 -0.0044 -0.0231 0.0151  504 THR A O   
520 C CB  . THR A 73 ? 0.1276 0.2000 0.1667 0.0088  0.0028  -0.0110 504 THR A CB  
521 O OG1 . THR A 73 ? 0.1697 0.1960 0.1812 -0.0174 -0.0066 -0.0048 504 THR A OG1 
522 C CG2 . THR A 73 ? 0.1313 0.2314 0.1479 0.0203  -0.0006 -0.0205 504 THR A CG2 
523 N N   . THR A 74 ? 0.1312 0.2071 0.1221 0.0088  -0.0004 0.0129  505 THR A N   
524 C CA  . THR A 74 ? 0.1353 0.2024 0.1470 0.0167  -0.0038 0.0015  505 THR A CA  
525 C C   . THR A 74 ? 0.1492 0.2414 0.1240 0.0057  -0.0067 0.0149  505 THR A C   
526 O O   . THR A 74 ? 0.1690 0.2211 0.1317 0.0134  -0.0089 0.0091  505 THR A O   
527 C CB  . THR A 74 ? 0.1578 0.2284 0.1431 0.0143  0.0029  -0.0109 505 THR A CB  
528 O OG1 . THR A 74 ? 0.1608 0.2424 0.1361 0.0289  0.0119  -0.0070 505 THR A OG1 
529 C CG2 . THR A 74 ? 0.1585 0.2237 0.1529 0.0283  -0.0061 -0.0179 505 THR A CG2 
530 N N   . TYR A 75 ? 0.1604 0.2144 0.1510 0.0096  -0.0014 -0.0010 506 TYR A N   
531 C CA  . TYR A 75 ? 0.1541 0.2364 0.1586 0.0288  0.0074  0.0064  506 TYR A CA  
532 C C   . TYR A 75 ? 0.1833 0.2456 0.1657 0.0431  -0.0099 -0.0077 506 TYR A C   
533 O O   . TYR A 75 ? 0.2054 0.2957 0.1990 0.0628  -0.0067 0.0038  506 TYR A O   
534 C CB  . TYR A 75 ? 0.1841 0.2378 0.1915 0.0082  0.0090  0.0156  506 TYR A CB  
535 C CG  . TYR A 75 ? 0.1554 0.2670 0.1689 0.0019  -0.0241 0.0074  506 TYR A CG  
536 C CD1 . TYR A 75 ? 0.1850 0.2842 0.1649 -0.0159 -0.0012 -0.0045 506 TYR A CD1 
537 C CD2 . TYR A 75 ? 0.1764 0.2851 0.1733 0.0011  -0.0071 0.0200  506 TYR A CD2 
538 C CE1 . TYR A 75 ? 0.1917 0.2783 0.2101 -0.0059 0.0027  -0.0290 506 TYR A CE1 
539 C CE2 . TYR A 75 ? 0.1799 0.2939 0.2290 -0.0013 0.0247  -0.0027 506 TYR A CE2 
540 C CZ  . TYR A 75 ? 0.1723 0.2802 0.2161 -0.0120 0.0109  -0.0305 506 TYR A CZ  
541 O OH  . TYR A 75 ? 0.2500 0.3403 0.2483 -0.0186 0.0152  -0.0751 506 TYR A OH  
542 N N   . ILE A 76 ? 0.1791 0.2525 0.1684 0.0740  -0.0080 -0.0230 507 ILE A N   
543 C CA  . ILE A 76 ? 0.2155 0.2545 0.1764 0.0659  -0.0247 -0.0237 507 ILE A CA  
544 C C   . ILE A 76 ? 0.2287 0.2296 0.2260 0.0598  -0.0364 -0.0331 507 ILE A C   
545 O O   . ILE A 76 ? 0.2309 0.3018 0.2106 0.0976  -0.0446 -0.0439 507 ILE A O   
546 C CB  . ILE A 76 ? 0.2852 0.2796 0.1710 0.0785  0.0021  -0.0343 507 ILE A CB  
547 C CG1 . ILE A 76 ? 0.2460 0.3953 0.1791 0.0756  0.0206  0.0293  507 ILE A CG1 
548 C CG2 . ILE A 76 ? 0.3148 0.3324 0.2033 0.1136  0.0003  -0.0536 507 ILE A CG2 
549 C CD1 . ILE A 76 ? 0.2757 0.4088 0.2515 0.0454  0.0005  -0.0001 507 ILE A CD1 
550 N N   . ASP A 77 ? 0.2136 0.2475 0.2265 0.0781  -0.0454 -0.0337 508 ASP A N   
551 C CA  . ASP A 77 ? 0.2337 0.2816 0.2328 0.0684  -0.0304 -0.0478 508 ASP A CA  
552 C C   . ASP A 77 ? 0.2601 0.3477 0.2328 0.0524  -0.0250 -0.0693 508 ASP A C   
553 O O   . ASP A 77 ? 0.2934 0.3719 0.2302 0.1120  -0.0377 -0.0477 508 ASP A O   
554 C CB  . ASP A 77 ? 0.2808 0.2899 0.2159 0.0679  -0.0406 -0.0329 508 ASP A CB  
555 C CG  . ASP A 77 ? 0.2662 0.2770 0.2710 0.0531  -0.0671 -0.0253 508 ASP A CG  
556 O OD1 . ASP A 77 ? 0.2816 0.3161 0.2930 0.0731  -0.0791 -0.0718 508 ASP A OD1 
557 O OD2 . ASP A 77 ? 0.3823 0.3033 0.3028 0.0505  -0.1325 -0.0101 508 ASP A OD2 
558 N N   . PRO A 78 ? 0.2759 0.2952 0.2249 0.0662  -0.0526 -0.0746 509 PRO A N   
559 C CA  . PRO A 78 ? 0.3138 0.3380 0.2104 0.0691  -0.0557 -0.0761 509 PRO A CA  
560 C C   . PRO A 78 ? 0.3900 0.3129 0.2349 0.0605  -0.0391 -0.0713 509 PRO A C   
561 O O   . PRO A 78 ? 0.4633 0.3804 0.2408 0.1189  -0.0688 -0.0929 509 PRO A O   
562 C CB  . PRO A 78 ? 0.3035 0.2891 0.2744 0.0377  -0.0685 -0.0603 509 PRO A CB  
563 C CG  . PRO A 78 ? 0.2322 0.2654 0.2884 0.0576  -0.0247 -0.0772 509 PRO A CG  
564 C CD  . PRO A 78 ? 0.2254 0.3006 0.2840 0.0408  -0.0270 -0.0438 509 PRO A CD  
565 N N   . ARG A 79 ? 0.3681 0.2713 0.2676 0.0794  -0.0755 -0.0723 510 ARG A N   
566 C CA  . ARG A 79 ? 0.3632 0.2538 0.3147 0.0297  -0.0498 -0.0855 510 ARG A CA  
567 C C   . ARG A 79 ? 0.3946 0.3246 0.2959 0.0608  -0.0232 -0.1166 510 ARG A C   
568 O O   . ARG A 79 ? 0.4440 0.3669 0.5099 0.1148  -0.0573 -0.1844 510 ARG A O   
569 C CB  . ARG A 79 ? 0.3945 0.2947 0.3458 0.0319  -0.0520 -0.0296 510 ARG A CB  
570 C CG  . ARG A 79 ? 0.3919 0.2705 0.3399 0.0513  -0.0523 -0.0111 510 ARG A CG  
571 C CD  . ARG A 79 ? 0.3637 0.2825 0.3556 0.0418  -0.0310 -0.0394 510 ARG A CD  
572 N NE  . ARG A 79 ? 0.3418 0.2953 0.3532 0.0448  -0.0640 -0.0331 510 ARG A NE  
573 C CZ  . ARG A 79 ? 0.4835 0.4209 0.3731 -0.0609 -0.0422 -0.0348 510 ARG A CZ  
574 N NH1 . ARG A 79 ? 0.5508 0.4463 0.3261 -0.1338 -0.0947 -0.0495 510 ARG A NH1 
575 N NH2 . ARG A 79 ? 0.4917 0.4943 0.2879 -0.1109 -0.0674 -0.0159 510 ARG A NH2 
576 N N   . THR A 80 ? 0.3225 0.3641 0.3574 0.0859  -0.0455 -0.1189 511 THR A N   
577 C CA  . THR A 80 ? 0.3610 0.4307 0.3727 0.0982  0.0273  -0.0946 511 THR A CA  
578 C C   . THR A 80 ? 0.4200 0.3674 0.3482 0.1117  0.0328  -0.0981 511 THR A C   
579 O O   . THR A 80 ? 0.5154 0.4796 0.4750 0.2084  0.0871  -0.1760 511 THR A O   
580 C CB  . THR A 80 ? 0.3738 0.4102 0.4056 0.1337  -0.0204 -0.0830 511 THR A CB  
581 O OG1 . THR A 80 ? 0.3395 0.4298 0.3691 0.1391  -0.0364 -0.0936 511 THR A OG1 
582 C CG2 . THR A 80 ? 0.3985 0.4334 0.4666 0.1617  -0.0276 -0.0215 511 THR A CG2 
583 N N   . GLY A 81 ? 0.3739 0.4005 0.2741 0.1118  0.0140  -0.0718 512 GLY A N   
584 C CA  . GLY A 81 ? 0.3682 0.4106 0.2214 0.1023  0.0481  -0.1332 512 GLY A CA  
585 C C   . GLY A 81 ? 0.3703 0.3571 0.3718 0.0879  0.0076  -0.1190 512 GLY A C   
586 O O   . GLY A 81 ? 0.3223 0.4885 0.4579 0.0979  0.0753  -0.0931 512 GLY A O   
587 N N   . LYS A 82 ? 0.3113 0.4534 0.3537 0.0928  0.0395  -0.0875 513 LYS A N   
588 C CA  . LYS A 82 ? 0.3003 0.3725 0.4242 0.1081  0.0398  -0.1138 513 LYS A CA  
589 C C   . LYS A 82 ? 0.2455 0.3366 0.3286 0.0896  0.0133  -0.0666 513 LYS A C   
590 O O   . LYS A 82 ? 0.2534 0.3428 0.3081 0.0979  -0.0128 -0.0081 513 LYS A O   
591 C CB  . LYS A 82 ? 0.3804 0.4866 0.5165 0.1618  -0.0345 -0.1061 513 LYS A CB  
592 N N   . SER A 83 ? 0.2563 0.3743 0.4066 0.0686  -0.0025 -0.0273 514 SER A N   
593 C CA  . SER A 83 ? 0.2254 0.3958 0.4292 0.0766  -0.0386 -0.0173 514 SER A CA  
594 C C   . SER A 83 ? 0.2941 0.4284 0.3248 0.0734  0.0391  -0.0669 514 SER A C   
595 O O   . SER A 83 ? 0.3486 0.5412 0.2925 0.1309  0.0249  0.0114  514 SER A O   
596 C CB  . SER A 83 ? 0.3914 0.4408 0.4743 -0.0042 -0.0302 -0.0015 514 SER A CB  
597 O OG  . SER A 83 ? 0.2773 0.4623 0.5859 0.0963  -0.0772 -0.0173 514 SER A OG  
598 N N   . ALA A 84 ? 0.3311 0.5272 0.3263 0.0141  0.0782  -0.0323 515 ALA A N   
599 C CA  . ALA A 84 ? 0.3089 0.5437 0.2663 0.0598  0.0336  0.0650  515 ALA A CA  
600 C C   . ALA A 84 ? 0.3256 0.5719 0.2662 0.0505  -0.0136 0.1702  515 ALA A C   
601 O O   . ALA A 84 ? 0.4932 0.6134 0.3180 0.0922  -0.1750 0.0738  515 ALA A O   
602 C CB  . ALA A 84 ? 0.4086 0.4273 0.2638 0.0498  0.1729  -0.0319 515 ALA A CB  
603 N N   . LEU A 85 ? 0.4254 0.4951 0.2887 -0.0095 -0.0518 0.1120  516 LEU A N   
604 C CA  . LEU A 85 ? 0.3600 0.5381 0.3682 0.0428  -0.0764 0.0287  516 LEU A CA  
605 C C   . LEU A 85 ? 0.3223 0.6073 0.5457 0.0363  -0.1231 -0.0406 516 LEU A C   
606 O O   . LEU A 85 ? 0.3351 0.5564 0.8003 0.0803  -0.1741 -0.1723 516 LEU A O   
607 C CB  . LEU A 85 ? 0.3254 0.5007 0.4613 0.0566  -0.0273 0.0296  516 LEU A CB  
608 C CG  . LEU A 85 ? 0.2372 0.4672 0.4583 -0.0001 -0.0393 0.0292  516 LEU A CG  
609 C CD1 . LEU A 85 ? 0.3114 0.4670 0.4984 0.0031  -0.0078 0.0559  516 LEU A CD1 
610 C CD2 . LEU A 85 ? 0.2902 0.5984 0.3552 0.0168  0.0334  0.0883  516 LEU A CD2 
611 N N   . ASP A 86 ? 0.4110 0.6041 0.6798 0.1968  -0.0087 -0.0407 517 ASP A N   
612 C CA  . ASP A 86 ? 0.4214 0.7101 0.7230 0.2045  0.0872  0.0099  517 ASP A CA  
613 C C   . ASP A 86 ? 0.6957 0.7616 0.7635 0.1196  -0.0143 0.0706  517 ASP A C   
614 O O   . ASP A 86 ? 1.0305 0.8943 0.7876 -0.0626 -0.0378 0.0088  517 ASP A O   
615 C CB  . ASP A 86 ? 0.4597 0.7672 0.7374 0.2273  0.0788  -0.0083 517 ASP A CB  
616 C CG  . ASP A 86 ? 0.5102 0.9520 0.5644 0.2410  0.2243  0.0502  517 ASP A CG  
617 C C   . ACE B 1  ? 0.8175 0.5595 0.5439 -0.1102 -0.0277 -0.0069 326 ACE B C   
618 O O   . ACE B 1  ? 0.5523 0.7520 0.5689 -0.1053 -0.0007 -0.0086 326 ACE B O   
619 C CH3 . ACE B 1  ? 0.9337 0.7252 0.5182 -0.1087 -0.0392 0.1329  326 ACE B CH3 
620 N N   . THR B 2  ? 0.8040 0.3140 0.4889 -0.1007 -0.0275 0.1504  327 THR B N   
621 C CA  . THR B 2  ? 0.6203 0.4514 0.3800 -0.1294 0.0982  0.1788  327 THR B CA  
622 C C   . THR B 2  ? 0.5381 0.3301 0.2865 -0.1428 0.0181  0.0939  327 THR B C   
623 O O   . THR B 2  ? 0.6011 0.3625 0.2989 -0.1622 0.0061  0.0272  327 THR B O   
624 C CB  . THR B 2  ? 0.7050 0.5526 0.6865 -0.0884 -0.0205 0.0069  327 THR B CB  
625 O OG1 . THR B 2  ? 0.8444 0.5635 0.6507 -0.2239 -0.0013 0.1802  327 THR B OG1 
626 C CG2 . THR B 2  ? 0.6177 0.6317 0.7683 -0.1437 -0.0482 0.0191  327 THR B CG2 
627 N N   . PRO B 3  ? 0.4602 0.3338 0.2962 -0.1576 0.0246  0.0612  328 PRO B N   
628 C CA  . PRO B 3  ? 0.3685 0.3343 0.2603 -0.1476 0.0194  0.0398  328 PRO B CA  
629 C C   . PRO B 3  ? 0.3804 0.2776 0.2654 -0.1462 -0.0047 0.0347  328 PRO B C   
630 O O   . PRO B 3  ? 0.5165 0.3508 0.2499 -0.2292 0.0040  0.0175  328 PRO B O   
631 C CB  . PRO B 3  ? 0.3522 0.3790 0.2686 -0.1297 -0.0265 0.0216  328 PRO B CB  
632 C CG  . PRO B 3  ? 0.4411 0.4555 0.3520 -0.0709 0.0428  0.0502  328 PRO B CG  
633 C CD  . PRO B 3  ? 0.4891 0.4411 0.4328 -0.1040 0.0824  0.0497  328 PRO B CD  
634 N N   . GLU B 4  ? 0.3361 0.2713 0.2107 -0.1197 -0.0415 0.0533  329 GLU B N   
635 C CA  . GLU B 4  ? 0.3430 0.2517 0.2384 -0.0735 -0.0297 0.0542  329 GLU B CA  
636 C C   . GLU B 4  ? 0.2776 0.2429 0.2311 -0.0440 -0.0023 0.0436  329 GLU B C   
637 O O   . GLU B 4  ? 0.2709 0.2580 0.2204 -0.0551 -0.0349 0.0509  329 GLU B O   
638 C CB  . GLU B 4  ? 0.4540 0.2369 0.3091 -0.0157 0.0129  0.1492  329 GLU B CB  
639 C CG  . GLU B 4  ? 0.5464 0.4683 0.3992 0.0072  0.0451  0.0847  329 GLU B CG  
640 C CD  . GLU B 4  ? 0.7540 0.4460 0.4830 0.1523  0.0472  0.0477  329 GLU B CD  
641 O OE1 . GLU B 4  ? 0.9921 0.5722 0.5168 0.2055  -0.0702 0.0433  329 GLU B OE1 
642 O OE2 . GLU B 4  ? 1.0526 0.4827 0.5437 -0.0061 0.1724  -0.0823 329 GLU B OE2 
643 N N   . ALA B 5  ? 0.3068 0.2090 0.2344 -0.0560 -0.0103 0.0480  330 ALA B N   
644 C CA  . ALA B 5  ? 0.2434 0.2200 0.2168 -0.0257 -0.0042 0.0514  330 ALA B CA  
645 C C   . ALA B 5  ? 0.2468 0.1946 0.2321 -0.0176 -0.0183 0.0358  330 ALA B C   
646 O O   . ALA B 5  ? 0.2459 0.2176 0.2717 -0.0040 0.0025  0.0469  330 ALA B O   
647 C CB  . ALA B 5  ? 0.2840 0.2085 0.2251 -0.0214 -0.0154 0.0252  330 ALA B CB  
648 N N   . PRO B 6  ? 0.2018 0.2070 0.2093 -0.0137 -0.0170 0.0387  331 PRO B N   
649 C CA  . PRO B 6  ? 0.2146 0.1990 0.2394 -0.0011 0.0058  0.0351  331 PRO B CA  
650 C C   . PRO B 6  ? 0.2020 0.1888 0.2204 -0.0118 -0.0149 0.0371  331 PRO B C   
651 O O   . PRO B 6  ? 0.1956 0.2303 0.2215 0.0190  -0.0161 0.0171  331 PRO B O   
652 C CB  . PRO B 6  ? 0.2073 0.1872 0.2045 0.0030  -0.0279 0.0494  331 PRO B CB  
653 C CG  . PRO B 6  ? 0.1844 0.2393 0.1972 -0.0055 -0.0202 0.0307  331 PRO B CG  
654 C CD  . PRO B 6  ? 0.1947 0.2092 0.1894 0.0051  -0.0127 0.0428  331 PRO B CD  
655 N N   . PRO B 7  ? 0.2144 0.2852 0.2484 0.0151  -0.0184 0.0017  332 PRO B N   
656 C CA  . PRO B 7  ? 0.2287 0.2600 0.2551 0.0026  -0.0183 0.0133  332 PRO B CA  
657 C C   . PRO B 7  ? 0.2055 0.2259 0.2517 0.0054  -0.0015 0.0109  332 PRO B C   
658 O O   . PRO B 7  ? 0.2793 0.2319 0.2908 -0.0111 0.0370  0.0211  332 PRO B O   
659 C CB  . PRO B 7  ? 0.2472 0.3160 0.3315 0.0689  -0.0003 0.0179  332 PRO B CB  
660 C CG  . PRO B 7  ? 0.2098 0.4292 0.3584 0.0585  -0.0371 -0.0076 332 PRO B CG  
661 C CD  . PRO B 7  ? 0.2006 0.3208 0.3168 -0.0068 -0.0365 -0.0118 332 PRO B CD  
662 N N   . CYS B 8  ? 0.2364 0.2082 0.2687 0.0037  -0.0056 0.0146  333 CYS B N   
663 C CA  A CYS B 8  ? 0.2428 0.2538 0.2689 0.0200  0.0318  0.0489  333 CYS B CA  
664 C CA  B CYS B 8  ? 0.2397 0.2541 0.2648 0.0112  0.0226  0.0444  333 CYS B CA  
665 C C   . CYS B 8  ? 0.2357 0.2491 0.3202 0.0210  0.0262  0.0526  333 CYS B C   
666 O O   . CYS B 8  ? 0.2924 0.2993 0.4759 0.0651  0.1354  0.0969  333 CYS B O   
667 C CB  A CYS B 8  ? 0.3364 0.2778 0.3235 0.0220  -0.0119 0.0290  333 CYS B CB  
668 C CB  B CYS B 8  ? 0.2778 0.2949 0.2870 -0.0322 0.0187  0.0447  333 CYS B CB  
669 S SG  A CYS B 8  ? 0.3791 0.2759 0.3749 0.0121  0.0098  -0.0330 333 CYS B SG  
670 S SG  B CYS B 8  ? 0.3455 0.3990 0.2692 -0.0630 0.0084  0.0761  333 CYS B SG  
671 N N   . TYR B 9  ? 0.2137 0.2228 0.2338 0.0114  0.0438  0.0211  334 TYR B N   
672 C CA  . TYR B 9  ? 0.2031 0.2445 0.2851 0.0081  0.0593  -0.0088 334 TYR B CA  
673 C C   . TYR B 9  ? 0.3327 0.2258 0.3023 0.0190  0.1199  0.0167  334 TYR B C   
674 O O   . TYR B 9  ? 0.3670 0.4412 0.4697 0.0400  0.1961  0.0502  334 TYR B O   
675 C CB  . TYR B 9  ? 0.1592 0.2602 0.1899 -0.0157 -0.0096 0.0071  334 TYR B CB  
676 C CG  . TYR B 9  ? 0.2074 0.2649 0.2044 -0.0384 0.0089  -0.0101 334 TYR B CG  
677 C CD1 . TYR B 9  ? 0.2338 0.2329 0.1977 -0.0410 0.0117  -0.0021 334 TYR B CD1 
678 C CD2 . TYR B 9  ? 0.1823 0.2461 0.1943 -0.0323 -0.0211 -0.0083 334 TYR B CD2 
679 C CE1 . TYR B 9  ? 0.1858 0.2737 0.1546 -0.0361 -0.0204 0.0238  334 TYR B CE1 
680 C CE2 . TYR B 9  ? 0.2188 0.2635 0.1950 -0.0544 0.0057  -0.0200 334 TYR B CE2 
681 C CZ  . TYR B 9  ? 0.2117 0.2469 0.1602 -0.0479 -0.0103 0.0053  334 TYR B CZ  
682 O OH  . TYR B 9  ? 0.2131 0.2684 0.1685 -0.0441 0.0044  0.0116  334 TYR B OH  
683 N N   . MET B 10 ? 0.5172 0.3380 0.3069 -0.0397 0.1175  -0.0496 335 MET B N   
684 C CA  . MET B 10 ? 0.5073 0.4560 0.3864 0.0327  0.1530  -0.1012 335 MET B CA  
685 C C   . MET B 10 ? 0.4821 0.5407 0.7283 0.1354  0.4078  -0.0982 335 MET B C   
686 O O   . MET B 10 ? 0.6745 0.4773 0.7731 0.0122  0.5439  -0.2352 335 MET B O   
687 C CB  A MET B 10 ? 0.5660 0.4547 0.4442 -0.0500 0.0741  -0.0256 335 MET B CB  
688 C CB  B MET B 10 ? 0.5057 0.4426 0.4633 -0.0263 0.1057  -0.0422 335 MET B CB  
689 C CG  A MET B 10 ? 0.6326 0.4636 0.4408 0.0211  0.0689  -0.0450 335 MET B CG  
690 S SD  A MET B 10 ? 0.7243 0.5889 0.2915 -0.0175 0.1547  -0.0457 335 MET B SD  
691 C CE  A MET B 10 ? 0.6580 0.5380 0.2897 0.0150  0.1951  0.0398  335 MET B CE  
692 N N   . ASP B 11 ? 0.7655 0.4181 0.6481 -0.0004 0.3592  -0.1192 336 ASP B N   
693 C CA  . ASP B 11 ? 0.7399 0.6531 0.8906 0.0987  0.1211  -0.0318 336 ASP B CA  
694 C C   . ASP B 11 ? 0.7994 0.6527 0.8869 0.0628  0.0916  -0.1788 336 ASP B C   
695 O O   . ASP B 11 ? 0.4688 1.1029 0.9983 0.0373  0.1153  -0.0188 336 ASP B O   
696 C CB  . ASP B 11 ? 0.7912 0.4362 0.9805 0.1698  0.1666  0.0262  336 ASP B CB  
697 C CG  . ASP B 11 ? 0.8898 0.4486 0.8714 0.1724  0.0845  0.0476  336 ASP B CG  
698 O OD1 . ASP B 11 ? 1.0718 0.5512 0.6935 -0.0325 0.0467  -0.1628 336 ASP B OD1 
699 O OD2 . ASP B 11 ? 1.0808 0.7195 0.9117 0.2770  0.4612  -0.0176 336 ASP B OD2 
700 N N   . VAL B 12 ? 0.7737 0.5184 0.9320 0.0131  -0.0009 -0.1336 337 VAL B N   
701 C CA  . VAL B 12 ? 0.5343 0.3535 0.9007 0.0414  0.1224  0.0264  337 VAL B CA  
702 C C   . VAL B 12 ? 0.5708 0.5375 0.7482 0.0997  0.1330  0.0197  337 VAL B C   
703 O O   . VAL B 12 ? 0.5805 0.5816 0.8930 0.2172  0.3229  0.1065  337 VAL B O   
704 C CB  . VAL B 12 ? 0.5198 0.6036 0.4519 -0.2204 -0.0877 0.0767  337 VAL B CB  
705 N N   . ILE B 13 ? 0.6024 0.4954 0.6208 -0.0496 0.1609  -0.0002 338 ILE B N   
706 C CA  . ILE B 13 ? 0.6811 0.4448 0.5385 -0.0650 0.1386  -0.0626 338 ILE B CA  
707 C C   . ILE B 13 ? 0.6671 0.6018 0.5011 -0.0650 0.0990  0.0802  338 ILE B C   
708 O O   . ILE B 13 ? 0.7236 0.4816 0.9499 -0.0551 0.1907  -0.1219 338 ILE B O   
709 C CB  . ILE B 13 ? 0.6004 0.4827 0.5605 0.0097  0.0968  -0.0729 338 ILE B CB  
710 C CG1 . ILE B 13 ? 0.6880 0.4714 0.4568 0.0731  0.2006  -0.1162 338 ILE B CG1 
711 C CG2 . ILE B 13 ? 0.6286 0.4327 0.4848 0.0425  -0.0104 -0.0638 338 ILE B CG2 
712 C CD1 . ILE B 13 ? 0.6635 0.4600 0.3946 0.0912  0.0713  -0.0604 338 ILE B CD1 
713 N N   . NH2 B 14 ? 0.5483 0.9638 0.8535 -0.0766 0.1067  0.1196  339 NH2 B N   
714 C CA  . THR C 2  ? 0.9445 0.3195 1.1364 -0.0481 -0.0641 -0.2541 327 THR C CA  
715 C C   . THR C 2  ? 0.5773 0.5155 0.8879 -0.2618 0.0427  -0.1628 327 THR C C   
716 O O   . THR C 2  ? 0.5102 0.4791 1.3087 -0.1582 0.3504  -0.2049 327 THR C O   
717 N N   . PRO C 3  ? 0.6475 0.6703 0.4825 -0.1442 0.1242  -0.1242 328 PRO C N   
718 C CA  . PRO C 3  ? 0.4543 0.7204 0.4551 -0.2393 0.2293  -0.0331 328 PRO C CA  
719 C C   . PRO C 3  ? 0.5963 0.6767 0.2505 -0.1329 0.0191  0.0465  328 PRO C C   
720 O O   . PRO C 3  ? 0.6431 0.7291 0.4237 -0.3324 -0.2965 0.1290  328 PRO C O   
721 C CB  . PRO C 3  ? 0.6212 0.6909 0.6076 -0.0858 -0.0190 0.0018  328 PRO C CB  
722 C CG  . PRO C 3  ? 0.4555 0.9195 0.7272 -0.1049 0.0880  0.0178  328 PRO C CG  
723 C CD  . PRO C 3  ? 0.5122 0.8489 0.7137 -0.0764 0.0869  -0.0663 328 PRO C CD  
724 N N   . GLU C 4  ? 0.3121 0.4224 0.2390 -0.1054 0.0535  -0.0042 329 GLU C N   
725 C CA  . GLU C 4  ? 0.2519 0.3737 0.2425 -0.0601 0.0314  -0.0060 329 GLU C CA  
726 C C   . GLU C 4  ? 0.2457 0.2900 0.2071 -0.0419 -0.0033 0.0144  329 GLU C C   
727 O O   . GLU C 4  ? 0.2344 0.3082 0.2107 -0.0322 -0.0048 0.0206  329 GLU C O   
728 C CB  . GLU C 4  ? 0.2846 0.3942 0.2383 -0.0617 0.0501  -0.0263 329 GLU C CB  
729 C CG  . GLU C 4  ? 0.3133 0.4566 0.3140 -0.0908 0.0803  -0.0456 329 GLU C CG  
730 C CD  . GLU C 4  ? 0.3073 0.4222 0.3051 -0.0723 0.0718  -0.0030 329 GLU C CD  
731 O OE1 . GLU C 4  ? 0.3674 0.4147 0.3609 -0.0628 0.0231  0.0429  329 GLU C OE1 
732 O OE2 . GLU C 4  ? 0.2976 0.4176 0.2986 -0.0770 0.0141  -0.0762 329 GLU C OE2 
733 N N   . ALA C 5  ? 0.2650 0.3229 0.2356 -0.0439 -0.0004 -0.0223 330 ALA C N   
734 C CA  . ALA C 5  ? 0.2466 0.3587 0.2014 -0.0072 0.0167  -0.0002 330 ALA C CA  
735 C C   . ALA C 5  ? 0.2389 0.2638 0.2065 -0.0197 0.0340  -0.0107 330 ALA C C   
736 O O   . ALA C 5  ? 0.2365 0.2745 0.2379 -0.0322 0.0066  -0.0140 330 ALA C O   
737 C CB  . ALA C 5  ? 0.3439 0.4199 0.2476 0.0564  0.0294  0.0228  330 ALA C CB  
738 N N   . PRO C 6  ? 0.1836 0.2790 0.1844 -0.0127 -0.0088 -0.0290 331 PRO C N   
739 C CA  . PRO C 6  ? 0.2059 0.2531 0.1881 -0.0145 -0.0052 -0.0114 331 PRO C CA  
740 C C   . PRO C 6  ? 0.2335 0.2204 0.1914 -0.0179 -0.0038 -0.0175 331 PRO C C   
741 O O   . PRO C 6  ? 0.2212 0.2330 0.1898 -0.0245 0.0152  -0.0027 331 PRO C O   
742 C CB  . PRO C 6  ? 0.2122 0.2380 0.2677 0.0043  -0.0018 -0.0371 331 PRO C CB  
743 C CG  . PRO C 6  ? 0.2057 0.2982 0.2890 -0.0083 -0.0090 -0.0586 331 PRO C CG  
744 C CD  . PRO C 6  ? 0.2478 0.2468 0.2281 0.0057  -0.0424 -0.0380 331 PRO C CD  
745 N N   . PRO C 7  ? 0.2258 0.2254 0.1791 -0.0086 -0.0110 -0.0393 332 PRO C N   
746 C CA  . PRO C 7  ? 0.2298 0.2442 0.1805 0.0041  -0.0048 -0.0313 332 PRO C CA  
747 C C   . PRO C 7  ? 0.2015 0.2378 0.1951 -0.0201 0.0192  -0.0266 332 PRO C C   
748 O O   . PRO C 7  ? 0.2121 0.2375 0.1726 -0.0212 0.0084  -0.0221 332 PRO C O   
749 C CB  . PRO C 7  ? 0.2069 0.3027 0.1890 -0.0103 0.0083  -0.0341 332 PRO C CB  
750 C CG  . PRO C 7  ? 0.2334 0.3118 0.2197 -0.0098 -0.0242 -0.0243 332 PRO C CG  
751 C CD  . PRO C 7  ? 0.2271 0.2982 0.2008 -0.0155 -0.0195 0.0018  332 PRO C CD  
752 N N   . CYS C 8  ? 0.2099 0.2516 0.1959 -0.0201 -0.0201 -0.0250 333 CYS C N   
753 C CA  A CYS C 8  ? 0.1998 0.2571 0.2265 -0.0240 -0.0303 -0.0146 333 CYS C CA  
754 C CA  B CYS C 8  ? 0.1825 0.2460 0.2229 0.0043  -0.0129 -0.0237 333 CYS C CA  
755 C C   . CYS C 8  ? 0.2089 0.2465 0.2080 -0.0084 -0.0130 -0.0146 333 CYS C C   
756 O O   . CYS C 8  ? 0.2245 0.2408 0.2040 0.0192  -0.0078 -0.0380 333 CYS C O   
757 C CB  A CYS C 8  ? 0.2593 0.2825 0.3767 -0.0521 -0.0317 0.0647  333 CYS C CB  
758 C CB  B CYS C 8  ? 0.2348 0.2567 0.2234 0.0262  0.0075  -0.0241 333 CYS C CB  
759 S SG  A CYS C 8  ? 0.2931 0.3325 0.4562 -0.0365 -0.0550 0.0445  333 CYS C SG  
760 S SG  B CYS C 8  ? 0.3076 0.2649 0.3390 0.0020  0.0421  -0.0363 333 CYS C SG  
761 N N   . TYR C 9  ? 0.1773 0.2346 0.1715 -0.0008 0.0122  -0.0204 334 TYR C N   
762 C CA  . TYR C 9  ? 0.1823 0.1943 0.1816 0.0152  0.0049  -0.0009 334 TYR C CA  
763 C C   . TYR C 9  ? 0.1771 0.2161 0.1966 0.0185  -0.0123 -0.0079 334 TYR C C   
764 O O   . TYR C 9  ? 0.2006 0.2881 0.1911 0.0202  0.0242  -0.0116 334 TYR C O   
765 C CB  . TYR C 9  ? 0.1785 0.2158 0.1876 0.0130  -0.0016 -0.0036 334 TYR C CB  
766 C CG  . TYR C 9  ? 0.1821 0.2109 0.1538 0.0005  -0.0023 -0.0326 334 TYR C CG  
767 C CD1 . TYR C 9  ? 0.2026 0.2194 0.1728 -0.0108 0.0180  -0.0237 334 TYR C CD1 
768 C CD2 . TYR C 9  ? 0.1854 0.2447 0.2040 -0.0030 0.0269  -0.0392 334 TYR C CD2 
769 C CE1 . TYR C 9  ? 0.2013 0.2327 0.1672 -0.0026 0.0230  0.0065  334 TYR C CE1 
770 C CE2 . TYR C 9  ? 0.1770 0.2614 0.2231 -0.0205 -0.0044 -0.0054 334 TYR C CE2 
771 C CZ  . TYR C 9  ? 0.1900 0.2594 0.1759 -0.0024 0.0261  -0.0190 334 TYR C CZ  
772 O OH  . TYR C 9  ? 0.2191 0.2508 0.2338 -0.0184 0.0260  0.0103  334 TYR C OH  
773 N N   . MET C 10 ? 0.2166 0.2129 0.2114 0.0315  0.0061  -0.0046 335 MET C N   
774 C CA  A MET C 10 ? 0.2588 0.3081 0.2575 0.0705  0.0155  -0.0357 335 MET C CA  
775 C CA  B MET C 10 ? 0.2592 0.2957 0.2634 0.0724  0.0081  -0.0385 335 MET C CA  
776 C C   . MET C 10 ? 0.2233 0.3599 0.2629 0.0435  0.0114  -0.0435 335 MET C C   
777 O O   . MET C 10 ? 0.2492 0.4742 0.3385 0.0815  0.0153  -0.1097 335 MET C O   
778 C CB  A MET C 10 ? 0.3481 0.2838 0.2709 0.0558  -0.0077 -0.0232 335 MET C CB  
779 C CB  B MET C 10 ? 0.3533 0.3200 0.2689 0.0574  -0.0224 -0.0107 335 MET C CB  
780 C CG  A MET C 10 ? 0.3825 0.3279 0.2704 0.0538  -0.0403 -0.0034 335 MET C CG  
781 C CG  B MET C 10 ? 0.3883 0.3567 0.3122 0.0354  -0.0204 0.0203  335 MET C CG  
782 S SD  A MET C 10 ? 0.3300 0.4806 0.3478 0.0612  -0.0440 -0.0251 335 MET C SD  
783 S SD  B MET C 10 ? 0.5952 0.3559 0.4211 0.0354  0.0184  0.0639  335 MET C SD  
784 C CE  A MET C 10 ? 0.3750 0.3774 0.4029 0.0116  -0.0213 -0.0386 335 MET C CE  
785 C CE  B MET C 10 ? 0.4999 0.5070 0.4647 0.0304  0.0530  -0.0179 335 MET C CE  
786 N N   . ASP C 11 ? 0.2308 0.2570 0.2180 0.0710  0.0073  -0.0416 336 ASP C N   
787 C CA  . ASP C 11 ? 0.2754 0.2672 0.2305 0.0520  -0.0081 -0.0468 336 ASP C CA  
788 C C   . ASP C 11 ? 0.2970 0.3283 0.2051 0.0700  0.0222  -0.0361 336 ASP C C   
789 O O   . ASP C 11 ? 0.4479 0.4852 0.1968 0.1106  0.0523  -0.0344 336 ASP C O   
790 C CB  . ASP C 11 ? 0.2907 0.2865 0.2702 0.0235  0.0011  -0.0355 336 ASP C CB  
791 C CG  . ASP C 11 ? 0.3456 0.2626 0.3361 0.0174  -0.0371 -0.0463 336 ASP C CG  
792 O OD1 . ASP C 11 ? 0.4086 0.2902 0.5396 0.0659  -0.0571 -0.0325 336 ASP C OD1 
793 O OD2 . ASP C 11 ? 0.3963 0.2540 0.4611 -0.0108 0.0133  0.0250  336 ASP C OD2 
794 N N   . VAL C 12 ? 0.2908 0.3081 0.1937 0.0315  0.0335  -0.0182 337 VAL C N   
795 C CA  . VAL C 12 ? 0.2878 0.3250 0.2765 -0.0250 -0.0153 0.0277  337 VAL C CA  
796 C C   . VAL C 12 ? 0.3009 0.2920 0.2026 -0.0184 0.0115  -0.0016 337 VAL C C   
797 O O   . VAL C 12 ? 0.3505 0.4268 0.2161 -0.0225 0.0588  0.0244  337 VAL C O   
798 C CB  . VAL C 12 ? 0.3792 0.3244 0.3424 0.0003  -0.0048 -0.0318 337 VAL C CB  
799 C CG1 . VAL C 12 ? 0.3379 0.3564 0.4780 -0.0117 0.0048  0.0617  337 VAL C CG1 
800 C CG2 . VAL C 12 ? 0.5136 0.3165 0.2733 0.0867  0.0066  -0.0060 337 VAL C CG2 
801 N N   . ILE C 13 ? 0.3245 0.3075 0.2251 0.0006  -0.0195 0.0245  338 ILE C N   
802 C CA  . ILE C 13 ? 0.3526 0.3796 0.2518 -0.0269 0.0158  -0.0022 338 ILE C CA  
803 C C   . ILE C 13 ? 0.4458 0.4284 0.5106 0.0555  0.0195  0.0722  338 ILE C C   
804 O O   . ILE C 13 ? 0.6752 0.6448 0.5387 0.2321  0.0853  0.1747  338 ILE C O   
805 C CB  . ILE C 13 ? 0.4325 0.3914 0.2583 -0.0292 0.0036  -0.0202 338 ILE C CB  
806 C CG1 . ILE C 13 ? 0.4461 0.3836 0.3488 -0.0279 0.0254  -0.0258 338 ILE C CG1 
807 C CG2 . ILE C 13 ? 0.4410 0.4888 0.3577 -0.0544 0.0107  0.0593  338 ILE C CG2 
808 C CD1 . ILE C 13 ? 0.4071 0.4344 0.3808 -0.0061 -0.0180 -0.0280 338 ILE C CD1 
809 N N   . NH2 C 14 ? 0.3774 0.6254 0.5397 0.0212  -0.0352 0.1278  339 NH2 C N   
810 X UNK . UNX D .  ? 0.1054 0.1090 0.0899 -0.0286 0.0205  -0.0063 601 UNX A UNK 
811 X UNK . UNX E .  ? 0.2829 0.2696 0.2319 -0.0004 0.0164  0.0135  602 UNX A UNK 
812 X UNK . UNX F .  ? 0.8694 0.5026 0.8887 0.4360  0.5731  0.0954  603 UNX A UNK 
813 X UNK . UNX G .  ? 1.0384 0.2062 0.2454 0.0294  0.0535  -0.0089 604 UNX A UNK 
814 X UNK . UNX H .  ? 0.7113 0.3319 0.4881 0.2582  -0.1357 -0.0919 605 UNX A UNK 
815 X UNK . UNX I .  ? 0.3810 0.4055 0.6004 0.0132  -0.0485 -0.2723 606 UNX A UNK 
816 X UNK . UNX J .  ? 0.7700 0.4467 0.5831 0.1797  0.2337  0.1107  607 UNX A UNK 
817 X UNK . UNX K .  ? 0.3891 0.3723 0.3685 -0.0372 0.0179  -0.1244 608 UNX A UNK 
818 X UNK . UNX L .  ? 0.5947 0.4203 0.7145 0.1427  -0.4053 -0.2004 609 UNX A UNK 
819 X UNK . UNX M .  ? 0.2344 0.2965 0.1567 -0.0089 -0.0391 -0.0183 610 UNX A UNK 
820 X UNK . UNX N .  ? 0.3197 0.4754 0.1979 -0.0624 -0.0224 0.0962  611 UNX A UNK 
821 X UNK . UNX O .  ? 0.4579 0.4722 0.2926 0.2012  -0.0870 -0.1712 612 UNX A UNK 
822 X UNK . UNX P .  ? 0.4025 0.6189 0.2575 -0.1337 -0.0090 -0.0760 613 UNX A UNK 
823 X UNK . UNX Q .  ? 0.3792 0.6319 0.2951 0.1289  0.0287  0.1023  614 UNX A UNK 
824 X UNK . UNX R .  ? 0.1479 0.1186 0.3407 -0.0210 0.0849  -0.0655 615 UNX A UNK 
825 X UNK . UNX S .  ? 0.3405 0.2301 0.9298 0.1141  0.1955  0.2084  401 UNX B UNK 
826 X UNK . UNX T .  ? 0.4972 0.2553 0.2064 -0.0074 0.0370  0.0452  401 UNX C UNK 
827 X UNK . UNX U .  ? 0.3428 0.6857 0.5275 -0.1398 0.1033  -0.2667 402 UNX C UNK 
828 O O   . HOH V .  ? 0.6331 0.3498 0.2557 -0.2050 0.1020  0.0081  701 HOH A O   
829 O O   . HOH V .  ? 0.2931 0.6470 0.8324 0.0735  -0.0578 -0.1385 702 HOH A O   
830 O O   . HOH V .  ? 0.9010 0.3285 0.2605 -0.1169 -0.0060 -0.0424 703 HOH A O   
831 O O   . HOH V .  ? 0.6730 0.3843 0.3657 0.1367  0.0336  0.0156  704 HOH A O   
832 O O   . HOH V .  ? 0.4209 0.4047 0.2117 -0.1401 0.0428  -0.0184 705 HOH A O   
833 O O   . HOH V .  ? 0.5868 0.5420 0.4510 0.0735  -0.1467 -0.0254 706 HOH A O   
834 O O   . HOH V .  ? 0.1777 0.1937 0.2249 -0.0061 0.0077  0.0146  707 HOH A O   
835 O O   . HOH V .  ? 0.3138 0.3043 0.2181 0.0695  0.0016  -0.0209 708 HOH A O   
836 O O   . HOH V .  ? 0.2367 0.3044 0.1722 0.0284  0.0029  -0.0459 709 HOH A O   
837 O O   . HOH V .  ? 0.1922 0.1950 0.2080 -0.0082 -0.0047 -0.0120 710 HOH A O   
838 O O   . HOH V .  ? 0.3794 0.4029 0.4218 0.1030  0.0336  -0.0599 711 HOH A O   
839 O O   . HOH V .  ? 0.3645 0.2756 0.2853 0.0119  -0.0514 -0.0556 712 HOH A O   
840 O O   . HOH V .  ? 0.4356 0.3012 0.3228 0.0012  -0.0720 -0.0667 713 HOH A O   
841 O O   . HOH V .  ? 0.3751 0.6060 0.6805 0.2189  0.0670  0.1274  714 HOH A O   
842 O O   . HOH V .  ? 0.6379 0.3340 0.3904 -0.1489 -0.1064 0.1331  715 HOH A O   
843 O O   . HOH V .  ? 0.4068 0.2927 0.2503 -0.0097 -0.0247 -0.0548 716 HOH A O   
844 O O   . HOH V .  ? 0.6567 0.4385 0.2953 -0.0080 -0.0680 -0.0024 717 HOH A O   
845 O O   . HOH V .  ? 0.1958 0.2308 0.1537 0.0088  0.0019  -0.0241 718 HOH A O   
846 O O   . HOH V .  ? 0.2821 0.3685 0.3026 -0.0486 -0.0088 0.1615  719 HOH A O   
847 O O   . HOH V .  ? 0.3549 0.7643 0.3662 -0.1479 0.0449  -0.0456 720 HOH A O   
848 O O   . HOH V .  ? 0.1551 0.2538 0.1630 0.0134  -0.0040 -0.0047 721 HOH A O   
849 O O   . HOH V .  ? 0.1793 0.4808 0.4165 -0.0447 -0.0322 0.0958  722 HOH A O   
850 O O   . HOH V .  ? 0.1808 0.2701 0.1831 -0.0371 -0.0260 0.0155  723 HOH A O   
851 O O   . HOH V .  ? 0.7981 0.4424 0.3879 0.0164  0.1373  0.1277  724 HOH A O   
852 O O   . HOH V .  ? 0.2601 0.3538 0.2532 0.0568  -0.0620 -0.0879 725 HOH A O   
853 O O   . HOH V .  ? 0.6013 0.6275 0.7966 0.0795  -0.0274 0.1513  726 HOH A O   
854 O O   . HOH V .  ? 0.3603 0.2901 0.3431 0.0399  -0.0661 -0.1419 727 HOH A O   
855 O O   . HOH V .  ? 0.2816 0.4726 0.1686 -0.0550 0.0107  -0.0451 728 HOH A O   
856 O O   . HOH V .  ? 0.4469 0.3149 0.2122 -0.0399 -0.0429 -0.0605 729 HOH A O   
857 O O   . HOH V .  ? 0.5071 0.5135 0.4040 0.1386  -0.0171 -0.1163 730 HOH A O   
858 O O   . HOH V .  ? 0.4419 0.2571 0.2897 -0.0359 -0.0294 0.0825  731 HOH A O   
859 O O   . HOH V .  ? 0.5754 0.6187 0.5383 -0.0493 -0.1084 -0.0133 732 HOH A O   
860 O O   . HOH V .  ? 0.4885 0.5666 0.8207 0.0361  0.1742  0.2551  733 HOH A O   
861 O O   . HOH V .  ? 0.3126 0.3478 0.4402 0.0571  0.0068  -0.0014 734 HOH A O   
862 O O   . HOH V .  ? 0.8109 0.6189 0.3053 0.0118  0.1195  -0.0937 735 HOH A O   
863 O O   . HOH V .  ? 0.3002 0.5491 0.3158 -0.1413 0.0451  0.0518  736 HOH A O   
864 O O   . HOH V .  ? 0.2206 0.3227 0.1286 -0.0648 -0.0143 0.0203  737 HOH A O   
865 O O   . HOH V .  ? 0.2413 0.5214 0.1925 0.1797  -0.0470 -0.0645 738 HOH A O   
866 O O   . HOH V .  ? 0.3160 0.4951 0.4154 0.0407  0.0072  0.1826  739 HOH A O   
867 O O   . HOH V .  ? 0.4051 0.3463 0.3036 -0.0500 0.0136  -0.1013 740 HOH A O   
868 O O   . HOH V .  ? 0.4791 0.8222 0.3805 -0.1232 -0.0335 -0.0901 741 HOH A O   
869 O O   . HOH V .  ? 0.6243 0.4541 0.5833 -0.0227 -0.0290 0.2094  742 HOH A O   
870 O O   . HOH V .  ? 0.5989 0.2626 0.3981 -0.0861 0.0944  -0.0259 743 HOH A O   
871 O O   . HOH V .  ? 0.2949 0.4450 0.5726 -0.0950 -0.1984 0.0956  744 HOH A O   
872 O O   . HOH W .  ? 0.1688 0.1938 0.2104 0.0051  -0.0011 0.0094  501 HOH B O   
873 O O   . HOH W .  ? 0.4399 0.4584 0.5539 0.1158  0.0725  -0.0492 502 HOH B O   
874 O O   A HOH W .  ? 0.2740 0.3937 0.2153 0.0842  -0.0051 0.0310  503 HOH B O   
875 O O   . HOH W .  ? 0.2038 0.2008 0.2267 0.0167  -0.0012 0.0158  504 HOH B O   
876 O O   . HOH W .  ? 0.2448 0.3271 0.1999 -0.0471 -0.0074 0.0377  505 HOH B O   
877 O O   . HOH W .  ? 0.6414 0.3525 0.3085 -0.1482 -0.0658 0.0088  506 HOH B O   
878 O O   . HOH W .  ? 0.7036 0.2544 0.5015 -0.0063 -0.1190 -0.0420 507 HOH B O   
879 O O   . HOH W .  ? 0.4670 0.4121 0.4575 0.1065  -0.0629 0.0374  508 HOH B O   
880 O O   . HOH X .  ? 0.3027 0.3294 0.4465 -0.0327 -0.0585 -0.1082 501 HOH C O   
881 O O   . HOH X .  ? 0.2910 0.6802 0.3512 -0.0153 -0.0184 0.1057  502 HOH C O   
882 O O   . HOH X .  ? 0.5377 0.3505 0.3174 0.0986  -0.2186 -0.1101 503 HOH C O   
# 
